data_1LPJ
# 
_entry.id   1LPJ 
# 
_audit_conform.dict_name       mmcif_pdbx.dic 
_audit_conform.dict_version    5.376 
_audit_conform.dict_location   http://mmcif.pdb.org/dictionaries/ascii/mmcif_pdbx.dic 
# 
loop_
_database_2.database_id 
_database_2.database_code 
_database_2.pdbx_database_accession 
_database_2.pdbx_DOI 
PDB   1LPJ         pdb_00001lpj 10.2210/pdb1lpj/pdb 
RCSB  RCSB016161   ?            ?                   
WWPDB D_1000016161 ?            ?                   
# 
loop_
_pdbx_database_related.db_name 
_pdbx_database_related.db_id 
_pdbx_database_related.details 
_pdbx_database_related.content_type 
PDB 1CRB 'Cellular Retinol Binding Protein (Crbp) Complexed With All-Trans Retinol' unspecified 
PDB 1OPA 'Cellular Retinol Binding Protein II (Apo Form) (Apo-Crbpii)'              unspecified 
PDB 1OPB 'Cellular Retinol Binding Protein II (Holo Form) (Holo-Crbpii)'            unspecified 
PDB 1GGL 'Human Cellular Retinol Binding Protein III'                               unspecified 
# 
_pdbx_database_status.status_code                     REL 
_pdbx_database_status.entry_id                        1LPJ 
_pdbx_database_status.recvd_initial_deposition_date   2002-05-08 
_pdbx_database_status.deposit_site                    RCSB 
_pdbx_database_status.process_site                    RCSB 
_pdbx_database_status.SG_entry                        . 
_pdbx_database_status.pdb_format_compatible           Y 
_pdbx_database_status.status_code_mr                  ? 
_pdbx_database_status.status_code_sf                  ? 
_pdbx_database_status.status_code_cs                  ? 
_pdbx_database_status.status_code_nmr_data            ? 
_pdbx_database_status.methods_development_category    ? 
# 
loop_
_audit_author.name 
_audit_author.pdbx_ordinal 
'Calderone, V.' 1 
'Zanotti, G.'   2 
'Berni, R.'     3 
'Folli, C.'     4 
# 
loop_
_citation.id 
_citation.title 
_citation.journal_abbrev 
_citation.journal_volume 
_citation.page_first 
_citation.page_last 
_citation.year 
_citation.journal_id_ASTM 
_citation.country 
_citation.journal_id_ISSN 
_citation.journal_id_CSD 
_citation.book_publisher 
_citation.pdbx_database_id_PubMed 
_citation.pdbx_database_id_DOI 
primary 'Ligand binding and structural analysis of a human putative cellular retinol-binding protein' J.Biol.Chem.           277 
41970 41977 2002 JBCHA3 US 0021-9258 0071 ? 12177003 10.1074/jbc.M207124200 
1       
;Crystallographic studies on a family of cellular lipophilic transport   
proteins. Refinement of P2 myelin protein and the structure determination and refinement of cellular retinol-binding   
protein in complex with all-trans-retinol.
;
J.Mol.Biol.            230 1225  1246  1993 JMOBAK UK 0022-2836 0070 ? ?        10.1006/jmbi.1993.1238 
2       'Crystal structures of holo and apo-cellular retinol-binding protein II' J.Mol.Biol.            230 1247  1255  1993 
JMOBAK UK 0022-2836 0070 ? ?        10.1006/jmbi.1993.1239 
3       
;Identification, Retinoid   
Binding and X-Ray Analysis of a Human Retinol-Binding Protein
;
Proc.Natl.Acad.Sci.USA 98  3710  3758  2001 PNASA6 US 0027-8424 0040 ? ?        10.1073/pnas.061455898 
# 
loop_
_citation_author.citation_id 
_citation_author.name 
_citation_author.ordinal 
_citation_author.identifier_ORCID 
primary 'Folli, C.'      1  ? 
primary 'Calderone, V.'  2  ? 
primary 'Ramazzina, I.'  3  ? 
primary 'Zanotti, G.'    4  ? 
primary 'Berni, R.'      5  ? 
1       'Cowan, S.W.'    6  ? 
1       'Newcomer, M.E.' 7  ? 
1       'Jones, T.A.'    8  ? 
2       'Winter, N.S.'   9  ? 
2       'Bratt, J.M.'    10 ? 
2       'Banaszak, L.J.' 11 ? 
3       'Folli, C.'      12 ? 
3       'Calderone, V.'  13 ? 
3       'Ottonello, S.'  14 ? 
3       'Bolchi, A.'     15 ? 
3       'Zanotti, G.'    16 ? 
3       'Stoppini, M.'   17 ? 
3       'Berni, R.'      18 ? 
# 
_cell.entry_id           1LPJ 
_cell.length_a           34.053 
_cell.length_b           57.186 
_cell.length_c           67.939 
_cell.angle_alpha        90.00 
_cell.angle_beta         104.03 
_cell.angle_gamma        90.00 
_cell.Z_PDB              4 
_cell.pdbx_unique_axis   ? 
# 
_symmetry.entry_id                         1LPJ 
_symmetry.space_group_name_H-M             'C 1 2 1' 
_symmetry.pdbx_full_space_group_name_H-M   ? 
_symmetry.cell_setting                     ? 
_symmetry.Int_Tables_number                5 
# 
loop_
_entity.id 
_entity.type 
_entity.src_method 
_entity.pdbx_description 
_entity.formula_weight 
_entity.pdbx_number_of_molecules 
_entity.pdbx_ec 
_entity.pdbx_mutation 
_entity.pdbx_fragment 
_entity.details 
1 polymer man 'Retinol-binding protein IV, cellular' 15427.511 1   ? ? ? ? 
2 water   nat water                                  18.015    150 ? ? ? ? 
# 
_entity_name_com.entity_id   1 
_entity_name_com.name        'CRBP-IV, Retinoid binding protein 7' 
# 
_entity_poly.entity_id                      1 
_entity_poly.type                           'polypeptide(L)' 
_entity_poly.nstd_linkage                   no 
_entity_poly.nstd_monomer                   no 
_entity_poly.pdbx_seq_one_letter_code       
;PADLSGTWTLLSSDNFEGYMLALGIDFATRKIAKLLKPQKVIEQNGDSFTIHTNSSLRNYFVKFKVGEEFDEDNRGLDNR
KCKSLVIWDNDRLTCIQKGEKKNRGWTHWIEGDKLHLEMFCEGQVCKQTFQRA
;
_entity_poly.pdbx_seq_one_letter_code_can   
;PADLSGTWTLLSSDNFEGYMLALGIDFATRKIAKLLKPQKVIEQNGDSFTIHTNSSLRNYFVKFKVGEEFDEDNRGLDNR
KCKSLVIWDNDRLTCIQKGEKKNRGWTHWIEGDKLHLEMFCEGQVCKQTFQRA
;
_entity_poly.pdbx_strand_id                 A 
_entity_poly.pdbx_target_identifier         ? 
# 
loop_
_entity_poly_seq.entity_id 
_entity_poly_seq.num 
_entity_poly_seq.mon_id 
_entity_poly_seq.hetero 
1 1   PRO n 
1 2   ALA n 
1 3   ASP n 
1 4   LEU n 
1 5   SER n 
1 6   GLY n 
1 7   THR n 
1 8   TRP n 
1 9   THR n 
1 10  LEU n 
1 11  LEU n 
1 12  SER n 
1 13  SER n 
1 14  ASP n 
1 15  ASN n 
1 16  PHE n 
1 17  GLU n 
1 18  GLY n 
1 19  TYR n 
1 20  MET n 
1 21  LEU n 
1 22  ALA n 
1 23  LEU n 
1 24  GLY n 
1 25  ILE n 
1 26  ASP n 
1 27  PHE n 
1 28  ALA n 
1 29  THR n 
1 30  ARG n 
1 31  LYS n 
1 32  ILE n 
1 33  ALA n 
1 34  LYS n 
1 35  LEU n 
1 36  LEU n 
1 37  LYS n 
1 38  PRO n 
1 39  GLN n 
1 40  LYS n 
1 41  VAL n 
1 42  ILE n 
1 43  GLU n 
1 44  GLN n 
1 45  ASN n 
1 46  GLY n 
1 47  ASP n 
1 48  SER n 
1 49  PHE n 
1 50  THR n 
1 51  ILE n 
1 52  HIS n 
1 53  THR n 
1 54  ASN n 
1 55  SER n 
1 56  SER n 
1 57  LEU n 
1 58  ARG n 
1 59  ASN n 
1 60  TYR n 
1 61  PHE n 
1 62  VAL n 
1 63  LYS n 
1 64  PHE n 
1 65  LYS n 
1 66  VAL n 
1 67  GLY n 
1 68  GLU n 
1 69  GLU n 
1 70  PHE n 
1 71  ASP n 
1 72  GLU n 
1 73  ASP n 
1 74  ASN n 
1 75  ARG n 
1 76  GLY n 
1 77  LEU n 
1 78  ASP n 
1 79  ASN n 
1 80  ARG n 
1 81  LYS n 
1 82  CYS n 
1 83  LYS n 
1 84  SER n 
1 85  LEU n 
1 86  VAL n 
1 87  ILE n 
1 88  TRP n 
1 89  ASP n 
1 90  ASN n 
1 91  ASP n 
1 92  ARG n 
1 93  LEU n 
1 94  THR n 
1 95  CYS n 
1 96  ILE n 
1 97  GLN n 
1 98  LYS n 
1 99  GLY n 
1 100 GLU n 
1 101 LYS n 
1 102 LYS n 
1 103 ASN n 
1 104 ARG n 
1 105 GLY n 
1 106 TRP n 
1 107 THR n 
1 108 HIS n 
1 109 TRP n 
1 110 ILE n 
1 111 GLU n 
1 112 GLY n 
1 113 ASP n 
1 114 LYS n 
1 115 LEU n 
1 116 HIS n 
1 117 LEU n 
1 118 GLU n 
1 119 MET n 
1 120 PHE n 
1 121 CYS n 
1 122 GLU n 
1 123 GLY n 
1 124 GLN n 
1 125 VAL n 
1 126 CYS n 
1 127 LYS n 
1 128 GLN n 
1 129 THR n 
1 130 PHE n 
1 131 GLN n 
1 132 ARG n 
1 133 ALA n 
# 
_entity_src_gen.entity_id                          1 
_entity_src_gen.pdbx_src_id                        1 
_entity_src_gen.pdbx_alt_source_flag               sample 
_entity_src_gen.pdbx_seq_type                      ? 
_entity_src_gen.pdbx_beg_seq_num                   ? 
_entity_src_gen.pdbx_end_seq_num                   ? 
_entity_src_gen.gene_src_common_name               human 
_entity_src_gen.gene_src_genus                     Homo 
_entity_src_gen.pdbx_gene_src_gene                 ? 
_entity_src_gen.gene_src_species                   ? 
_entity_src_gen.gene_src_strain                    ? 
_entity_src_gen.gene_src_tissue                    ? 
_entity_src_gen.gene_src_tissue_fraction           ? 
_entity_src_gen.gene_src_details                   ? 
_entity_src_gen.pdbx_gene_src_fragment             ? 
_entity_src_gen.pdbx_gene_src_scientific_name      'Homo sapiens' 
_entity_src_gen.pdbx_gene_src_ncbi_taxonomy_id     9606 
_entity_src_gen.pdbx_gene_src_variant              ? 
_entity_src_gen.pdbx_gene_src_cell_line            ? 
_entity_src_gen.pdbx_gene_src_atcc                 ? 
_entity_src_gen.pdbx_gene_src_organ                ? 
_entity_src_gen.pdbx_gene_src_organelle            ? 
_entity_src_gen.pdbx_gene_src_cell                 ? 
_entity_src_gen.pdbx_gene_src_cellular_location    ? 
_entity_src_gen.host_org_common_name               ? 
_entity_src_gen.pdbx_host_org_scientific_name      'Escherichia coli' 
_entity_src_gen.pdbx_host_org_ncbi_taxonomy_id     562 
_entity_src_gen.host_org_genus                     Escherichia 
_entity_src_gen.pdbx_host_org_gene                 ? 
_entity_src_gen.pdbx_host_org_organ                ? 
_entity_src_gen.host_org_species                   ? 
_entity_src_gen.pdbx_host_org_tissue               ? 
_entity_src_gen.pdbx_host_org_tissue_fraction      ? 
_entity_src_gen.pdbx_host_org_strain               ? 
_entity_src_gen.pdbx_host_org_variant              ? 
_entity_src_gen.pdbx_host_org_cell_line            ? 
_entity_src_gen.pdbx_host_org_atcc                 ? 
_entity_src_gen.pdbx_host_org_culture_collection   ? 
_entity_src_gen.pdbx_host_org_cell                 ? 
_entity_src_gen.pdbx_host_org_organelle            ? 
_entity_src_gen.pdbx_host_org_cellular_location    ? 
_entity_src_gen.pdbx_host_org_vector_type          ? 
_entity_src_gen.pdbx_host_org_vector               ? 
_entity_src_gen.host_org_details                   ? 
_entity_src_gen.expression_system_id               ? 
_entity_src_gen.plasmid_name                       ? 
_entity_src_gen.plasmid_details                    ? 
_entity_src_gen.pdbx_description                   ? 
# 
_struct_ref.id                         1 
_struct_ref.db_name                    UNP 
_struct_ref.db_code                    RET7_HUMAN 
_struct_ref.entity_id                  1 
_struct_ref.pdbx_seq_one_letter_code   
;PADLSGTWTLLSSDNFEGYMLALGIDFATRKIAKLLKPQKVIEQNGDSFTIHTNSSLRNYFVKFKVGEEFDEDNRGLDNR
KCKSLVIWDNDRLTCIQKGEKKNRGWTHWIEGDKLHLEMFCEGQVCKQTFQRA
;
_struct_ref.pdbx_align_begin           2 
_struct_ref.pdbx_db_accession          Q96R05 
_struct_ref.pdbx_db_isoform            ? 
# 
_struct_ref_seq.align_id                      1 
_struct_ref_seq.ref_id                        1 
_struct_ref_seq.pdbx_PDB_id_code              1LPJ 
_struct_ref_seq.pdbx_strand_id                A 
_struct_ref_seq.seq_align_beg                 1 
_struct_ref_seq.pdbx_seq_align_beg_ins_code   ? 
_struct_ref_seq.seq_align_end                 133 
_struct_ref_seq.pdbx_seq_align_end_ins_code   ? 
_struct_ref_seq.pdbx_db_accession             Q96R05 
_struct_ref_seq.db_align_beg                  2 
_struct_ref_seq.pdbx_db_align_beg_ins_code    ? 
_struct_ref_seq.db_align_end                  134 
_struct_ref_seq.pdbx_db_align_end_ins_code    ? 
_struct_ref_seq.pdbx_auth_seq_align_beg       1 
_struct_ref_seq.pdbx_auth_seq_align_end       133 
# 
loop_
_chem_comp.id 
_chem_comp.type 
_chem_comp.mon_nstd_flag 
_chem_comp.name 
_chem_comp.pdbx_synonyms 
_chem_comp.formula 
_chem_comp.formula_weight 
ALA 'L-peptide linking' y ALANINE         ? 'C3 H7 N O2'     89.093  
ARG 'L-peptide linking' y ARGININE        ? 'C6 H15 N4 O2 1' 175.209 
ASN 'L-peptide linking' y ASPARAGINE      ? 'C4 H8 N2 O3'    132.118 
ASP 'L-peptide linking' y 'ASPARTIC ACID' ? 'C4 H7 N O4'     133.103 
CYS 'L-peptide linking' y CYSTEINE        ? 'C3 H7 N O2 S'   121.158 
GLN 'L-peptide linking' y GLUTAMINE       ? 'C5 H10 N2 O3'   146.144 
GLU 'L-peptide linking' y 'GLUTAMIC ACID' ? 'C5 H9 N O4'     147.129 
GLY 'peptide linking'   y GLYCINE         ? 'C2 H5 N O2'     75.067  
HIS 'L-peptide linking' y HISTIDINE       ? 'C6 H10 N3 O2 1' 156.162 
HOH non-polymer         . WATER           ? 'H2 O'           18.015  
ILE 'L-peptide linking' y ISOLEUCINE      ? 'C6 H13 N O2'    131.173 
LEU 'L-peptide linking' y LEUCINE         ? 'C6 H13 N O2'    131.173 
LYS 'L-peptide linking' y LYSINE          ? 'C6 H15 N2 O2 1' 147.195 
MET 'L-peptide linking' y METHIONINE      ? 'C5 H11 N O2 S'  149.211 
PHE 'L-peptide linking' y PHENYLALANINE   ? 'C9 H11 N O2'    165.189 
PRO 'L-peptide linking' y PROLINE         ? 'C5 H9 N O2'     115.130 
SER 'L-peptide linking' y SERINE          ? 'C3 H7 N O3'     105.093 
THR 'L-peptide linking' y THREONINE       ? 'C4 H9 N O3'     119.119 
TRP 'L-peptide linking' y TRYPTOPHAN      ? 'C11 H12 N2 O2'  204.225 
TYR 'L-peptide linking' y TYROSINE        ? 'C9 H11 N O3'    181.189 
VAL 'L-peptide linking' y VALINE          ? 'C5 H11 N O2'    117.146 
# 
_exptl.entry_id          1LPJ 
_exptl.method            'X-RAY DIFFRACTION' 
_exptl.crystals_number   1 
# 
_exptl_crystal.id                    1 
_exptl_crystal.density_meas          ? 
_exptl_crystal.density_percent_sol   40.86 
_exptl_crystal.density_Matthews      2.08 
_exptl_crystal.description           ? 
# 
_exptl_crystal_grow.crystal_id      1 
_exptl_crystal_grow.method          'VAPOR DIFFUSION, SITTING DROP' 
_exptl_crystal_grow.temp            293 
_exptl_crystal_grow.temp_details    ? 
_exptl_crystal_grow.pH              5.6 
_exptl_crystal_grow.pdbx_details    
'10% PEG 4000, 10% isopropanol, 100 mM sodium citrate, pH 5.6, VAPOR DIFFUSION, SITTING DROP, temperature 293K' 
_exptl_crystal_grow.pdbx_pH_range   . 
# 
_diffrn.id                     1 
_diffrn.ambient_temp           100 
_diffrn.ambient_temp_details   ? 
_diffrn.crystal_id             1 
# 
_diffrn_detector.diffrn_id              1 
_diffrn_detector.detector               CCD 
_diffrn_detector.type                   'ADSC QUANTUM 4' 
_diffrn_detector.pdbx_collection_date   2002-02-14 
_diffrn_detector.details                ? 
# 
_diffrn_radiation.diffrn_id                        1 
_diffrn_radiation.wavelength_id                    1 
_diffrn_radiation.monochromator                    ? 
_diffrn_radiation.pdbx_monochromatic_or_laue_m_l   M 
_diffrn_radiation.pdbx_diffrn_protocol             'SINGLE WAVELENGTH' 
_diffrn_radiation.pdbx_scattering_type             x-ray 
# 
_diffrn_radiation_wavelength.id           1 
_diffrn_radiation_wavelength.wavelength   0.9393 
_diffrn_radiation_wavelength.wt           1.0 
# 
_diffrn_source.diffrn_id                   1 
_diffrn_source.source                      SYNCHROTRON 
_diffrn_source.type                        'ESRF BEAMLINE ID29' 
_diffrn_source.pdbx_synchrotron_site       ESRF 
_diffrn_source.pdbx_synchrotron_beamline   ID29 
_diffrn_source.pdbx_wavelength             ? 
_diffrn_source.pdbx_wavelength_list        0.9393 
# 
_reflns.entry_id                     1LPJ 
_reflns.observed_criterion_sigma_I   0.0 
_reflns.observed_criterion_sigma_F   0.0 
_reflns.d_resolution_low             28.606 
_reflns.d_resolution_high            2.0 
_reflns.number_obs                   7611 
_reflns.number_all                   7611 
_reflns.percent_possible_obs         89.6 
_reflns.pdbx_Rmerge_I_obs            0.124 
_reflns.pdbx_Rsym_value              0.124 
_reflns.pdbx_netI_over_sigmaI        3.8 
_reflns.B_iso_Wilson_estimate        23.2 
_reflns.pdbx_redundancy              2.7 
_reflns.R_free_details               ? 
_reflns.limit_h_max                  ? 
_reflns.limit_h_min                  ? 
_reflns.limit_k_max                  ? 
_reflns.limit_k_min                  ? 
_reflns.limit_l_max                  ? 
_reflns.limit_l_min                  ? 
_reflns.observed_criterion_F_max     ? 
_reflns.observed_criterion_F_min     ? 
_reflns.pdbx_diffrn_id               1 
_reflns.pdbx_ordinal                 1 
# 
_reflns_shell.d_res_high             2.0 
_reflns_shell.d_res_low              2.1 
_reflns_shell.percent_possible_all   87.8 
_reflns_shell.Rmerge_I_obs           0.382 
_reflns_shell.pdbx_Rsym_value        0.124 
_reflns_shell.meanI_over_sigI_obs    1.3 
_reflns_shell.pdbx_redundancy        2.7 
_reflns_shell.percent_possible_obs   ? 
_reflns_shell.number_unique_all      932 
_reflns_shell.pdbx_diffrn_id         ? 
_reflns_shell.pdbx_ordinal           1 
# 
_refine.entry_id                                 1LPJ 
_refine.ls_number_reflns_obs                     7579 
_refine.ls_number_reflns_all                     7579 
_refine.pdbx_ls_sigma_I                          0.0 
_refine.pdbx_ls_sigma_F                          0.0 
_refine.pdbx_data_cutoff_high_absF               ? 
_refine.pdbx_data_cutoff_low_absF                ? 
_refine.ls_d_res_low                             24.44 
_refine.ls_d_res_high                            2.00 
_refine.ls_percent_reflns_obs                    87.8 
_refine.ls_R_factor_obs                          ? 
_refine.ls_R_factor_all                          ? 
_refine.ls_R_factor_R_work                       0.23 
_refine.ls_R_factor_R_free                       0.284 
_refine.ls_R_factor_R_free_error                 .010 
_refine.ls_R_factor_R_free_error_details         ? 
_refine.ls_percent_reflns_R_free                 10.7 
_refine.ls_number_reflns_R_free                  809 
_refine.ls_number_parameters                     ? 
_refine.ls_number_restraints                     ? 
_refine.occupancy_min                            ? 
_refine.occupancy_max                            ? 
_refine.correlation_coeff_Fo_to_Fc               ? 
_refine.correlation_coeff_Fo_to_Fc_free          ? 
_refine.B_iso_mean                               36.1 
_refine.aniso_B[1][1]                            -4.32 
_refine.aniso_B[2][2]                            5.57 
_refine.aniso_B[3][3]                            -1.25 
_refine.aniso_B[1][2]                            .00 
_refine.aniso_B[1][3]                            -2.88 
_refine.aniso_B[2][3]                            .00 
_refine.solvent_model_details                    'FLAT MODEL' 
_refine.solvent_model_param_ksol                 .422063 
_refine.solvent_model_param_bsol                 112.525 
_refine.pdbx_solvent_vdw_probe_radii             ? 
_refine.pdbx_solvent_ion_probe_radii             ? 
_refine.pdbx_solvent_shrinkage_radii             ? 
_refine.pdbx_ls_cross_valid_method               THROUGHOUT 
_refine.details                                  ? 
_refine.pdbx_starting_model                      1CRB 
_refine.pdbx_method_to_determine_struct          'MOLECULAR REPLACEMENT' 
_refine.pdbx_isotropic_thermal_model             RESTRAINED 
_refine.pdbx_stereochemistry_target_values       'Engh & Huber' 
_refine.pdbx_stereochem_target_val_spec_case     ? 
_refine.pdbx_R_Free_selection_details            RANDOM 
_refine.pdbx_overall_ESU_R_Free                  ? 
_refine.overall_SU_B                             ? 
_refine.ls_redundancy_reflns_obs                 ? 
_refine.B_iso_min                                ? 
_refine.B_iso_max                                ? 
_refine.overall_SU_R_Cruickshank_DPI             ? 
_refine.overall_SU_R_free                        ? 
_refine.overall_SU_ML                            ? 
_refine.pdbx_overall_ESU_R                       ? 
_refine.pdbx_data_cutoff_high_rms_absF           ? 
_refine.pdbx_refine_id                           'X-RAY DIFFRACTION' 
_refine.pdbx_diffrn_id                           1 
_refine.pdbx_TLS_residual_ADP_flag               ? 
_refine.pdbx_overall_phase_error                 ? 
_refine.pdbx_overall_SU_R_free_Cruickshank_DPI   ? 
_refine.pdbx_overall_SU_R_Blow_DPI               ? 
_refine.pdbx_overall_SU_R_free_Blow_DPI          ? 
# 
_refine_analyze.entry_id                        1LPJ 
_refine_analyze.Luzzati_coordinate_error_obs    ? 
_refine_analyze.Luzzati_sigma_a_obs             ? 
_refine_analyze.Luzzati_d_res_low_obs           ? 
_refine_analyze.Luzzati_coordinate_error_free   .35 
_refine_analyze.Luzzati_sigma_a_free            .17 
_refine_analyze.Luzzati_d_res_low_free          ? 
_refine_analyze.number_disordered_residues      ? 
_refine_analyze.occupancy_sum_hydrogen          ? 
_refine_analyze.occupancy_sum_non_hydrogen      ? 
_refine_analyze.pdbx_Luzzati_d_res_high_obs     ? 
_refine_analyze.pdbx_refine_id                  'X-RAY DIFFRACTION' 
# 
_refine_hist.pdbx_refine_id                   'X-RAY DIFFRACTION' 
_refine_hist.cycle_id                         LAST 
_refine_hist.pdbx_number_atoms_protein        1084 
_refine_hist.pdbx_number_atoms_nucleic_acid   0 
_refine_hist.pdbx_number_atoms_ligand         0 
_refine_hist.number_atoms_solvent             150 
_refine_hist.number_atoms_total               1234 
_refine_hist.d_res_high                       2.00 
_refine_hist.d_res_low                        24.44 
# 
loop_
_refine_ls_restr.type 
_refine_ls_restr.dev_ideal 
_refine_ls_restr.dev_ideal_target 
_refine_ls_restr.weight 
_refine_ls_restr.number 
_refine_ls_restr.pdbx_refine_id 
_refine_ls_restr.pdbx_restraint_function 
c_bond_d           .007 ? ? ? 'X-RAY DIFFRACTION' ? 
c_angle_deg        1.4  ? ? ? 'X-RAY DIFFRACTION' ? 
c_dihedral_angle_d 27.1 ? ? ? 'X-RAY DIFFRACTION' ? 
c_improper_angle_d .70  ? ? ? 'X-RAY DIFFRACTION' ? 
# 
_refine_ls_shell.pdbx_total_number_of_bins_used   6 
_refine_ls_shell.d_res_high                       2.00 
_refine_ls_shell.d_res_low                        2.13 
_refine_ls_shell.number_reflns_R_work             1126 
_refine_ls_shell.R_factor_R_work                  0.254 
_refine_ls_shell.percent_reflns_obs               87.8 
_refine_ls_shell.R_factor_R_free                  0.3 
_refine_ls_shell.R_factor_R_free_error            .026 
_refine_ls_shell.percent_reflns_R_free            10.5 
_refine_ls_shell.number_reflns_R_free             132 
_refine_ls_shell.number_reflns_obs                ? 
_refine_ls_shell.redundancy_reflns_obs            ? 
_refine_ls_shell.number_reflns_all                ? 
_refine_ls_shell.pdbx_refine_id                   'X-RAY DIFFRACTION' 
_refine_ls_shell.R_factor_all                     ? 
# 
loop_
_pdbx_xplor_file.serial_no 
_pdbx_xplor_file.param_file 
_pdbx_xplor_file.topol_file 
_pdbx_xplor_file.pdbx_refine_id 
1 PROTEIN_REP.PARAM PROTEIN.TOP 'X-RAY DIFFRACTION' 
2 WATER.PARAM       WATER.TOP   'X-RAY DIFFRACTION' 
# 
_struct.entry_id                  1LPJ 
_struct.title                     'Human cRBP IV' 
_struct.pdbx_model_details        ? 
_struct.pdbx_CASP_flag            ? 
_struct.pdbx_model_type_details   ? 
# 
_struct_keywords.entry_id        1LPJ 
_struct_keywords.pdbx_keywords   'TRANSPORT PROTEIN' 
_struct_keywords.text            'cellular retinol-binding protein, cRBP, retinol, vitamin A, iLBPs, TRANSPORT PROTEIN' 
# 
loop_
_struct_asym.id 
_struct_asym.pdbx_blank_PDB_chainid_flag 
_struct_asym.pdbx_modified 
_struct_asym.entity_id 
_struct_asym.details 
A N N 1 ? 
B N N 2 ? 
# 
loop_
_struct_conf.conf_type_id 
_struct_conf.id 
_struct_conf.pdbx_PDB_helix_id 
_struct_conf.beg_label_comp_id 
_struct_conf.beg_label_asym_id 
_struct_conf.beg_label_seq_id 
_struct_conf.pdbx_beg_PDB_ins_code 
_struct_conf.end_label_comp_id 
_struct_conf.end_label_asym_id 
_struct_conf.end_label_seq_id 
_struct_conf.pdbx_end_PDB_ins_code 
_struct_conf.beg_auth_comp_id 
_struct_conf.beg_auth_asym_id 
_struct_conf.beg_auth_seq_id 
_struct_conf.end_auth_comp_id 
_struct_conf.end_auth_asym_id 
_struct_conf.end_auth_seq_id 
_struct_conf.pdbx_PDB_helix_class 
_struct_conf.details 
_struct_conf.pdbx_PDB_helix_length 
HELX_P HELX_P1 1 ASN A 15 ? GLY A 24 ? ASN A 15 GLY A 24 1 ? 10 
HELX_P HELX_P2 2 ASP A 26 ? LYS A 34 ? ASP A 26 LYS A 34 1 ? 9  
# 
_struct_conf_type.id          HELX_P 
_struct_conf_type.criteria    ? 
_struct_conf_type.reference   ? 
# 
_struct_sheet.id               A 
_struct_sheet.type             ? 
_struct_sheet.number_strands   10 
_struct_sheet.details          ? 
# 
loop_
_struct_sheet_order.sheet_id 
_struct_sheet_order.range_id_1 
_struct_sheet_order.range_id_2 
_struct_sheet_order.offset 
_struct_sheet_order.sense 
A 1 2  ? anti-parallel 
A 2 3  ? anti-parallel 
A 3 4  ? anti-parallel 
A 4 5  ? anti-parallel 
A 5 6  ? anti-parallel 
A 6 7  ? anti-parallel 
A 7 8  ? anti-parallel 
A 8 9  ? anti-parallel 
A 9 10 ? anti-parallel 
# 
loop_
_struct_sheet_range.sheet_id 
_struct_sheet_range.id 
_struct_sheet_range.beg_label_comp_id 
_struct_sheet_range.beg_label_asym_id 
_struct_sheet_range.beg_label_seq_id 
_struct_sheet_range.pdbx_beg_PDB_ins_code 
_struct_sheet_range.end_label_comp_id 
_struct_sheet_range.end_label_asym_id 
_struct_sheet_range.end_label_seq_id 
_struct_sheet_range.pdbx_end_PDB_ins_code 
_struct_sheet_range.beg_auth_comp_id 
_struct_sheet_range.beg_auth_asym_id 
_struct_sheet_range.beg_auth_seq_id 
_struct_sheet_range.end_auth_comp_id 
_struct_sheet_range.end_auth_asym_id 
_struct_sheet_range.end_auth_seq_id 
A 1  TYR A 60  ? LYS A 65  ? TYR A 60  LYS A 65  
A 2  SER A 48  ? ASN A 54  ? SER A 48  ASN A 54  
A 3  GLN A 39  ? ASN A 45  ? GLN A 39  ASN A 45  
A 4  GLY A 6   ? ASP A 14  ? GLY A 6   ASP A 14  
A 5  GLN A 124 ? ARG A 132 ? GLN A 124 ARG A 132 
A 6  LYS A 114 ? CYS A 121 ? LYS A 114 CYS A 121 
A 7  ARG A 104 ? GLU A 111 ? ARG A 104 GLU A 111 
A 8  ARG A 92  ? GLY A 99  ? ARG A 92  GLY A 99  
A 9  LYS A 81  ? ASP A 89  ? LYS A 81  ASP A 89  
A 10 PHE A 70  ? ASP A 73  ? PHE A 70  ASP A 73  
# 
loop_
_pdbx_struct_sheet_hbond.sheet_id 
_pdbx_struct_sheet_hbond.range_id_1 
_pdbx_struct_sheet_hbond.range_id_2 
_pdbx_struct_sheet_hbond.range_1_label_atom_id 
_pdbx_struct_sheet_hbond.range_1_label_comp_id 
_pdbx_struct_sheet_hbond.range_1_label_asym_id 
_pdbx_struct_sheet_hbond.range_1_label_seq_id 
_pdbx_struct_sheet_hbond.range_1_PDB_ins_code 
_pdbx_struct_sheet_hbond.range_1_auth_atom_id 
_pdbx_struct_sheet_hbond.range_1_auth_comp_id 
_pdbx_struct_sheet_hbond.range_1_auth_asym_id 
_pdbx_struct_sheet_hbond.range_1_auth_seq_id 
_pdbx_struct_sheet_hbond.range_2_label_atom_id 
_pdbx_struct_sheet_hbond.range_2_label_comp_id 
_pdbx_struct_sheet_hbond.range_2_label_asym_id 
_pdbx_struct_sheet_hbond.range_2_label_seq_id 
_pdbx_struct_sheet_hbond.range_2_PDB_ins_code 
_pdbx_struct_sheet_hbond.range_2_auth_atom_id 
_pdbx_struct_sheet_hbond.range_2_auth_comp_id 
_pdbx_struct_sheet_hbond.range_2_auth_asym_id 
_pdbx_struct_sheet_hbond.range_2_auth_seq_id 
A 1 2  O TYR A 60  ? O TYR A 60  N THR A 53  ? N THR A 53  
A 2 3  O HIS A 52  ? O HIS A 52  N VAL A 41  ? N VAL A 41  
A 3 4  O LYS A 40  ? O LYS A 40  N TRP A 8   ? N TRP A 8   
A 4 5  N THR A 9   ? N THR A 9   O GLN A 131 ? O GLN A 131 
A 5 6  O CYS A 126 ? O CYS A 126 N MET A 119 ? N MET A 119 
A 6 7  O HIS A 116 ? O HIS A 116 N TRP A 109 ? N TRP A 109 
A 7 8  O TRP A 106 ? O TRP A 106 N CYS A 95  ? N CYS A 95  
A 8 9  O ARG A 92  ? O ARG A 92  N ASP A 89  ? N ASP A 89  
A 9 10 O CYS A 82  ? O CYS A 82  N GLU A 72  ? N GLU A 72  
# 
_atom_sites.entry_id                    1LPJ 
_atom_sites.fract_transf_matrix[1][1]   -0.02433041 
_atom_sites.fract_transf_matrix[1][2]   0.00290688 
_atom_sites.fract_transf_matrix[1][3]   -0.01777047 
_atom_sites.fract_transf_matrix[2][1]   -0.00254855 
_atom_sites.fract_transf_matrix[2][2]   -0.01728764 
_atom_sites.fract_transf_matrix[2][3]   0.00066145 
_atom_sites.fract_transf_matrix[3][1]   -0.01144606 
_atom_sites.fract_transf_matrix[3][2]   0.00206018 
_atom_sites.fract_transf_matrix[3][3]   0.00974335 
_atom_sites.fract_transf_vector[1]      0.047847 
_atom_sites.fract_transf_vector[2]      0.002686 
_atom_sites.fract_transf_vector[3]      0.245060 
# 
loop_
_atom_type.symbol 
C 
N 
O 
S 
# 
loop_
_atom_site.group_PDB 
_atom_site.id 
_atom_site.type_symbol 
_atom_site.label_atom_id 
_atom_site.label_alt_id 
_atom_site.label_comp_id 
_atom_site.label_asym_id 
_atom_site.label_entity_id 
_atom_site.label_seq_id 
_atom_site.pdbx_PDB_ins_code 
_atom_site.Cartn_x 
_atom_site.Cartn_y 
_atom_site.Cartn_z 
_atom_site.occupancy 
_atom_site.B_iso_or_equiv 
_atom_site.pdbx_formal_charge 
_atom_site.auth_seq_id 
_atom_site.auth_comp_id 
_atom_site.auth_asym_id 
_atom_site.auth_atom_id 
_atom_site.pdbx_PDB_model_num 
ATOM   1    N N   . PRO A 1 1   ? -2.407  6.173   -17.678 1.00 46.01 ? 1   PRO A N   1 
ATOM   2    C CA  . PRO A 1 1   ? -1.411  5.475   -16.829 1.00 44.24 ? 1   PRO A CA  1 
ATOM   3    C C   . PRO A 1 1   ? -0.201  6.365   -16.534 1.00 42.82 ? 1   PRO A C   1 
ATOM   4    O O   . PRO A 1 1   ? -0.023  7.414   -17.157 1.00 43.13 ? 1   PRO A O   1 
ATOM   5    C CB  . PRO A 1 1   ? -0.992  4.228   -17.589 1.00 45.53 ? 1   PRO A CB  1 
ATOM   6    C CG  . PRO A 1 1   ? -2.249  3.941   -18.401 1.00 46.61 ? 1   PRO A CG  1 
ATOM   7    C CD  . PRO A 1 1   ? -2.748  5.332   -18.840 1.00 47.07 ? 1   PRO A CD  1 
ATOM   8    N N   . ALA A 1 2   ? 0.618   5.948   -15.575 1.00 38.88 ? 2   ALA A N   1 
ATOM   9    C CA  . ALA A 1 2   ? 1.809   6.704   -15.207 1.00 36.85 ? 2   ALA A CA  1 
ATOM   10   C C   . ALA A 1 2   ? 2.901   5.742   -14.773 1.00 35.25 ? 2   ALA A C   1 
ATOM   11   O O   . ALA A 1 2   ? 2.616   4.637   -14.300 1.00 33.69 ? 2   ALA A O   1 
ATOM   12   C CB  . ALA A 1 2   ? 1.493   7.671   -14.073 1.00 35.87 ? 2   ALA A CB  1 
ATOM   13   N N   . ASP A 1 3   ? 4.155   6.152   -14.925 1.00 32.76 ? 3   ASP A N   1 
ATOM   14   C CA  . ASP A 1 3   ? 5.239   5.282   -14.516 1.00 31.31 ? 3   ASP A CA  1 
ATOM   15   C C   . ASP A 1 3   ? 5.494   5.515   -13.042 1.00 30.00 ? 3   ASP A C   1 
ATOM   16   O O   . ASP A 1 3   ? 5.870   6.612   -12.623 1.00 29.42 ? 3   ASP A O   1 
ATOM   17   C CB  . ASP A 1 3   ? 6.504   5.550   -15.316 1.00 33.54 ? 3   ASP A CB  1 
ATOM   18   C CG  . ASP A 1 3   ? 7.412   4.332   -15.364 1.00 37.16 ? 3   ASP A CG  1 
ATOM   19   O OD1 . ASP A 1 3   ? 7.655   3.727   -14.291 1.00 32.70 ? 3   ASP A OD1 1 
ATOM   20   O OD2 . ASP A 1 3   ? 7.881   3.979   -16.470 1.00 38.37 ? 3   ASP A OD2 1 
ATOM   21   N N   . LEU A 1 4   ? 5.282   4.468   -12.256 1.00 23.53 ? 4   LEU A N   1 
ATOM   22   C CA  . LEU A 1 4   ? 5.444   4.545   -10.815 1.00 23.98 ? 4   LEU A CA  1 
ATOM   23   C C   . LEU A 1 4   ? 6.657   3.753   -10.347 1.00 22.37 ? 4   LEU A C   1 
ATOM   24   O O   . LEU A 1 4   ? 6.893   3.624   -9.149  1.00 21.27 ? 4   LEU A O   1 
ATOM   25   C CB  . LEU A 1 4   ? 4.183   3.986   -10.141 1.00 23.08 ? 4   LEU A CB  1 
ATOM   26   C CG  . LEU A 1 4   ? 2.854   4.558   -10.641 1.00 27.69 ? 4   LEU A CG  1 
ATOM   27   C CD1 . LEU A 1 4   ? 1.683   3.734   -10.096 1.00 28.13 ? 4   LEU A CD1 1 
ATOM   28   C CD2 . LEU A 1 4   ? 2.750   6.022   -10.213 1.00 28.87 ? 4   LEU A CD2 1 
ATOM   29   N N   . SER A 1 5   ? 7.439   3.241   -11.293 1.00 23.18 ? 5   SER A N   1 
ATOM   30   C CA  . SER A 1 5   ? 8.584   2.416   -10.939 1.00 23.62 ? 5   SER A CA  1 
ATOM   31   C C   . SER A 1 5   ? 9.724   3.100   -10.209 1.00 24.59 ? 5   SER A C   1 
ATOM   32   O O   . SER A 1 5   ? 9.923   4.317   -10.300 1.00 22.25 ? 5   SER A O   1 
ATOM   33   C CB  . SER A 1 5   ? 9.133   1.712   -12.187 1.00 27.39 ? 5   SER A CB  1 
ATOM   34   O OG  . SER A 1 5   ? 9.715   2.633   -13.088 1.00 30.98 ? 5   SER A OG  1 
ATOM   35   N N   . GLY A 1 6   ? 10.482  2.290   -9.480  1.00 23.83 ? 6   GLY A N   1 
ATOM   36   C CA  . GLY A 1 6   ? 11.622  2.811   -8.757  1.00 24.00 ? 6   GLY A CA  1 
ATOM   37   C C   . GLY A 1 6   ? 11.702  2.301   -7.339  1.00 22.22 ? 6   GLY A C   1 
ATOM   38   O O   . GLY A 1 6   ? 10.841  1.546   -6.892  1.00 19.28 ? 6   GLY A O   1 
ATOM   39   N N   . THR A 1 7   ? 12.768  2.687   -6.648  1.00 21.94 ? 7   THR A N   1 
ATOM   40   C CA  . THR A 1 7   ? 12.951  2.314   -5.260  1.00 23.18 ? 7   THR A CA  1 
ATOM   41   C C   . THR A 1 7   ? 12.600  3.595   -4.532  1.00 22.64 ? 7   THR A C   1 
ATOM   42   O O   . THR A 1 7   ? 13.121  4.667   -4.855  1.00 21.27 ? 7   THR A O   1 
ATOM   43   C CB  . THR A 1 7   ? 14.396  1.888   -4.967  1.00 23.61 ? 7   THR A CB  1 
ATOM   44   O OG1 . THR A 1 7   ? 14.650  0.631   -5.602  1.00 27.78 ? 7   THR A OG1 1 
ATOM   45   C CG2 . THR A 1 7   ? 14.615  1.729   -3.473  1.00 27.19 ? 7   THR A CG2 1 
ATOM   46   N N   . TRP A 1 8   ? 11.688  3.479   -3.578  1.00 22.39 ? 8   TRP A N   1 
ATOM   47   C CA  . TRP A 1 8   ? 11.201  4.620   -2.830  1.00 23.61 ? 8   TRP A CA  1 
ATOM   48   C C   . TRP A 1 8   ? 11.401  4.499   -1.339  1.00 24.80 ? 8   TRP A C   1 
ATOM   49   O O   . TRP A 1 8   ? 11.263  3.423   -0.763  1.00 24.42 ? 8   TRP A O   1 
ATOM   50   C CB  . TRP A 1 8   ? 9.715   4.815   -3.109  1.00 22.41 ? 8   TRP A CB  1 
ATOM   51   C CG  . TRP A 1 8   ? 9.407   4.973   -4.551  1.00 20.81 ? 8   TRP A CG  1 
ATOM   52   C CD1 . TRP A 1 8   ? 9.105   3.980   -5.446  1.00 19.30 ? 8   TRP A CD1 1 
ATOM   53   C CD2 . TRP A 1 8   ? 9.393   6.196   -5.285  1.00 19.50 ? 8   TRP A CD2 1 
ATOM   54   N NE1 . TRP A 1 8   ? 8.904   4.517   -6.696  1.00 17.59 ? 8   TRP A NE1 1 
ATOM   55   C CE2 . TRP A 1 8   ? 9.073   5.879   -6.621  1.00 20.02 ? 8   TRP A CE2 1 
ATOM   56   C CE3 . TRP A 1 8   ? 9.621   7.540   -4.942  1.00 19.78 ? 8   TRP A CE3 1 
ATOM   57   C CZ2 . TRP A 1 8   ? 8.975   6.856   -7.618  1.00 19.84 ? 8   TRP A CZ2 1 
ATOM   58   C CZ3 . TRP A 1 8   ? 9.523   8.505   -5.934  1.00 18.16 ? 8   TRP A CZ3 1 
ATOM   59   C CH2 . TRP A 1 8   ? 9.202   8.158   -7.253  1.00 17.03 ? 8   TRP A CH2 1 
ATOM   60   N N   . THR A 1 9   ? 11.715  5.626   -0.716  1.00 26.09 ? 9   THR A N   1 
ATOM   61   C CA  . THR A 1 9   ? 11.931  5.671   0.717   1.00 28.38 ? 9   THR A CA  1 
ATOM   62   C C   . THR A 1 9   ? 10.877  6.597   1.311   1.00 28.03 ? 9   THR A C   1 
ATOM   63   O O   . THR A 1 9   ? 10.640  7.690   0.794   1.00 28.56 ? 9   THR A O   1 
ATOM   64   C CB  . THR A 1 9   ? 13.368  6.165   1.034   1.00 30.55 ? 9   THR A CB  1 
ATOM   65   O OG1 . THR A 1 9   ? 13.467  6.544   2.409   1.00 37.37 ? 9   THR A OG1 1 
ATOM   66   C CG2 . THR A 1 9   ? 13.734  7.344   0.154   1.00 34.97 ? 9   THR A CG2 1 
ATOM   67   N N   . LEU A 1 10  ? 10.226  6.137   2.375   1.00 28.09 ? 10  LEU A N   1 
ATOM   68   C CA  . LEU A 1 10  ? 9.173   6.899   3.037   1.00 29.78 ? 10  LEU A CA  1 
ATOM   69   C C   . LEU A 1 10  ? 9.698   8.232   3.570   1.00 30.38 ? 10  LEU A C   1 
ATOM   70   O O   . LEU A 1 10  ? 10.615  8.272   4.397   1.00 30.63 ? 10  LEU A O   1 
ATOM   71   C CB  . LEU A 1 10  ? 8.572   6.065   4.174   1.00 30.00 ? 10  LEU A CB  1 
ATOM   72   C CG  . LEU A 1 10  ? 7.280   6.490   4.903   1.00 31.97 ? 10  LEU A CG  1 
ATOM   73   C CD1 . LEU A 1 10  ? 7.607   7.468   5.993   1.00 33.95 ? 10  LEU A CD1 1 
ATOM   74   C CD2 . LEU A 1 10  ? 6.260   7.061   3.928   1.00 25.44 ? 10  LEU A CD2 1 
ATOM   75   N N   . LEU A 1 11  ? 9.110   9.320   3.082   1.00 29.21 ? 11  LEU A N   1 
ATOM   76   C CA  . LEU A 1 11  ? 9.503   10.664  3.495   1.00 28.85 ? 11  LEU A CA  1 
ATOM   77   C C   . LEU A 1 11  ? 8.536   11.205  4.540   1.00 29.75 ? 11  LEU A C   1 
ATOM   78   O O   . LEU A 1 11  ? 8.949   11.774  5.552   1.00 30.93 ? 11  LEU A O   1 
ATOM   79   C CB  . LEU A 1 11  ? 9.535   11.589  2.282   1.00 28.51 ? 11  LEU A CB  1 
ATOM   80   C CG  . LEU A 1 11  ? 10.048  13.018  2.477   1.00 30.32 ? 11  LEU A CG  1 
ATOM   81   C CD1 . LEU A 1 11  ? 11.428  12.997  3.110   1.00 29.65 ? 11  LEU A CD1 1 
ATOM   82   C CD2 . LEU A 1 11  ? 10.083  13.722  1.126   1.00 27.71 ? 11  LEU A CD2 1 
ATOM   83   N N   . SER A 1 12  ? 7.245   11.034  4.300   1.00 30.01 ? 12  SER A N   1 
ATOM   84   C CA  . SER A 1 12  ? 6.261   11.506  5.257   1.00 30.60 ? 12  SER A CA  1 
ATOM   85   C C   . SER A 1 12  ? 5.120   10.517  5.386   1.00 31.39 ? 12  SER A C   1 
ATOM   86   O O   . SER A 1 12  ? 4.667   9.930   4.403   1.00 29.12 ? 12  SER A O   1 
ATOM   87   C CB  . SER A 1 12  ? 5.709   12.876  4.848   1.00 29.55 ? 12  SER A CB  1 
ATOM   88   O OG  . SER A 1 12  ? 4.927   12.792  3.673   1.00 31.11 ? 12  SER A OG  1 
ATOM   89   N N   . SER A 1 13  ? 4.664   10.338  6.618   1.00 32.21 ? 13  SER A N   1 
ATOM   90   C CA  . SER A 1 13  ? 3.563   9.437   6.902   1.00 34.38 ? 13  SER A CA  1 
ATOM   91   C C   . SER A 1 13  ? 2.536   10.298  7.623   1.00 35.82 ? 13  SER A C   1 
ATOM   92   O O   . SER A 1 13  ? 2.881   11.327  8.205   1.00 38.30 ? 13  SER A O   1 
ATOM   93   C CB  . SER A 1 13  ? 4.041   8.282   7.781   1.00 34.02 ? 13  SER A CB  1 
ATOM   94   O OG  . SER A 1 13  ? 3.025   7.311   7.935   1.00 35.82 ? 13  SER A OG  1 
ATOM   95   N N   . ASP A 1 14  ? 1.275   9.893   7.584   1.00 36.92 ? 14  ASP A N   1 
ATOM   96   C CA  . ASP A 1 14  ? 0.230   10.688  8.207   1.00 36.14 ? 14  ASP A CA  1 
ATOM   97   C C   . ASP A 1 14  ? -0.980  9.822   8.530   1.00 34.42 ? 14  ASP A C   1 
ATOM   98   O O   . ASP A 1 14  ? -1.621  9.280   7.631   1.00 32.91 ? 14  ASP A O   1 
ATOM   99   C CB  . ASP A 1 14  ? -0.151  11.813  7.245   1.00 39.51 ? 14  ASP A CB  1 
ATOM   100  C CG  . ASP A 1 14  ? -1.059  12.833  7.868   1.00 44.15 ? 14  ASP A CG  1 
ATOM   101  O OD1 . ASP A 1 14  ? -1.104  13.967  7.345   1.00 49.93 ? 14  ASP A OD1 1 
ATOM   102  O OD2 . ASP A 1 14  ? -1.731  12.511  8.871   1.00 46.62 ? 14  ASP A OD2 1 
ATOM   103  N N   . ASN A 1 15  ? -1.281  9.698   9.819   1.00 30.96 ? 15  ASN A N   1 
ATOM   104  C CA  . ASN A 1 15  ? -2.404  8.889   10.291  1.00 30.95 ? 15  ASN A CA  1 
ATOM   105  C C   . ASN A 1 15  ? -2.199  7.398   9.992   1.00 29.87 ? 15  ASN A C   1 
ATOM   106  O O   . ASN A 1 15  ? -3.149  6.675   9.686   1.00 28.21 ? 15  ASN A O   1 
ATOM   107  C CB  . ASN A 1 15  ? -3.715  9.352   9.650   1.00 29.65 ? 15  ASN A CB  1 
ATOM   108  C CG  . ASN A 1 15  ? -4.937  8.757   10.332  1.00 31.74 ? 15  ASN A CG  1 
ATOM   109  O OD1 . ASN A 1 15  ? -6.027  8.714   9.754   1.00 34.20 ? 15  ASN A OD1 1 
ATOM   110  N ND2 . ASN A 1 15  ? -4.767  8.307   11.569  1.00 28.54 ? 15  ASN A ND2 1 
ATOM   111  N N   . PHE A 1 16  ? -0.959  6.937   10.072  1.00 29.74 ? 16  PHE A N   1 
ATOM   112  C CA  . PHE A 1 16  ? -0.685  5.529   9.821   1.00 32.09 ? 16  PHE A CA  1 
ATOM   113  C C   . PHE A 1 16  ? -1.316  4.738   10.960  1.00 32.82 ? 16  PHE A C   1 
ATOM   114  O O   . PHE A 1 16  ? -1.850  3.643   10.763  1.00 31.62 ? 16  PHE A O   1 
ATOM   115  C CB  . PHE A 1 16  ? 0.827   5.287   9.765   1.00 34.17 ? 16  PHE A CB  1 
ATOM   116  C CG  . PHE A 1 16  ? 1.210   3.853   9.491   1.00 36.53 ? 16  PHE A CG  1 
ATOM   117  C CD1 . PHE A 1 16  ? 0.641   3.153   8.434   1.00 36.94 ? 16  PHE A CD1 1 
ATOM   118  C CD2 . PHE A 1 16  ? 2.149   3.211   10.287  1.00 37.61 ? 16  PHE A CD2 1 
ATOM   119  C CE1 . PHE A 1 16  ? 1.006   1.834   8.171   1.00 38.97 ? 16  PHE A CE1 1 
ATOM   120  C CE2 . PHE A 1 16  ? 2.522   1.892   10.033  1.00 39.59 ? 16  PHE A CE2 1 
ATOM   121  C CZ  . PHE A 1 16  ? 1.945   1.203   8.974   1.00 38.34 ? 16  PHE A CZ  1 
ATOM   122  N N   . GLU A 1 17  ? -1.281  5.321   12.152  1.00 31.94 ? 17  GLU A N   1 
ATOM   123  C CA  . GLU A 1 17  ? -1.843  4.679   13.332  1.00 34.13 ? 17  GLU A CA  1 
ATOM   124  C C   . GLU A 1 17  ? -3.357  4.474   13.205  1.00 31.58 ? 17  GLU A C   1 
ATOM   125  O O   . GLU A 1 17  ? -3.887  3.437   13.607  1.00 32.44 ? 17  GLU A O   1 
ATOM   126  C CB  . GLU A 1 17  ? -1.511  5.510   14.573  1.00 36.00 ? 17  GLU A CB  1 
ATOM   127  C CG  . GLU A 1 17  ? -2.052  4.933   15.857  1.00 42.47 ? 17  GLU A CG  1 
ATOM   128  C CD  . GLU A 1 17  ? -3.339  5.596   16.299  1.00 45.58 ? 17  GLU A CD  1 
ATOM   129  O OE1 . GLU A 1 17  ? -4.028  5.026   17.171  1.00 49.06 ? 17  GLU A OE1 1 
ATOM   130  O OE2 . GLU A 1 17  ? -3.658  6.690   15.787  1.00 48.39 ? 17  GLU A OE2 1 
ATOM   131  N N   . GLY A 1 18  ? -4.049  5.461   12.648  1.00 29.11 ? 18  GLY A N   1 
ATOM   132  C CA  . GLY A 1 18  ? -5.483  5.332   12.478  1.00 27.08 ? 18  GLY A CA  1 
ATOM   133  C C   . GLY A 1 18  ? -5.744  4.197   11.505  1.00 26.92 ? 18  GLY A C   1 
ATOM   134  O O   . GLY A 1 18  ? -6.638  3.369   11.699  1.00 26.03 ? 18  GLY A O   1 
ATOM   135  N N   . TYR A 1 19  ? -4.950  4.157   10.445  1.00 23.89 ? 19  TYR A N   1 
ATOM   136  C CA  . TYR A 1 19  ? -5.087  3.113   9.447   1.00 25.62 ? 19  TYR A CA  1 
ATOM   137  C C   . TYR A 1 19  ? -4.937  1.739   10.085  1.00 25.53 ? 19  TYR A C   1 
ATOM   138  O O   . TYR A 1 19  ? -5.767  0.857   9.881   1.00 27.05 ? 19  TYR A O   1 
ATOM   139  C CB  . TYR A 1 19  ? -4.031  3.288   8.350   1.00 25.12 ? 19  TYR A CB  1 
ATOM   140  C CG  . TYR A 1 19  ? -4.061  2.185   7.321   1.00 23.06 ? 19  TYR A CG  1 
ATOM   141  C CD1 . TYR A 1 19  ? -5.118  2.073   6.411   1.00 24.80 ? 19  TYR A CD1 1 
ATOM   142  C CD2 . TYR A 1 19  ? -3.065  1.215   7.296   1.00 24.56 ? 19  TYR A CD2 1 
ATOM   143  C CE1 . TYR A 1 19  ? -5.183  1.009   5.508   1.00 24.26 ? 19  TYR A CE1 1 
ATOM   144  C CE2 . TYR A 1 19  ? -3.118  0.156   6.401   1.00 24.27 ? 19  TYR A CE2 1 
ATOM   145  C CZ  . TYR A 1 19  ? -4.178  0.056   5.517   1.00 24.13 ? 19  TYR A CZ  1 
ATOM   146  O OH  . TYR A 1 19  ? -4.245  -1.027  4.684   1.00 26.37 ? 19  TYR A OH  1 
ATOM   147  N N   . MET A 1 20  ? -3.880  1.562   10.869  1.00 26.96 ? 20  MET A N   1 
ATOM   148  C CA  . MET A 1 20  ? -3.632  0.285   11.526  1.00 26.91 ? 20  MET A CA  1 
ATOM   149  C C   . MET A 1 20  ? -4.717  -0.090  12.526  1.00 26.72 ? 20  MET A C   1 
ATOM   150  O O   . MET A 1 20  ? -5.076  -1.265  12.655  1.00 24.79 ? 20  MET A O   1 
ATOM   151  C CB  . MET A 1 20  ? -2.288  0.310   12.232  1.00 26.30 ? 20  MET A CB  1 
ATOM   152  C CG  . MET A 1 20  ? -1.120  0.494   11.294  1.00 28.30 ? 20  MET A CG  1 
ATOM   153  S SD  . MET A 1 20  ? 0.388   0.030   12.116  1.00 29.65 ? 20  MET A SD  1 
ATOM   154  C CE  . MET A 1 20  ? 0.844   -1.417  11.176  1.00 31.93 ? 20  MET A CE  1 
ATOM   155  N N   . LEU A 1 21  ? -5.232  0.898   13.245  1.00 25.10 ? 21  LEU A N   1 
ATOM   156  C CA  . LEU A 1 21  ? -6.292  0.620   14.214  1.00 27.47 ? 21  LEU A CA  1 
ATOM   157  C C   . LEU A 1 21  ? -7.482  0.023   13.487  1.00 26.73 ? 21  LEU A C   1 
ATOM   158  O O   . LEU A 1 21  ? -8.074  -0.961  13.938  1.00 23.91 ? 21  LEU A O   1 
ATOM   159  C CB  . LEU A 1 21  ? -6.739  1.897   14.913  1.00 29.32 ? 21  LEU A CB  1 
ATOM   160  C CG  . LEU A 1 21  ? -5.860  2.464   16.025  1.00 35.08 ? 21  LEU A CG  1 
ATOM   161  C CD1 . LEU A 1 21  ? -6.434  3.805   16.482  1.00 34.07 ? 21  LEU A CD1 1 
ATOM   162  C CD2 . LEU A 1 21  ? -5.802  1.482   17.186  1.00 34.14 ? 21  LEU A CD2 1 
ATOM   163  N N   . ALA A 1 22  ? -7.836  0.650   12.366  1.00 25.48 ? 22  ALA A N   1 
ATOM   164  C CA  . ALA A 1 22  ? -8.956  0.210   11.555  1.00 27.66 ? 22  ALA A CA  1 
ATOM   165  C C   . ALA A 1 22  ? -8.748  -1.229  11.086  1.00 28.36 ? 22  ALA A C   1 
ATOM   166  O O   . ALA A 1 22  ? -9.709  -1.968  10.902  1.00 29.47 ? 22  ALA A O   1 
ATOM   167  C CB  . ALA A 1 22  ? -9.132  1.145   10.355  1.00 26.66 ? 22  ALA A CB  1 
ATOM   168  N N   . LEU A 1 23  ? -7.494  -1.628  10.896  1.00 30.04 ? 23  LEU A N   1 
ATOM   169  C CA  . LEU A 1 23  ? -7.210  -2.992  10.464  1.00 31.94 ? 23  LEU A CA  1 
ATOM   170  C C   . LEU A 1 23  ? -7.290  -3.952  11.633  1.00 32.92 ? 23  LEU A C   1 
ATOM   171  O O   . LEU A 1 23  ? -7.545  -5.137  11.451  1.00 34.99 ? 23  LEU A O   1 
ATOM   172  C CB  . LEU A 1 23  ? -5.821  -3.089  9.826   1.00 32.17 ? 23  LEU A CB  1 
ATOM   173  C CG  . LEU A 1 23  ? -5.676  -2.429  8.453   1.00 31.81 ? 23  LEU A CG  1 
ATOM   174  C CD1 . LEU A 1 23  ? -4.310  -2.748  7.874   1.00 34.17 ? 23  LEU A CD1 1 
ATOM   175  C CD2 . LEU A 1 23  ? -6.765  -2.952  7.518   1.00 34.42 ? 23  LEU A CD2 1 
ATOM   176  N N   . GLY A 1 24  ? -7.080  -3.440  12.837  1.00 33.97 ? 24  GLY A N   1 
ATOM   177  C CA  . GLY A 1 24  ? -7.130  -4.302  14.002  1.00 37.57 ? 24  GLY A CA  1 
ATOM   178  C C   . GLY A 1 24  ? -5.761  -4.836  14.387  1.00 38.72 ? 24  GLY A C   1 
ATOM   179  O O   . GLY A 1 24  ? -5.652  -5.931  14.932  1.00 38.39 ? 24  GLY A O   1 
ATOM   180  N N   . ILE A 1 25  ? -4.714  -4.069  14.095  1.00 39.34 ? 25  ILE A N   1 
ATOM   181  C CA  . ILE A 1 25  ? -3.360  -4.481  14.442  1.00 40.96 ? 25  ILE A CA  1 
ATOM   182  C C   . ILE A 1 25  ? -3.163  -4.168  15.921  1.00 42.15 ? 25  ILE A C   1 
ATOM   183  O O   . ILE A 1 25  ? -3.513  -3.080  16.379  1.00 39.45 ? 25  ILE A O   1 
ATOM   184  C CB  . ILE A 1 25  ? -2.304  -3.703  13.641  1.00 41.21 ? 25  ILE A CB  1 
ATOM   185  C CG1 . ILE A 1 25  ? -2.627  -3.746  12.144  1.00 41.05 ? 25  ILE A CG1 1 
ATOM   186  C CG2 . ILE A 1 25  ? -0.928  -4.299  13.909  1.00 41.23 ? 25  ILE A CG2 1 
ATOM   187  C CD1 . ILE A 1 25  ? -2.313  -5.063  11.469  1.00 44.16 ? 25  ILE A CD1 1 
ATOM   188  N N   . ASP A 1 26  ? -2.594  -5.109  16.668  1.00 45.67 ? 26  ASP A N   1 
ATOM   189  C CA  . ASP A 1 26  ? -2.392  -4.913  18.103  1.00 49.52 ? 26  ASP A CA  1 
ATOM   190  C C   . ASP A 1 26  ? -1.401  -3.816  18.483  1.00 50.53 ? 26  ASP A C   1 
ATOM   191  O O   . ASP A 1 26  ? -0.580  -3.379  17.672  1.00 50.37 ? 26  ASP A O   1 
ATOM   192  C CB  . ASP A 1 26  ? -1.974  -6.228  18.771  1.00 52.26 ? 26  ASP A CB  1 
ATOM   193  C CG  . ASP A 1 26  ? -0.671  -6.775  18.222  1.00 54.81 ? 26  ASP A CG  1 
ATOM   194  O OD1 . ASP A 1 26  ? -0.654  -7.196  17.046  1.00 57.39 ? 26  ASP A OD1 1 
ATOM   195  O OD2 . ASP A 1 26  ? 0.334   -6.780  18.965  1.00 55.81 ? 26  ASP A OD2 1 
ATOM   196  N N   . PHE A 1 27  ? -1.494  -3.388  19.737  1.00 51.30 ? 27  PHE A N   1 
ATOM   197  C CA  . PHE A 1 27  ? -0.651  -2.340  20.302  1.00 52.95 ? 27  PHE A CA  1 
ATOM   198  C C   . PHE A 1 27  ? 0.838   -2.550  20.017  1.00 52.58 ? 27  PHE A C   1 
ATOM   199  O O   . PHE A 1 27  ? 1.503   -1.658  19.485  1.00 52.37 ? 27  PHE A O   1 
ATOM   200  C CB  . PHE A 1 27  ? -0.899  -2.276  21.816  1.00 55.33 ? 27  PHE A CB  1 
ATOM   201  C CG  . PHE A 1 27  ? -0.325  -1.059  22.496  1.00 57.62 ? 27  PHE A CG  1 
ATOM   202  C CD1 . PHE A 1 27  ? -0.630  -0.805  23.828  1.00 59.18 ? 27  PHE A CD1 1 
ATOM   203  C CD2 . PHE A 1 27  ? 0.515   -0.175  21.827  1.00 59.57 ? 27  PHE A CD2 1 
ATOM   204  C CE1 . PHE A 1 27  ? -0.116  0.304   24.484  1.00 58.69 ? 27  PHE A CE1 1 
ATOM   205  C CE2 . PHE A 1 27  ? 1.037   0.941   22.478  1.00 59.60 ? 27  PHE A CE2 1 
ATOM   206  C CZ  . PHE A 1 27  ? 0.720   1.180   23.810  1.00 59.77 ? 27  PHE A CZ  1 
ATOM   207  N N   . ALA A 1 28  ? 1.357   -3.724  20.367  1.00 51.57 ? 28  ALA A N   1 
ATOM   208  C CA  . ALA A 1 28  ? 2.772   -4.032  20.162  1.00 51.32 ? 28  ALA A CA  1 
ATOM   209  C C   . ALA A 1 28  ? 3.258   -3.792  18.734  1.00 50.51 ? 28  ALA A C   1 
ATOM   210  O O   . ALA A 1 28  ? 4.247   -3.092  18.512  1.00 49.60 ? 28  ALA A O   1 
ATOM   211  C CB  . ALA A 1 28  ? 3.054   -5.474  20.562  1.00 52.01 ? 28  ALA A CB  1 
ATOM   212  N N   . THR A 1 29  ? 2.562   -4.377  17.769  1.00 49.45 ? 29  THR A N   1 
ATOM   213  C CA  . THR A 1 29  ? 2.942   -4.237  16.373  1.00 48.65 ? 29  THR A CA  1 
ATOM   214  C C   . THR A 1 29  ? 2.833   -2.807  15.861  1.00 48.33 ? 29  THR A C   1 
ATOM   215  O O   . THR A 1 29  ? 3.700   -2.348  15.118  1.00 48.32 ? 29  THR A O   1 
ATOM   216  C CB  . THR A 1 29  ? 2.095   -5.160  15.494  1.00 48.44 ? 29  THR A CB  1 
ATOM   217  O OG1 . THR A 1 29  ? 2.293   -6.515  15.912  1.00 49.07 ? 29  THR A OG1 1 
ATOM   218  C CG2 . THR A 1 29  ? 2.491   -5.026  14.036  1.00 48.18 ? 29  THR A CG2 1 
ATOM   219  N N   . ARG A 1 30  ? 1.777   -2.103  16.260  1.00 47.92 ? 30  ARG A N   1 
ATOM   220  C CA  . ARG A 1 30  ? 1.576   -0.722  15.824  1.00 48.20 ? 30  ARG A CA  1 
ATOM   221  C C   . ARG A 1 30  ? 2.640   0.230   16.351  1.00 47.99 ? 30  ARG A C   1 
ATOM   222  O O   . ARG A 1 30  ? 3.045   1.167   15.658  1.00 46.49 ? 30  ARG A O   1 
ATOM   223  C CB  . ARG A 1 30  ? 0.205   -0.200  16.261  1.00 48.95 ? 30  ARG A CB  1 
ATOM   224  C CG  . ARG A 1 30  ? -0.983  -0.820  15.546  1.00 50.48 ? 30  ARG A CG  1 
ATOM   225  C CD  . ARG A 1 30  ? -2.215  0.087   15.613  1.00 52.72 ? 30  ARG A CD  1 
ATOM   226  N NE  . ARG A 1 30  ? -2.990  -0.032  16.849  1.00 53.66 ? 30  ARG A NE  1 
ATOM   227  C CZ  . ARG A 1 30  ? -2.544  0.277   18.063  1.00 55.46 ? 30  ARG A CZ  1 
ATOM   228  N NH1 . ARG A 1 30  ? -1.309  0.725   18.236  1.00 57.05 ? 30  ARG A NH1 1 
ATOM   229  N NH2 . ARG A 1 30  ? -3.344  0.159   19.112  1.00 54.61 ? 30  ARG A NH2 1 
ATOM   230  N N   . LYS A 1 31  ? 3.081   -0.003  17.583  1.00 46.55 ? 31  LYS A N   1 
ATOM   231  C CA  . LYS A 1 31  ? 4.088   0.851   18.196  1.00 47.04 ? 31  LYS A CA  1 
ATOM   232  C C   . LYS A 1 31  ? 5.396   0.741   17.422  1.00 46.35 ? 31  LYS A C   1 
ATOM   233  O O   . LYS A 1 31  ? 6.082   1.736   17.181  1.00 45.39 ? 31  LYS A O   1 
ATOM   234  C CB  . LYS A 1 31  ? 4.308   0.439   19.653  1.00 47.89 ? 31  LYS A CB  1 
ATOM   235  C CG  . LYS A 1 31  ? 4.500   1.609   20.600  1.00 50.84 ? 31  LYS A CG  1 
ATOM   236  C CD  . LYS A 1 31  ? 3.301   2.555   20.555  1.00 52.13 ? 31  LYS A CD  1 
ATOM   237  C CE  . LYS A 1 31  ? 3.493   3.751   21.478  1.00 55.15 ? 31  LYS A CE  1 
ATOM   238  N NZ  . LYS A 1 31  ? 2.404   4.768   21.332  1.00 55.81 ? 31  LYS A NZ  1 
ATOM   239  N N   . ILE A 1 32  ? 5.728   -0.481  17.024  1.00 46.14 ? 32  ILE A N   1 
ATOM   240  C CA  . ILE A 1 32  ? 6.949   -0.736  16.274  1.00 46.41 ? 32  ILE A CA  1 
ATOM   241  C C   . ILE A 1 32  ? 6.814   -0.276  14.825  1.00 45.62 ? 32  ILE A C   1 
ATOM   242  O O   . ILE A 1 32  ? 7.718   0.367   14.286  1.00 45.49 ? 32  ILE A O   1 
ATOM   243  C CB  . ILE A 1 32  ? 7.304   -2.239  16.314  1.00 47.26 ? 32  ILE A CB  1 
ATOM   244  C CG1 . ILE A 1 32  ? 7.561   -2.663  17.766  1.00 48.97 ? 32  ILE A CG1 1 
ATOM   245  C CG2 . ILE A 1 32  ? 8.532   -2.516  15.449  1.00 47.49 ? 32  ILE A CG2 1 
ATOM   246  C CD1 . ILE A 1 32  ? 7.739   -4.158  17.970  1.00 47.94 ? 32  ILE A CD1 1 
ATOM   247  N N   . ALA A 1 33  ? 5.681   -0.589  14.201  1.00 44.20 ? 33  ALA A N   1 
ATOM   248  C CA  . ALA A 1 33  ? 5.449   -0.211  12.810  1.00 42.99 ? 33  ALA A CA  1 
ATOM   249  C C   . ALA A 1 33  ? 5.484   1.300   12.589  1.00 42.27 ? 33  ALA A C   1 
ATOM   250  O O   . ALA A 1 33  ? 6.033   1.771   11.593  1.00 41.85 ? 33  ALA A O   1 
ATOM   251  C CB  . ALA A 1 33  ? 4.119   -0.785  12.323  1.00 43.25 ? 33  ALA A CB  1 
ATOM   252  N N   . LYS A 1 34  ? 4.910   2.067   13.511  1.00 41.63 ? 34  LYS A N   1 
ATOM   253  C CA  . LYS A 1 34  ? 4.899   3.516   13.358  1.00 41.58 ? 34  LYS A CA  1 
ATOM   254  C C   . LYS A 1 34  ? 6.292   4.149   13.459  1.00 41.22 ? 34  LYS A C   1 
ATOM   255  O O   . LYS A 1 34  ? 6.464   5.321   13.138  1.00 40.40 ? 34  LYS A O   1 
ATOM   256  C CB  . LYS A 1 34  ? 3.927   4.146   14.371  1.00 43.28 ? 34  LYS A CB  1 
ATOM   257  C CG  . LYS A 1 34  ? 4.534   5.087   15.400  1.00 44.78 ? 34  LYS A CG  1 
ATOM   258  C CD  . LYS A 1 34  ? 5.007   4.345   16.642  1.00 45.28 ? 34  LYS A CD  1 
ATOM   259  C CE  . LYS A 1 34  ? 5.347   5.319   17.764  1.00 45.65 ? 34  LYS A CE  1 
ATOM   260  N NZ  . LYS A 1 34  ? 5.763   4.631   19.016  1.00 45.26 ? 34  LYS A NZ  1 
ATOM   261  N N   . LEU A 1 35  ? 7.280   3.363   13.889  1.00 41.64 ? 35  LEU A N   1 
ATOM   262  C CA  . LEU A 1 35  ? 8.666   3.835   14.017  1.00 42.39 ? 35  LEU A CA  1 
ATOM   263  C C   . LEU A 1 35  ? 9.503   3.480   12.792  1.00 41.62 ? 35  LEU A C   1 
ATOM   264  O O   . LEU A 1 35  ? 10.686  3.814   12.722  1.00 42.65 ? 35  LEU A O   1 
ATOM   265  C CB  . LEU A 1 35  ? 9.344   3.217   15.245  1.00 43.54 ? 35  LEU A CB  1 
ATOM   266  C CG  . LEU A 1 35  ? 9.010   3.732   16.644  1.00 45.25 ? 35  LEU A CG  1 
ATOM   267  C CD1 . LEU A 1 35  ? 9.756   2.895   17.672  1.00 45.07 ? 35  LEU A CD1 1 
ATOM   268  C CD2 . LEU A 1 35  ? 9.390   5.203   16.758  1.00 46.33 ? 35  LEU A CD2 1 
ATOM   269  N N   . LEU A 1 36  ? 8.890   2.801   11.830  1.00 40.13 ? 36  LEU A N   1 
ATOM   270  C CA  . LEU A 1 36  ? 9.591   2.391   10.625  1.00 38.07 ? 36  LEU A CA  1 
ATOM   271  C C   . LEU A 1 36  ? 9.570   3.398   9.485   1.00 37.83 ? 36  LEU A C   1 
ATOM   272  O O   . LEU A 1 36  ? 8.701   4.265   9.412   1.00 37.06 ? 36  LEU A O   1 
ATOM   273  C CB  . LEU A 1 36  ? 9.018   1.068   10.117  1.00 37.23 ? 36  LEU A CB  1 
ATOM   274  C CG  . LEU A 1 36  ? 9.125   -0.119  11.074  1.00 37.57 ? 36  LEU A CG  1 
ATOM   275  C CD1 . LEU A 1 36  ? 8.491   -1.340  10.436  1.00 38.56 ? 36  LEU A CD1 1 
ATOM   276  C CD2 . LEU A 1 36  ? 10.583  -0.389  11.398  1.00 37.44 ? 36  LEU A CD2 1 
ATOM   277  N N   . LYS A 1 37  ? 10.556  3.263   8.603   1.00 37.18 ? 37  LYS A N   1 
ATOM   278  C CA  . LYS A 1 37  ? 10.698  4.088   7.409   1.00 37.39 ? 37  LYS A CA  1 
ATOM   279  C C   . LYS A 1 37  ? 10.870  3.078   6.276   1.00 35.32 ? 37  LYS A C   1 
ATOM   280  O O   . LYS A 1 37  ? 11.935  2.963   5.676   1.00 33.12 ? 37  LYS A O   1 
ATOM   281  C CB  . LYS A 1 37  ? 11.932  4.989   7.512   1.00 38.29 ? 37  LYS A CB  1 
ATOM   282  C CG  . LYS A 1 37  ? 11.746  6.206   8.420   1.00 41.06 ? 37  LYS A CG  1 
ATOM   283  C CD  . LYS A 1 37  ? 10.788  7.207   7.801   1.00 40.71 ? 37  LYS A CD  1 
ATOM   284  C CE  . LYS A 1 37  ? 10.598  8.434   8.683   1.00 43.73 ? 37  LYS A CE  1 
ATOM   285  N NZ  . LYS A 1 37  ? 9.728   9.445   8.025   1.00 43.45 ? 37  LYS A NZ  1 
ATOM   286  N N   . PRO A 1 38  ? 9.807   2.316   5.987   1.00 35.01 ? 38  PRO A N   1 
ATOM   287  C CA  . PRO A 1 38  ? 9.814   1.300   4.937   1.00 33.68 ? 38  PRO A CA  1 
ATOM   288  C C   . PRO A 1 38  ? 10.174  1.791   3.539   1.00 32.98 ? 38  PRO A C   1 
ATOM   289  O O   . PRO A 1 38  ? 9.919   2.944   3.177   1.00 32.52 ? 38  PRO A O   1 
ATOM   290  C CB  . PRO A 1 38  ? 8.402   0.724   5.009   1.00 35.85 ? 38  PRO A CB  1 
ATOM   291  C CG  . PRO A 1 38  ? 7.583   1.887   5.501   1.00 34.46 ? 38  PRO A CG  1 
ATOM   292  C CD  . PRO A 1 38  ? 8.461   2.454   6.575   1.00 35.55 ? 38  PRO A CD  1 
ATOM   293  N N   . GLN A 1 39  ? 10.804  0.906   2.773   1.00 30.82 ? 39  GLN A N   1 
ATOM   294  C CA  . GLN A 1 39  ? 11.179  1.205   1.405   1.00 32.83 ? 39  GLN A CA  1 
ATOM   295  C C   . GLN A 1 39  ? 10.167  0.537   0.500   1.00 31.47 ? 39  GLN A C   1 
ATOM   296  O O   . GLN A 1 39  ? 9.648   -0.539  0.811   1.00 31.40 ? 39  GLN A O   1 
ATOM   297  C CB  . GLN A 1 39  ? 12.570  0.669   1.078   1.00 34.69 ? 39  GLN A CB  1 
ATOM   298  C CG  . GLN A 1 39  ? 13.690  1.618   1.422   1.00 41.60 ? 39  GLN A CG  1 
ATOM   299  C CD  . GLN A 1 39  ? 14.898  1.416   0.531   1.00 42.63 ? 39  GLN A CD  1 
ATOM   300  O OE1 . GLN A 1 39  ? 15.834  2.216   0.539   1.00 45.89 ? 39  GLN A OE1 1 
ATOM   301  N NE2 . GLN A 1 39  ? 14.885  0.342   -0.247  1.00 42.84 ? 39  GLN A NE2 1 
ATOM   302  N N   . LYS A 1 40  ? 9.877   1.178   -0.618  1.00 28.92 ? 40  LYS A N   1 
ATOM   303  C CA  . LYS A 1 40  ? 8.927   0.615   -1.551  1.00 27.24 ? 40  LYS A CA  1 
ATOM   304  C C   . LYS A 1 40  ? 9.579   0.476   -2.917  1.00 24.18 ? 40  LYS A C   1 
ATOM   305  O O   . LYS A 1 40  ? 10.061  1.455   -3.484  1.00 20.20 ? 40  LYS A O   1 
ATOM   306  C CB  . LYS A 1 40  ? 7.693   1.512   -1.650  1.00 30.99 ? 40  LYS A CB  1 
ATOM   307  C CG  . LYS A 1 40  ? 6.382   0.798   -1.330  1.00 36.35 ? 40  LYS A CG  1 
ATOM   308  C CD  . LYS A 1 40  ? 5.258   1.790   -1.070  1.00 39.22 ? 40  LYS A CD  1 
ATOM   309  C CE  . LYS A 1 40  ? 4.015   1.103   -0.496  1.00 41.96 ? 40  LYS A CE  1 
ATOM   310  N NZ  . LYS A 1 40  ? 3.336   0.189   -1.462  1.00 44.88 ? 40  LYS A NZ  1 
ATOM   311  N N   . VAL A 1 41  ? 9.634   -0.746  -3.429  1.00 19.01 ? 41  VAL A N   1 
ATOM   312  C CA  . VAL A 1 41  ? 10.190  -0.934  -4.756  1.00 20.09 ? 41  VAL A CA  1 
ATOM   313  C C   . VAL A 1 41  ? 9.055   -1.336  -5.682  1.00 19.48 ? 41  VAL A C   1 
ATOM   314  O O   . VAL A 1 41  ? 8.339   -2.328  -5.438  1.00 17.45 ? 41  VAL A O   1 
ATOM   315  C CB  . VAL A 1 41  ? 11.265  -2.027  -4.821  1.00 22.71 ? 41  VAL A CB  1 
ATOM   316  C CG1 . VAL A 1 41  ? 11.888  -2.020  -6.222  1.00 19.98 ? 41  VAL A CG1 1 
ATOM   317  C CG2 . VAL A 1 41  ? 12.327  -1.801  -3.759  1.00 20.57 ? 41  VAL A CG2 1 
ATOM   318  N N   . ILE A 1 42  ? 8.891   -0.558  -6.740  1.00 15.62 ? 42  ILE A N   1 
ATOM   319  C CA  . ILE A 1 42  ? 7.845   -0.799  -7.723  1.00 18.50 ? 42  ILE A CA  1 
ATOM   320  C C   . ILE A 1 42  ? 8.418   -1.163  -9.084  1.00 21.58 ? 42  ILE A C   1 
ATOM   321  O O   . ILE A 1 42  ? 9.121   -0.365  -9.709  1.00 21.05 ? 42  ILE A O   1 
ATOM   322  C CB  . ILE A 1 42  ? 6.948   0.448   -7.913  1.00 19.45 ? 42  ILE A CB  1 
ATOM   323  C CG1 . ILE A 1 42  ? 6.306   0.837   -6.580  1.00 21.43 ? 42  ILE A CG1 1 
ATOM   324  C CG2 . ILE A 1 42  ? 5.857   0.155   -8.954  1.00 19.01 ? 42  ILE A CG2 1 
ATOM   325  C CD1 . ILE A 1 42  ? 5.525   2.144   -6.635  1.00 20.51 ? 42  ILE A CD1 1 
ATOM   326  N N   . GLU A 1 43  ? 8.117   -2.378  -9.529  1.00 22.61 ? 43  GLU A N   1 
ATOM   327  C CA  . GLU A 1 43  ? 8.557   -2.854  -10.830 1.00 23.51 ? 43  GLU A CA  1 
ATOM   328  C C   . GLU A 1 43  ? 7.321   -2.814  -11.721 1.00 23.94 ? 43  GLU A C   1 
ATOM   329  O O   . GLU A 1 43  ? 6.326   -3.495  -11.466 1.00 22.93 ? 43  GLU A O   1 
ATOM   330  C CB  . GLU A 1 43  ? 9.099   -4.271  -10.719 1.00 24.43 ? 43  GLU A CB  1 
ATOM   331  C CG  . GLU A 1 43  ? 10.186  -4.415  -9.676  1.00 30.58 ? 43  GLU A CG  1 
ATOM   332  C CD  . GLU A 1 43  ? 10.824  -5.779  -9.713  1.00 36.56 ? 43  GLU A CD  1 
ATOM   333  O OE1 . GLU A 1 43  ? 11.551  -6.049  -10.689 1.00 39.70 ? 43  GLU A OE1 1 
ATOM   334  O OE2 . GLU A 1 43  ? 10.591  -6.581  -8.783  1.00 39.54 ? 43  GLU A OE2 1 
ATOM   335  N N   . GLN A 1 44  ? 7.390   -2.007  -12.768 1.00 22.90 ? 44  GLN A N   1 
ATOM   336  C CA  . GLN A 1 44  ? 6.257   -1.832  -13.656 1.00 24.93 ? 44  GLN A CA  1 
ATOM   337  C C   . GLN A 1 44  ? 6.543   -2.200  -15.105 1.00 25.56 ? 44  GLN A C   1 
ATOM   338  O O   . GLN A 1 44  ? 7.378   -1.579  -15.763 1.00 22.12 ? 44  GLN A O   1 
ATOM   339  C CB  . GLN A 1 44  ? 5.807   -0.373  -13.576 1.00 23.59 ? 44  GLN A CB  1 
ATOM   340  C CG  . GLN A 1 44  ? 4.530   -0.050  -14.317 1.00 23.03 ? 44  GLN A CG  1 
ATOM   341  C CD  . GLN A 1 44  ? 4.137   1.410   -14.163 1.00 20.84 ? 44  GLN A CD  1 
ATOM   342  O OE1 . GLN A 1 44  ? 4.566   2.084   -13.225 1.00 21.42 ? 44  GLN A OE1 1 
ATOM   343  N NE2 . GLN A 1 44  ? 3.311   1.896   -15.073 1.00 20.62 ? 44  GLN A NE2 1 
ATOM   344  N N   . ASN A 1 45  ? 5.845   -3.218  -15.598 1.00 26.88 ? 45  ASN A N   1 
ATOM   345  C CA  . ASN A 1 45  ? 6.010   -3.645  -16.980 1.00 28.65 ? 45  ASN A CA  1 
ATOM   346  C C   . ASN A 1 45  ? 4.636   -3.557  -17.610 1.00 29.95 ? 45  ASN A C   1 
ATOM   347  O O   . ASN A 1 45  ? 3.839   -4.490  -17.522 1.00 29.84 ? 45  ASN A O   1 
ATOM   348  C CB  . ASN A 1 45  ? 6.542   -5.081  -17.052 1.00 31.17 ? 45  ASN A CB  1 
ATOM   349  C CG  . ASN A 1 45  ? 6.814   -5.527  -18.477 1.00 33.21 ? 45  ASN A CG  1 
ATOM   350  O OD1 . ASN A 1 45  ? 7.289   -4.747  -19.299 1.00 35.92 ? 45  ASN A OD1 1 
ATOM   351  N ND2 . ASN A 1 45  ? 6.522   -6.787  -18.773 1.00 34.14 ? 45  ASN A ND2 1 
ATOM   352  N N   . GLY A 1 46  ? 4.357   -2.427  -18.248 1.00 29.55 ? 46  GLY A N   1 
ATOM   353  C CA  . GLY A 1 46  ? 3.049   -2.255  -18.840 1.00 31.82 ? 46  GLY A CA  1 
ATOM   354  C C   . GLY A 1 46  ? 2.076   -2.218  -17.677 1.00 33.13 ? 46  GLY A C   1 
ATOM   355  O O   . GLY A 1 46  ? 2.245   -1.410  -16.762 1.00 31.74 ? 46  GLY A O   1 
ATOM   356  N N   . ASP A 1 47  ? 1.074   -3.097  -17.695 1.00 33.73 ? 47  ASP A N   1 
ATOM   357  C CA  . ASP A 1 47  ? 0.088   -3.148  -16.620 1.00 34.10 ? 47  ASP A CA  1 
ATOM   358  C C   . ASP A 1 47  ? 0.429   -4.224  -15.597 1.00 32.01 ? 47  ASP A C   1 
ATOM   359  O O   . ASP A 1 47  ? -0.353  -4.510  -14.690 1.00 31.26 ? 47  ASP A O   1 
ATOM   360  C CB  . ASP A 1 47  ? -1.308  -3.387  -17.198 1.00 36.98 ? 47  ASP A CB  1 
ATOM   361  C CG  . ASP A 1 47  ? -1.948  -2.108  -17.714 1.00 40.14 ? 47  ASP A CG  1 
ATOM   362  O OD1 . ASP A 1 47  ? -2.946  -2.201  -18.467 1.00 41.13 ? 47  ASP A OD1 1 
ATOM   363  O OD2 . ASP A 1 47  ? -1.457  -1.008  -17.361 1.00 40.21 ? 47  ASP A OD2 1 
ATOM   364  N N   . SER A 1 48  ? 1.606   -4.814  -15.751 1.00 29.34 ? 48  SER A N   1 
ATOM   365  C CA  . SER A 1 48  ? 2.068   -5.843  -14.836 1.00 28.18 ? 48  SER A CA  1 
ATOM   366  C C   . SER A 1 48  ? 2.908   -5.201  -13.729 1.00 26.29 ? 48  SER A C   1 
ATOM   367  O O   . SER A 1 48  ? 3.922   -4.567  -13.996 1.00 25.33 ? 48  SER A O   1 
ATOM   368  C CB  . SER A 1 48  ? 2.898   -6.869  -15.606 1.00 29.87 ? 48  SER A CB  1 
ATOM   369  O OG  . SER A 1 48  ? 3.472   -7.815  -14.734 1.00 36.13 ? 48  SER A OG  1 
ATOM   370  N N   . PHE A 1 49  ? 2.484   -5.373  -12.485 1.00 24.14 ? 49  PHE A N   1 
ATOM   371  C CA  . PHE A 1 49  ? 3.196   -4.798  -11.354 1.00 21.24 ? 49  PHE A CA  1 
ATOM   372  C C   . PHE A 1 49  ? 3.660   -5.803  -10.326 1.00 22.34 ? 49  PHE A C   1 
ATOM   373  O O   . PHE A 1 49  ? 3.055   -6.852  -10.133 1.00 20.42 ? 49  PHE A O   1 
ATOM   374  C CB  . PHE A 1 49  ? 2.305   -3.805  -10.607 1.00 19.96 ? 49  PHE A CB  1 
ATOM   375  C CG  . PHE A 1 49  ? 2.092   -2.505  -11.321 1.00 16.20 ? 49  PHE A CG  1 
ATOM   376  C CD1 . PHE A 1 49  ? 2.785   -1.367  -10.935 1.00 18.56 ? 49  PHE A CD1 1 
ATOM   377  C CD2 . PHE A 1 49  ? 1.177   -2.411  -12.359 1.00 15.62 ? 49  PHE A CD2 1 
ATOM   378  C CE1 . PHE A 1 49  ? 2.562   -0.141  -11.580 1.00 15.79 ? 49  PHE A CE1 1 
ATOM   379  C CE2 . PHE A 1 49  ? 0.950   -1.204  -13.000 1.00 18.52 ? 49  PHE A CE2 1 
ATOM   380  C CZ  . PHE A 1 49  ? 1.645   -0.067  -12.608 1.00 13.74 ? 49  PHE A CZ  1 
ATOM   381  N N   . THR A 1 50  ? 4.751   -5.451  -9.667  1.00 22.01 ? 50  THR A N   1 
ATOM   382  C CA  . THR A 1 50  ? 5.270   -6.220  -8.558  1.00 25.55 ? 50  THR A CA  1 
ATOM   383  C C   . THR A 1 50  ? 5.710   -5.100  -7.619  1.00 24.28 ? 50  THR A C   1 
ATOM   384  O O   . THR A 1 50  ? 6.516   -4.237  -7.990  1.00 21.32 ? 50  THR A O   1 
ATOM   385  C CB  . THR A 1 50  ? 6.456   -7.144  -8.949  1.00 29.99 ? 50  THR A CB  1 
ATOM   386  O OG1 . THR A 1 50  ? 7.574   -6.872  -8.102  1.00 37.35 ? 50  THR A OG1 1 
ATOM   387  C CG2 . THR A 1 50  ? 6.849   -6.946  -10.391 1.00 37.27 ? 50  THR A CG2 1 
ATOM   388  N N   . ILE A 1 51  ? 5.125   -5.071  -6.430  1.00 22.02 ? 51  ILE A N   1 
ATOM   389  C CA  . ILE A 1 51  ? 5.457   -4.043  -5.457  1.00 23.94 ? 51  ILE A CA  1 
ATOM   390  C C   . ILE A 1 51  ? 6.046   -4.654  -4.194  1.00 25.08 ? 51  ILE A C   1 
ATOM   391  O O   . ILE A 1 51  ? 5.409   -5.483  -3.538  1.00 26.61 ? 51  ILE A O   1 
ATOM   392  C CB  . ILE A 1 51  ? 4.204   -3.217  -5.066  1.00 25.68 ? 51  ILE A CB  1 
ATOM   393  C CG1 . ILE A 1 51  ? 3.653   -2.489  -6.288  1.00 25.53 ? 51  ILE A CG1 1 
ATOM   394  C CG2 . ILE A 1 51  ? 4.553   -2.223  -3.951  1.00 26.67 ? 51  ILE A CG2 1 
ATOM   395  C CD1 . ILE A 1 51  ? 2.405   -1.660  -6.003  1.00 28.44 ? 51  ILE A CD1 1 
ATOM   396  N N   . HIS A 1 52  ? 7.264   -4.248  -3.859  1.00 23.88 ? 52  HIS A N   1 
ATOM   397  C CA  . HIS A 1 52  ? 7.924   -4.738  -2.659  1.00 26.72 ? 52  HIS A CA  1 
ATOM   398  C C   . HIS A 1 52  ? 7.840   -3.696  -1.547  1.00 25.62 ? 52  HIS A C   1 
ATOM   399  O O   . HIS A 1 52  ? 8.089   -2.515  -1.775  1.00 24.35 ? 52  HIS A O   1 
ATOM   400  C CB  . HIS A 1 52  ? 9.406   -5.034  -2.918  1.00 24.86 ? 52  HIS A CB  1 
ATOM   401  C CG  . HIS A 1 52  ? 9.665   -6.317  -3.646  1.00 30.00 ? 52  HIS A CG  1 
ATOM   402  N ND1 . HIS A 1 52  ? 9.402   -6.482  -4.988  1.00 29.97 ? 52  HIS A ND1 1 
ATOM   403  C CD2 . HIS A 1 52  ? 10.194  -7.487  -3.218  1.00 29.44 ? 52  HIS A CD2 1 
ATOM   404  C CE1 . HIS A 1 52  ? 9.760   -7.699  -5.356  1.00 30.94 ? 52  HIS A CE1 1 
ATOM   405  N NE2 . HIS A 1 52  ? 10.243  -8.328  -4.303  1.00 31.53 ? 52  HIS A NE2 1 
ATOM   406  N N   . THR A 1 53  ? 7.475   -4.126  -0.346  1.00 25.42 ? 53  THR A N   1 
ATOM   407  C CA  . THR A 1 53  ? 7.439   -3.213  0.788   1.00 27.22 ? 53  THR A CA  1 
ATOM   408  C C   . THR A 1 53  ? 8.412   -3.790  1.801   1.00 28.42 ? 53  THR A C   1 
ATOM   409  O O   . THR A 1 53  ? 8.128   -4.800  2.443   1.00 28.81 ? 53  THR A O   1 
ATOM   410  C CB  . THR A 1 53  ? 6.041   -3.108  1.409   1.00 26.41 ? 53  THR A CB  1 
ATOM   411  O OG1 . THR A 1 53  ? 5.150   -2.525  0.456   1.00 24.59 ? 53  THR A OG1 1 
ATOM   412  C CG2 . THR A 1 53  ? 6.081   -2.225  2.653   1.00 26.68 ? 53  THR A CG2 1 
ATOM   413  N N   . ASN A 1 54  ? 9.571   -3.160  1.918   1.00 27.10 ? 54  ASN A N   1 
ATOM   414  C CA  . ASN A 1 54  ? 10.607  -3.627  2.827   1.00 30.83 ? 54  ASN A CA  1 
ATOM   415  C C   . ASN A 1 54  ? 10.726  -2.773  4.086   1.00 31.80 ? 54  ASN A C   1 
ATOM   416  O O   . ASN A 1 54  ? 10.704  -1.538  4.026   1.00 28.48 ? 54  ASN A O   1 
ATOM   417  C CB  . ASN A 1 54  ? 11.946  -3.663  2.085   1.00 32.40 ? 54  ASN A CB  1 
ATOM   418  C CG  . ASN A 1 54  ? 11.873  -4.475  0.800   1.00 35.14 ? 54  ASN A CG  1 
ATOM   419  O OD1 . ASN A 1 54  ? 12.606  -4.222  -0.153  1.00 35.88 ? 54  ASN A OD1 1 
ATOM   420  N ND2 . ASN A 1 54  ? 10.987  -5.459  0.775   1.00 33.36 ? 54  ASN A ND2 1 
ATOM   421  N N   . SER A 1 55  ? 10.838  -3.447  5.227   1.00 33.19 ? 55  SER A N   1 
ATOM   422  C CA  . SER A 1 55  ? 10.971  -2.773  6.509   1.00 37.25 ? 55  SER A CA  1 
ATOM   423  C C   . SER A 1 55  ? 11.583  -3.703  7.551   1.00 40.01 ? 55  SER A C   1 
ATOM   424  O O   . SER A 1 55  ? 11.708  -4.911  7.333   1.00 39.73 ? 55  SER A O   1 
ATOM   425  C CB  . SER A 1 55  ? 9.609   -2.281  7.010   1.00 37.52 ? 55  SER A CB  1 
ATOM   426  O OG  . SER A 1 55  ? 8.804   -3.354  7.469   1.00 37.72 ? 55  SER A OG  1 
ATOM   427  N N   . SER A 1 56  ? 11.959  -3.127  8.688   1.00 42.32 ? 56  SER A N   1 
ATOM   428  C CA  . SER A 1 56  ? 12.563  -3.887  9.772   1.00 45.32 ? 56  SER A CA  1 
ATOM   429  C C   . SER A 1 56  ? 11.641  -4.998  10.278  1.00 46.90 ? 56  SER A C   1 
ATOM   430  O O   . SER A 1 56  ? 11.977  -6.183  10.201  1.00 48.67 ? 56  SER A O   1 
ATOM   431  C CB  . SER A 1 56  ? 12.915  -2.949  10.937  1.00 46.39 ? 56  SER A CB  1 
ATOM   432  O OG  . SER A 1 56  ? 13.776  -1.899  10.526  1.00 45.48 ? 56  SER A OG  1 
ATOM   433  N N   . LEU A 1 57  ? 10.474  -4.603  10.783  1.00 47.54 ? 57  LEU A N   1 
ATOM   434  C CA  . LEU A 1 57  ? 9.500   -5.538  11.341  1.00 49.06 ? 57  LEU A CA  1 
ATOM   435  C C   . LEU A 1 57  ? 8.928   -6.574  10.380  1.00 48.49 ? 57  LEU A C   1 
ATOM   436  O O   . LEU A 1 57  ? 8.458   -7.625  10.813  1.00 47.63 ? 57  LEU A O   1 
ATOM   437  C CB  . LEU A 1 57  ? 8.353   -4.758  12.001  1.00 50.50 ? 57  LEU A CB  1 
ATOM   438  C CG  . LEU A 1 57  ? 6.909   -4.925  11.512  1.00 51.82 ? 57  LEU A CG  1 
ATOM   439  C CD1 . LEU A 1 57  ? 5.962   -4.219  12.482  1.00 53.07 ? 57  LEU A CD1 1 
ATOM   440  C CD2 . LEU A 1 57  ? 6.759   -4.351  10.110  1.00 53.81 ? 57  LEU A CD2 1 
ATOM   441  N N   . ARG A 1 58  ? 8.963   -6.287  9.084   1.00 48.08 ? 58  ARG A N   1 
ATOM   442  C CA  . ARG A 1 58  ? 8.421   -7.223  8.109   1.00 48.26 ? 58  ARG A CA  1 
ATOM   443  C C   . ARG A 1 58  ? 8.616   -6.801  6.665   1.00 46.49 ? 58  ARG A C   1 
ATOM   444  O O   . ARG A 1 58  ? 8.603   -5.615  6.344   1.00 45.11 ? 58  ARG A O   1 
ATOM   445  C CB  . ARG A 1 58  ? 6.927   -7.429  8.360   1.00 50.44 ? 58  ARG A CB  1 
ATOM   446  C CG  . ARG A 1 58  ? 6.576   -8.793  8.912   1.00 55.18 ? 58  ARG A CG  1 
ATOM   447  C CD  . ARG A 1 58  ? 5.683   -8.678  10.135  1.00 57.25 ? 58  ARG A CD  1 
ATOM   448  N NE  . ARG A 1 58  ? 5.354   -9.992  10.679  1.00 59.14 ? 58  ARG A NE  1 
ATOM   449  C CZ  . ARG A 1 58  ? 4.673   -10.188 11.801  1.00 60.32 ? 58  ARG A CZ  1 
ATOM   450  N NH1 . ARG A 1 58  ? 4.419   -11.423 12.215  1.00 61.04 ? 58  ARG A NH1 1 
ATOM   451  N NH2 . ARG A 1 58  ? 4.249   -9.152  12.514  1.00 61.62 ? 58  ARG A NH2 1 
ATOM   452  N N   . ASN A 1 59  ? 8.795   -7.796  5.802   1.00 44.17 ? 59  ASN A N   1 
ATOM   453  C CA  . ASN A 1 59  ? 8.955   -7.571  4.371   1.00 42.62 ? 59  ASN A CA  1 
ATOM   454  C C   . ASN A 1 59  ? 7.663   -8.019  3.704   1.00 41.48 ? 59  ASN A C   1 
ATOM   455  O O   . ASN A 1 59  ? 7.136   -9.089  4.015   1.00 40.58 ? 59  ASN A O   1 
ATOM   456  C CB  . ASN A 1 59  ? 10.129  -8.380  3.815   1.00 42.49 ? 59  ASN A CB  1 
ATOM   457  C CG  . ASN A 1 59  ? 11.444  -7.641  3.901   1.00 42.53 ? 59  ASN A CG  1 
ATOM   458  O OD1 . ASN A 1 59  ? 12.478  -8.148  3.467   1.00 43.89 ? 59  ASN A OD1 1 
ATOM   459  N ND2 . ASN A 1 59  ? 11.416  -6.434  4.456   1.00 42.97 ? 59  ASN A ND2 1 
ATOM   460  N N   . TYR A 1 60  ? 7.152   -7.198  2.795   1.00 39.22 ? 60  TYR A N   1 
ATOM   461  C CA  . TYR A 1 60  ? 5.909   -7.506  2.101   1.00 38.41 ? 60  TYR A CA  1 
ATOM   462  C C   . TYR A 1 60  ? 6.088   -7.516  0.588   1.00 37.90 ? 60  TYR A C   1 
ATOM   463  O O   . TYR A 1 60  ? 6.923   -6.798  0.037   1.00 35.02 ? 60  TYR A O   1 
ATOM   464  C CB  . TYR A 1 60  ? 4.833   -6.491  2.489   1.00 40.06 ? 60  TYR A CB  1 
ATOM   465  C CG  . TYR A 1 60  ? 4.416   -6.559  3.940   1.00 42.46 ? 60  TYR A CG  1 
ATOM   466  C CD1 . TYR A 1 60  ? 3.696   -7.651  4.428   1.00 42.88 ? 60  TYR A CD1 1 
ATOM   467  C CD2 . TYR A 1 60  ? 4.728   -5.525  4.824   1.00 42.18 ? 60  TYR A CD2 1 
ATOM   468  C CE1 . TYR A 1 60  ? 3.295   -7.712  5.761   1.00 43.46 ? 60  TYR A CE1 1 
ATOM   469  C CE2 . TYR A 1 60  ? 4.332   -5.575  6.160   1.00 43.71 ? 60  TYR A CE2 1 
ATOM   470  C CZ  . TYR A 1 60  ? 3.614   -6.672  6.622   1.00 43.62 ? 60  TYR A CZ  1 
ATOM   471  O OH  . TYR A 1 60  ? 3.220   -6.725  7.941   1.00 43.60 ? 60  TYR A OH  1 
ATOM   472  N N   . PHE A 1 61  ? 5.277   -8.323  -0.082  1.00 36.44 ? 61  PHE A N   1 
ATOM   473  C CA  . PHE A 1 61  ? 5.367   -8.451  -1.524  1.00 36.06 ? 61  PHE A CA  1 
ATOM   474  C C   . PHE A 1 61  ? 3.999   -8.665  -2.177  1.00 34.05 ? 61  PHE A C   1 
ATOM   475  O O   . PHE A 1 61  ? 3.241   -9.531  -1.763  1.00 32.38 ? 61  PHE A O   1 
ATOM   476  C CB  . PHE A 1 61  ? 6.327   -9.613  -1.826  1.00 41.53 ? 61  PHE A CB  1 
ATOM   477  C CG  . PHE A 1 61  ? 6.206   -10.185 -3.206  1.00 44.64 ? 61  PHE A CG  1 
ATOM   478  C CD1 . PHE A 1 61  ? 5.173   -11.061 -3.524  1.00 45.69 ? 61  PHE A CD1 1 
ATOM   479  C CD2 . PHE A 1 61  ? 7.153   -9.881  -4.180  1.00 47.37 ? 61  PHE A CD2 1 
ATOM   480  C CE1 . PHE A 1 61  ? 5.084   -11.629 -4.790  1.00 48.29 ? 61  PHE A CE1 1 
ATOM   481  C CE2 . PHE A 1 61  ? 7.075   -10.443 -5.453  1.00 47.77 ? 61  PHE A CE2 1 
ATOM   482  C CZ  . PHE A 1 61  ? 6.039   -11.320 -5.759  1.00 48.08 ? 61  PHE A CZ  1 
ATOM   483  N N   . VAL A 1 62  ? 3.673   -7.860  -3.181  1.00 30.26 ? 62  VAL A N   1 
ATOM   484  C CA  . VAL A 1 62  ? 2.407   -8.028  -3.879  1.00 27.67 ? 62  VAL A CA  1 
ATOM   485  C C   . VAL A 1 62  ? 2.683   -7.982  -5.371  1.00 26.67 ? 62  VAL A C   1 
ATOM   486  O O   . VAL A 1 62  ? 3.345   -7.073  -5.875  1.00 24.66 ? 62  VAL A O   1 
ATOM   487  C CB  . VAL A 1 62  ? 1.354   -6.943  -3.489  1.00 28.60 ? 62  VAL A CB  1 
ATOM   488  C CG1 . VAL A 1 62  ? 1.696   -5.608  -4.114  1.00 25.62 ? 62  VAL A CG1 1 
ATOM   489  C CG2 . VAL A 1 62  ? -0.029  -7.393  -3.917  1.00 27.75 ? 62  VAL A CG2 1 
ATOM   490  N N   . LYS A 1 63  ? 2.181   -8.980  -6.076  1.00 23.99 ? 63  LYS A N   1 
ATOM   491  C CA  . LYS A 1 63  ? 2.390   -9.067  -7.510  1.00 27.52 ? 63  LYS A CA  1 
ATOM   492  C C   . LYS A 1 63  ? 1.024   -9.108  -8.163  1.00 25.76 ? 63  LYS A C   1 
ATOM   493  O O   . LYS A 1 63  ? 0.183   -9.916  -7.778  1.00 27.24 ? 63  LYS A O   1 
ATOM   494  C CB  . LYS A 1 63  ? 3.175   -10.340 -7.819  1.00 29.30 ? 63  LYS A CB  1 
ATOM   495  C CG  . LYS A 1 63  ? 3.775   -10.412 -9.203  1.00 33.65 ? 63  LYS A CG  1 
ATOM   496  C CD  . LYS A 1 63  ? 4.607   -11.677 -9.310  1.00 37.58 ? 63  LYS A CD  1 
ATOM   497  C CE  . LYS A 1 63  ? 5.293   -11.808 -10.644 1.00 39.08 ? 63  LYS A CE  1 
ATOM   498  N NZ  . LYS A 1 63  ? 5.966   -13.137 -10.730 1.00 39.73 ? 63  LYS A NZ  1 
ATOM   499  N N   . PHE A 1 64  ? 0.792   -8.238  -9.140  1.00 24.42 ? 64  PHE A N   1 
ATOM   500  C CA  . PHE A 1 64  ? -0.506  -8.205  -9.806  1.00 22.74 ? 64  PHE A CA  1 
ATOM   501  C C   . PHE A 1 64  ? -0.456  -7.554  -11.168 1.00 23.82 ? 64  PHE A C   1 
ATOM   502  O O   . PHE A 1 64  ? 0.527   -6.915  -11.530 1.00 24.28 ? 64  PHE A O   1 
ATOM   503  C CB  . PHE A 1 64  ? -1.528  -7.448  -8.939  1.00 23.72 ? 64  PHE A CB  1 
ATOM   504  C CG  . PHE A 1 64  ? -1.147  -6.000  -8.662  1.00 20.93 ? 64  PHE A CG  1 
ATOM   505  C CD1 . PHE A 1 64  ? -1.427  -4.997  -9.583  1.00 21.86 ? 64  PHE A CD1 1 
ATOM   506  C CD2 . PHE A 1 64  ? -0.471  -5.660  -7.493  1.00 21.45 ? 64  PHE A CD2 1 
ATOM   507  C CE1 . PHE A 1 64  ? -1.028  -3.665  -9.340  1.00 18.43 ? 64  PHE A CE1 1 
ATOM   508  C CE2 . PHE A 1 64  ? -0.073  -4.341  -7.245  1.00 19.12 ? 64  PHE A CE2 1 
ATOM   509  C CZ  . PHE A 1 64  ? -0.356  -3.345  -8.176  1.00 16.27 ? 64  PHE A CZ  1 
ATOM   510  N N   . LYS A 1 65  ? -1.537  -7.727  -11.917 1.00 25.59 ? 65  LYS A N   1 
ATOM   511  C CA  . LYS A 1 65  ? -1.686  -7.134  -13.234 1.00 27.15 ? 65  LYS A CA  1 
ATOM   512  C C   . LYS A 1 65  ? -2.911  -6.235  -13.113 1.00 26.05 ? 65  LYS A C   1 
ATOM   513  O O   . LYS A 1 65  ? -3.900  -6.622  -12.492 1.00 26.35 ? 65  LYS A O   1 
ATOM   514  C CB  . LYS A 1 65  ? -1.935  -8.218  -14.279 1.00 29.66 ? 65  LYS A CB  1 
ATOM   515  C CG  . LYS A 1 65  ? -2.179  -7.690  -15.683 1.00 35.45 ? 65  LYS A CG  1 
ATOM   516  C CD  . LYS A 1 65  ? -0.914  -7.135  -16.322 1.00 39.74 ? 65  LYS A CD  1 
ATOM   517  C CE  . LYS A 1 65  ? -1.150  -6.818  -17.798 1.00 42.14 ? 65  LYS A CE  1 
ATOM   518  N NZ  . LYS A 1 65  ? 0.074   -6.330  -18.495 1.00 44.57 ? 65  LYS A NZ  1 
ATOM   519  N N   . VAL A 1 66  ? -2.847  -5.035  -13.681 1.00 25.51 ? 66  VAL A N   1 
ATOM   520  C CA  . VAL A 1 66  ? -3.978  -4.120  -13.603 1.00 25.47 ? 66  VAL A CA  1 
ATOM   521  C C   . VAL A 1 66  ? -5.240  -4.730  -14.212 1.00 25.09 ? 66  VAL A C   1 
ATOM   522  O O   . VAL A 1 66  ? -5.218  -5.268  -15.313 1.00 25.47 ? 66  VAL A O   1 
ATOM   523  C CB  . VAL A 1 66  ? -3.675  -2.779  -14.320 1.00 25.12 ? 66  VAL A CB  1 
ATOM   524  C CG1 . VAL A 1 66  ? -4.918  -1.900  -14.332 1.00 23.65 ? 66  VAL A CG1 1 
ATOM   525  C CG2 . VAL A 1 66  ? -2.540  -2.060  -13.604 1.00 25.93 ? 66  VAL A CG2 1 
ATOM   526  N N   . GLY A 1 67  ? -6.337  -4.651  -13.473 1.00 26.43 ? 67  GLY A N   1 
ATOM   527  C CA  . GLY A 1 67  ? -7.595  -5.185  -13.961 1.00 26.11 ? 67  GLY A CA  1 
ATOM   528  C C   . GLY A 1 67  ? -7.752  -6.668  -13.704 1.00 27.26 ? 67  GLY A C   1 
ATOM   529  O O   . GLY A 1 67  ? -8.699  -7.281  -14.191 1.00 27.62 ? 67  GLY A O   1 
ATOM   530  N N   . GLU A 1 68  ? -6.837  -7.248  -12.935 1.00 27.19 ? 68  GLU A N   1 
ATOM   531  C CA  . GLU A 1 68  ? -6.924  -8.667  -12.640 1.00 29.89 ? 68  GLU A CA  1 
ATOM   532  C C   . GLU A 1 68  ? -7.137  -8.998  -11.178 1.00 27.96 ? 68  GLU A C   1 
ATOM   533  O O   . GLU A 1 68  ? -6.240  -8.844  -10.357 1.00 26.22 ? 68  GLU A O   1 
ATOM   534  C CB  . GLU A 1 68  ? -5.686  -9.403  -13.147 1.00 34.04 ? 68  GLU A CB  1 
ATOM   535  C CG  . GLU A 1 68  ? -6.064  -10.769 -13.617 1.00 40.12 ? 68  GLU A CG  1 
ATOM   536  C CD  . GLU A 1 68  ? -7.317  -10.692 -14.474 1.00 45.73 ? 68  GLU A CD  1 
ATOM   537  O OE1 . GLU A 1 68  ? -8.099  -11.669 -14.496 1.00 47.78 ? 68  GLU A OE1 1 
ATOM   538  O OE2 . GLU A 1 68  ? -7.520  -9.641  -15.128 1.00 47.58 ? 68  GLU A OE2 1 
ATOM   539  N N   . GLU A 1 69  ? -8.335  -9.475  -10.864 1.00 27.40 ? 69  GLU A N   1 
ATOM   540  C CA  . GLU A 1 69  ? -8.666  -9.827  -9.494  1.00 28.94 ? 69  GLU A CA  1 
ATOM   541  C C   . GLU A 1 69  ? -7.679  -10.839 -8.941  1.00 25.99 ? 69  GLU A C   1 
ATOM   542  O O   . GLU A 1 69  ? -7.248  -11.744 -9.646  1.00 28.65 ? 69  GLU A O   1 
ATOM   543  C CB  . GLU A 1 69  ? -10.080 -10.407 -9.414  1.00 33.62 ? 69  GLU A CB  1 
ATOM   544  C CG  . GLU A 1 69  ? -11.169 -9.493  -9.958  1.00 38.66 ? 69  GLU A CG  1 
ATOM   545  C CD  . GLU A 1 69  ? -12.402 -9.462  -9.068  1.00 41.56 ? 69  GLU A CD  1 
ATOM   546  O OE1 . GLU A 1 69  ? -12.918 -10.543 -8.717  1.00 45.91 ? 69  GLU A OE1 1 
ATOM   547  O OE2 . GLU A 1 69  ? -12.856 -8.353  -8.720  1.00 44.41 ? 69  GLU A OE2 1 
ATOM   548  N N   . PHE A 1 70  ? -7.310  -10.665 -7.681  1.00 24.49 ? 70  PHE A N   1 
ATOM   549  C CA  . PHE A 1 70  ? -6.394  -11.581 -7.008  1.00 22.08 ? 70  PHE A CA  1 
ATOM   550  C C   . PHE A 1 70  ? -6.648  -11.566 -5.511  1.00 24.03 ? 70  PHE A C   1 
ATOM   551  O O   . PHE A 1 70  ? -6.891  -10.510 -4.917  1.00 22.35 ? 70  PHE A O   1 
ATOM   552  C CB  . PHE A 1 70  ? -4.924  -11.227 -7.301  1.00 19.73 ? 70  PHE A CB  1 
ATOM   553  C CG  . PHE A 1 70  ? -4.482  -9.889  -6.757  1.00 17.67 ? 70  PHE A CG  1 
ATOM   554  C CD1 . PHE A 1 70  ? -4.871  -8.707  -7.371  1.00 15.88 ? 70  PHE A CD1 1 
ATOM   555  C CD2 . PHE A 1 70  ? -3.643  -9.822  -5.648  1.00 16.86 ? 70  PHE A CD2 1 
ATOM   556  C CE1 . PHE A 1 70  ? -4.430  -7.467  -6.886  1.00 15.24 ? 70  PHE A CE1 1 
ATOM   557  C CE2 . PHE A 1 70  ? -3.198  -8.593  -5.158  1.00 15.63 ? 70  PHE A CE2 1 
ATOM   558  C CZ  . PHE A 1 70  ? -3.594  -7.416  -5.785  1.00 17.07 ? 70  PHE A CZ  1 
ATOM   559  N N   . ASP A 1 71  ? -6.627  -12.746 -4.903  1.00 25.27 ? 71  ASP A N   1 
ATOM   560  C CA  . ASP A 1 71  ? -6.842  -12.842 -3.471  1.00 29.02 ? 71  ASP A CA  1 
ATOM   561  C C   . ASP A 1 71  ? -5.583  -12.451 -2.724  1.00 30.72 ? 71  ASP A C   1 
ATOM   562  O O   . ASP A 1 71  ? -4.468  -12.768 -3.138  1.00 29.31 ? 71  ASP A O   1 
ATOM   563  C CB  . ASP A 1 71  ? -7.248  -14.260 -3.058  1.00 28.30 ? 71  ASP A CB  1 
ATOM   564  C CG  . ASP A 1 71  ? -8.709  -14.547 -3.332  1.00 29.68 ? 71  ASP A CG  1 
ATOM   565  O OD1 . ASP A 1 71  ? -9.445  -13.589 -3.629  1.00 29.13 ? 71  ASP A OD1 1 
ATOM   566  O OD2 . ASP A 1 71  ? -9.123  -15.724 -3.243  1.00 29.70 ? 71  ASP A OD2 1 
ATOM   567  N N   . GLU A 1 72  ? -5.777  -11.761 -1.612  1.00 32.31 ? 72  GLU A N   1 
ATOM   568  C CA  . GLU A 1 72  ? -4.674  -11.328 -0.784  1.00 37.61 ? 72  GLU A CA  1 
ATOM   569  C C   . GLU A 1 72  ? -4.863  -11.881 0.615   1.00 40.61 ? 72  GLU A C   1 
ATOM   570  O O   . GLU A 1 72  ? -5.753  -11.455 1.347   1.00 39.64 ? 72  GLU A O   1 
ATOM   571  C CB  . GLU A 1 72  ? -4.604  -9.797  -0.728  1.00 38.84 ? 72  GLU A CB  1 
ATOM   572  C CG  . GLU A 1 72  ? -3.461  -9.188  -1.527  1.00 39.33 ? 72  GLU A CG  1 
ATOM   573  C CD  . GLU A 1 72  ? -3.322  -7.686  -1.320  1.00 40.61 ? 72  GLU A CD  1 
ATOM   574  O OE1 . GLU A 1 72  ? -4.246  -6.935  -1.706  1.00 41.75 ? 72  GLU A OE1 1 
ATOM   575  O OE2 . GLU A 1 72  ? -2.288  -7.253  -0.771  1.00 40.73 ? 72  GLU A OE2 1 
ATOM   576  N N   . ASP A 1 73  ? -4.048  -12.866 0.967   1.00 45.56 ? 73  ASP A N   1 
ATOM   577  C CA  . ASP A 1 73  ? -4.104  -13.429 2.303   1.00 50.81 ? 73  ASP A CA  1 
ATOM   578  C C   . ASP A 1 73  ? -3.123  -12.550 3.057   1.00 52.52 ? 73  ASP A C   1 
ATOM   579  O O   . ASP A 1 73  ? -1.919  -12.574 2.790   1.00 55.30 ? 73  ASP A O   1 
ATOM   580  C CB  . ASP A 1 73  ? -3.632  -14.886 2.310   1.00 53.54 ? 73  ASP A CB  1 
ATOM   581  C CG  . ASP A 1 73  ? -2.282  -15.068 1.641   1.00 57.71 ? 73  ASP A CG  1 
ATOM   582  O OD1 . ASP A 1 73  ? -2.223  -15.026 0.390   1.00 58.88 ? 73  ASP A OD1 1 
ATOM   583  O OD2 . ASP A 1 73  ? -1.278  -15.240 2.367   1.00 59.22 ? 73  ASP A OD2 1 
ATOM   584  N N   . ASN A 1 74  ? -3.638  -11.749 3.976   1.00 52.83 ? 74  ASN A N   1 
ATOM   585  C CA  . ASN A 1 74  ? -2.788  -10.847 4.731   1.00 53.76 ? 74  ASN A CA  1 
ATOM   586  C C   . ASN A 1 74  ? -2.338  -11.433 6.061   1.00 55.26 ? 74  ASN A C   1 
ATOM   587  O O   . ASN A 1 74  ? -2.274  -10.724 7.065   1.00 55.28 ? 74  ASN A O   1 
ATOM   588  C CB  . ASN A 1 74  ? -3.514  -9.524  4.967   1.00 52.85 ? 74  ASN A CB  1 
ATOM   589  C CG  . ASN A 1 74  ? -3.993  -8.887  3.679   1.00 52.47 ? 74  ASN A CG  1 
ATOM   590  O OD1 . ASN A 1 74  ? -4.994  -9.309  3.096   1.00 52.21 ? 74  ASN A OD1 1 
ATOM   591  N ND2 . ASN A 1 74  ? -3.272  -7.872  3.219   1.00 49.12 ? 74  ASN A ND2 1 
ATOM   592  N N   . ARG A 1 75  ? -2.018  -12.723 6.066   1.00 56.69 ? 75  ARG A N   1 
ATOM   593  C CA  . ARG A 1 75  ? -1.573  -13.374 7.289   1.00 58.64 ? 75  ARG A CA  1 
ATOM   594  C C   . ARG A 1 75  ? -0.206  -12.870 7.741   1.00 58.17 ? 75  ARG A C   1 
ATOM   595  O O   . ARG A 1 75  ? 0.379   -13.388 8.690   1.00 59.54 ? 75  ARG A O   1 
ATOM   596  C CB  . ARG A 1 75  ? -1.566  -14.894 7.116   1.00 59.98 ? 75  ARG A CB  1 
ATOM   597  C CG  . ARG A 1 75  ? -2.964  -15.495 7.179   1.00 63.09 ? 75  ARG A CG  1 
ATOM   598  C CD  . ARG A 1 75  ? -2.917  -16.988 7.423   1.00 65.41 ? 75  ARG A CD  1 
ATOM   599  N NE  . ARG A 1 75  ? -2.628  -17.717 6.197   1.00 67.88 ? 75  ARG A NE  1 
ATOM   600  C CZ  . ARG A 1 75  ? -1.799  -18.750 6.118   1.00 69.30 ? 75  ARG A CZ  1 
ATOM   601  N NH1 . ARG A 1 75  ? -1.162  -19.182 7.197   1.00 71.08 ? 75  ARG A NH1 1 
ATOM   602  N NH2 . ARG A 1 75  ? -1.598  -19.341 4.950   1.00 69.48 ? 75  ARG A NH2 1 
ATOM   603  N N   . GLY A 1 76  ? 0.293   -11.853 7.049   1.00 56.99 ? 76  GLY A N   1 
ATOM   604  C CA  . GLY A 1 76  ? 1.563   -11.254 7.405   1.00 55.16 ? 76  GLY A CA  1 
ATOM   605  C C   . GLY A 1 76  ? 1.258   -9.846  7.879   1.00 53.87 ? 76  GLY A C   1 
ATOM   606  O O   . GLY A 1 76  ? 2.145   -9.092  8.272   1.00 53.01 ? 76  GLY A O   1 
ATOM   607  N N   . LEU A 1 77  ? -0.028  -9.508  7.837   1.00 52.95 ? 77  LEU A N   1 
ATOM   608  C CA  . LEU A 1 77  ? -0.527  -8.199  8.240   1.00 51.39 ? 77  LEU A CA  1 
ATOM   609  C C   . LEU A 1 77  ? -1.642  -8.382  9.269   1.00 51.24 ? 77  LEU A C   1 
ATOM   610  O O   . LEU A 1 77  ? -1.380  -8.645  10.442  1.00 50.81 ? 77  LEU A O   1 
ATOM   611  C CB  . LEU A 1 77  ? -1.079  -7.462  7.018   1.00 50.69 ? 77  LEU A CB  1 
ATOM   612  C CG  . LEU A 1 77  ? -1.504  -6.004  7.188   1.00 51.11 ? 77  LEU A CG  1 
ATOM   613  C CD1 . LEU A 1 77  ? -0.269  -5.134  7.376   1.00 51.99 ? 77  LEU A CD1 1 
ATOM   614  C CD2 . LEU A 1 77  ? -2.286  -5.553  5.961   1.00 48.87 ? 77  LEU A CD2 1 
ATOM   615  N N   . ASP A 1 78  ? -2.885  -8.247  8.820   1.00 50.07 ? 78  ASP A N   1 
ATOM   616  C CA  . ASP A 1 78  ? -4.028  -8.405  9.705   1.00 49.67 ? 78  ASP A CA  1 
ATOM   617  C C   . ASP A 1 78  ? -4.609  -9.814  9.597   1.00 49.84 ? 78  ASP A C   1 
ATOM   618  O O   . ASP A 1 78  ? -5.648  -10.118 10.179  1.00 49.50 ? 78  ASP A O   1 
ATOM   619  C CB  . ASP A 1 78  ? -5.092  -7.345  9.393   1.00 48.74 ? 78  ASP A CB  1 
ATOM   620  C CG  . ASP A 1 78  ? -5.694  -7.503  8.013   1.00 47.91 ? 78  ASP A CG  1 
ATOM   621  O OD1 . ASP A 1 78  ? -4.937  -7.738  7.050   1.00 47.11 ? 78  ASP A OD1 1 
ATOM   622  O OD2 . ASP A 1 78  ? -6.931  -7.379  7.892   1.00 46.62 ? 78  ASP A OD2 1 
ATOM   623  N N   . ASN A 1 79  ? -3.929  -10.670 8.845   1.00 50.82 ? 79  ASN A N   1 
ATOM   624  C CA  . ASN A 1 79  ? -4.346  -12.062 8.677   1.00 52.09 ? 79  ASN A CA  1 
ATOM   625  C C   . ASN A 1 79  ? -5.733  -12.207 8.053   1.00 50.93 ? 79  ASN A C   1 
ATOM   626  O O   . ASN A 1 79  ? -6.303  -13.298 8.046   1.00 51.24 ? 79  ASN A O   1 
ATOM   627  C CB  . ASN A 1 79  ? -4.337  -12.770 10.036  1.00 54.85 ? 79  ASN A CB  1 
ATOM   628  C CG  . ASN A 1 79  ? -3.951  -14.235 9.935   1.00 57.64 ? 79  ASN A CG  1 
ATOM   629  O OD1 . ASN A 1 79  ? -2.768  -14.568 9.847   1.00 59.27 ? 79  ASN A OD1 1 
ATOM   630  N ND2 . ASN A 1 79  ? -4.947  -15.120 9.941   1.00 57.10 ? 79  ASN A ND2 1 
ATOM   631  N N   . ARG A 1 80  ? -6.274  -11.113 7.533   1.00 49.98 ? 80  ARG A N   1 
ATOM   632  C CA  . ARG A 1 80  ? -7.598  -11.137 6.922   1.00 48.44 ? 80  ARG A CA  1 
ATOM   633  C C   . ARG A 1 80  ? -7.477  -11.297 5.412   1.00 47.29 ? 80  ARG A C   1 
ATOM   634  O O   . ARG A 1 80  ? -6.668  -10.626 4.777   1.00 46.39 ? 80  ARG A O   1 
ATOM   635  C CB  . ARG A 1 80  ? -8.340  -9.843  7.243   1.00 50.14 ? 80  ARG A CB  1 
ATOM   636  C CG  . ARG A 1 80  ? -9.670  -10.045 7.937   1.00 52.34 ? 80  ARG A CG  1 
ATOM   637  C CD  . ARG A 1 80  ? -10.407 -8.724  8.073   1.00 53.92 ? 80  ARG A CD  1 
ATOM   638  N NE  . ARG A 1 80  ? -9.752  -7.821  9.015   1.00 55.37 ? 80  ARG A NE  1 
ATOM   639  C CZ  . ARG A 1 80  ? -9.639  -8.058  10.316  1.00 55.25 ? 80  ARG A CZ  1 
ATOM   640  N NH1 . ARG A 1 80  ? -9.030  -7.182  11.101  1.00 55.36 ? 80  ARG A NH1 1 
ATOM   641  N NH2 . ARG A 1 80  ? -10.139 -9.170  10.834  1.00 56.14 ? 80  ARG A NH2 1 
ATOM   642  N N   . LYS A 1 81  ? -8.287  -12.182 4.837   1.00 45.28 ? 81  LYS A N   1 
ATOM   643  C CA  . LYS A 1 81  ? -8.234  -12.416 3.400   1.00 43.66 ? 81  LYS A CA  1 
ATOM   644  C C   . LYS A 1 81  ? -9.047  -11.390 2.616   1.00 40.87 ? 81  LYS A C   1 
ATOM   645  O O   . LYS A 1 81  ? -10.146 -11.004 3.019   1.00 38.60 ? 81  LYS A O   1 
ATOM   646  C CB  . LYS A 1 81  ? -8.735  -13.826 3.067   1.00 46.31 ? 81  LYS A CB  1 
ATOM   647  C CG  . LYS A 1 81  ? -8.309  -14.323 1.690   1.00 49.62 ? 81  LYS A CG  1 
ATOM   648  C CD  . LYS A 1 81  ? -9.020  -15.617 1.297   1.00 52.86 ? 81  LYS A CD  1 
ATOM   649  C CE  . LYS A 1 81  ? -10.448 -15.352 0.839   1.00 54.80 ? 81  LYS A CE  1 
ATOM   650  N NZ  . LYS A 1 81  ? -11.250 -14.621 1.861   1.00 56.94 ? 81  LYS A NZ  1 
ATOM   651  N N   . CYS A 1 82  ? -8.490  -10.948 1.494   1.00 37.97 ? 82  CYS A N   1 
ATOM   652  C CA  . CYS A 1 82  ? -9.155  -9.981  0.641   1.00 36.49 ? 82  CYS A CA  1 
ATOM   653  C C   . CYS A 1 82  ? -9.089  -10.366 -0.829  1.00 33.68 ? 82  CYS A C   1 
ATOM   654  O O   . CYS A 1 82  ? -8.179  -11.064 -1.263  1.00 34.41 ? 82  CYS A O   1 
ATOM   655  C CB  . CYS A 1 82  ? -8.532  -8.597  0.818   1.00 38.84 ? 82  CYS A CB  1 
ATOM   656  S SG  . CYS A 1 82  ? -9.030  -7.747  2.323   1.00 45.77 ? 82  CYS A SG  1 
ATOM   657  N N   . LYS A 1 83  ? -10.082 -9.914  -1.578  1.00 30.39 ? 83  LYS A N   1 
ATOM   658  C CA  . LYS A 1 83  ? -10.163 -10.141 -3.011  1.00 28.63 ? 83  LYS A CA  1 
ATOM   659  C C   . LYS A 1 83  ? -9.805  -8.755  -3.551  1.00 26.84 ? 83  LYS A C   1 
ATOM   660  O O   . LYS A 1 83  ? -10.583 -7.812  -3.417  1.00 26.08 ? 83  LYS A O   1 
ATOM   661  C CB  . LYS A 1 83  ? -11.593 -10.512 -3.405  1.00 31.23 ? 83  LYS A CB  1 
ATOM   662  C CG  . LYS A 1 83  ? -11.771 -10.884 -4.875  1.00 35.44 ? 83  LYS A CG  1 
ATOM   663  C CD  . LYS A 1 83  ? -13.069 -10.311 -5.441  1.00 41.51 ? 83  LYS A CD  1 
ATOM   664  C CE  . LYS A 1 83  ? -14.286 -10.658 -4.585  1.00 42.80 ? 83  LYS A CE  1 
ATOM   665  N NZ  . LYS A 1 83  ? -15.503 -9.922  -5.054  1.00 46.00 ? 83  LYS A NZ  1 
ATOM   666  N N   . SER A 1 84  ? -8.629  -8.630  -4.149  1.00 24.24 ? 84  SER A N   1 
ATOM   667  C CA  . SER A 1 84  ? -8.174  -7.339  -4.646  1.00 24.20 ? 84  SER A CA  1 
ATOM   668  C C   . SER A 1 84  ? -8.262  -7.123  -6.143  1.00 23.60 ? 84  SER A C   1 
ATOM   669  O O   . SER A 1 84  ? -8.207  -8.059  -6.939  1.00 22.38 ? 84  SER A O   1 
ATOM   670  C CB  . SER A 1 84  ? -6.735  -7.097  -4.194  1.00 24.56 ? 84  SER A CB  1 
ATOM   671  O OG  . SER A 1 84  ? -6.627  -7.186  -2.782  1.00 28.58 ? 84  SER A OG  1 
ATOM   672  N N   . LEU A 1 85  ? -8.388  -5.855  -6.512  1.00 21.33 ? 85  LEU A N   1 
ATOM   673  C CA  . LEU A 1 85  ? -8.467  -5.456  -7.899  1.00 19.82 ? 85  LEU A CA  1 
ATOM   674  C C   . LEU A 1 85  ? -7.834  -4.072  -8.028  1.00 19.26 ? 85  LEU A C   1 
ATOM   675  O O   . LEU A 1 85  ? -8.217  -3.142  -7.321  1.00 15.46 ? 85  LEU A O   1 
ATOM   676  C CB  . LEU A 1 85  ? -9.930  -5.402  -8.349  1.00 19.20 ? 85  LEU A CB  1 
ATOM   677  C CG  . LEU A 1 85  ? -10.168 -4.878  -9.768  1.00 22.12 ? 85  LEU A CG  1 
ATOM   678  C CD1 . LEU A 1 85  ? -9.375  -5.722  -10.757 1.00 21.82 ? 85  LEU A CD1 1 
ATOM   679  C CD2 . LEU A 1 85  ? -11.667 -4.908  -10.083 1.00 24.78 ? 85  LEU A CD2 1 
ATOM   680  N N   . VAL A 1 86  ? -6.864  -3.951  -8.924  1.00 19.66 ? 86  VAL A N   1 
ATOM   681  C CA  . VAL A 1 86  ? -6.192  -2.685  -9.144  1.00 21.23 ? 86  VAL A CA  1 
ATOM   682  C C   . VAL A 1 86  ? -6.623  -2.159  -10.506 1.00 19.31 ? 86  VAL A C   1 
ATOM   683  O O   . VAL A 1 86  ? -6.711  -2.921  -11.473 1.00 18.52 ? 86  VAL A O   1 
ATOM   684  C CB  . VAL A 1 86  ? -4.654  -2.856  -9.102  1.00 22.85 ? 86  VAL A CB  1 
ATOM   685  C CG1 . VAL A 1 86  ? -3.976  -1.497  -9.209  1.00 22.61 ? 86  VAL A CG1 1 
ATOM   686  C CG2 . VAL A 1 86  ? -4.240  -3.543  -7.805  1.00 22.13 ? 86  VAL A CG2 1 
ATOM   687  N N   . ILE A 1 87  ? -6.900  -0.861  -10.579 1.00 20.44 ? 87  ILE A N   1 
ATOM   688  C CA  . ILE A 1 87  ? -7.334  -0.230  -11.825 1.00 23.08 ? 87  ILE A CA  1 
ATOM   689  C C   . ILE A 1 87  ? -6.659  1.125   -11.986 1.00 23.13 ? 87  ILE A C   1 
ATOM   690  O O   . ILE A 1 87  ? -6.059  1.650   -11.055 1.00 22.56 ? 87  ILE A O   1 
ATOM   691  C CB  . ILE A 1 87  ? -8.878  0.004   -11.851 1.00 23.63 ? 87  ILE A CB  1 
ATOM   692  C CG1 . ILE A 1 87  ? -9.287  1.005   -10.763 1.00 22.37 ? 87  ILE A CG1 1 
ATOM   693  C CG2 . ILE A 1 87  ? -9.613  -1.309  -11.655 1.00 23.82 ? 87  ILE A CG2 1 
ATOM   694  C CD1 . ILE A 1 87  ? -9.360  2.442   -11.238 1.00 25.72 ? 87  ILE A CD1 1 
ATOM   695  N N   . TRP A 1 88  ? -6.763  1.697   -13.173 1.00 23.53 ? 88  TRP A N   1 
ATOM   696  C CA  . TRP A 1 88  ? -6.156  2.999   -13.398 1.00 26.74 ? 88  TRP A CA  1 
ATOM   697  C C   . TRP A 1 88  ? -7.192  4.096   -13.230 1.00 26.80 ? 88  TRP A C   1 
ATOM   698  O O   . TRP A 1 88  ? -8.103  4.209   -14.045 1.00 29.99 ? 88  TRP A O   1 
ATOM   699  C CB  . TRP A 1 88  ? -5.542  3.069   -14.798 1.00 26.51 ? 88  TRP A CB  1 
ATOM   700  C CG  . TRP A 1 88  ? -4.155  2.495   -14.905 1.00 28.61 ? 88  TRP A CG  1 
ATOM   701  C CD1 . TRP A 1 88  ? -3.761  1.427   -15.663 1.00 26.96 ? 88  TRP A CD1 1 
ATOM   702  C CD2 . TRP A 1 88  ? -2.971  2.995   -14.272 1.00 26.33 ? 88  TRP A CD2 1 
ATOM   703  N NE1 . TRP A 1 88  ? -2.405  1.236   -15.542 1.00 26.82 ? 88  TRP A NE1 1 
ATOM   704  C CE2 . TRP A 1 88  ? -1.896  2.185   -14.695 1.00 25.26 ? 88  TRP A CE2 1 
ATOM   705  C CE3 . TRP A 1 88  ? -2.714  4.054   -13.390 1.00 29.43 ? 88  TRP A CE3 1 
ATOM   706  C CZ2 . TRP A 1 88  ? -0.585  2.402   -14.268 1.00 28.58 ? 88  TRP A CZ2 1 
ATOM   707  C CZ3 . TRP A 1 88  ? -1.411  4.270   -12.964 1.00 27.67 ? 88  TRP A CZ3 1 
ATOM   708  C CH2 . TRP A 1 88  ? -0.362  3.447   -13.405 1.00 28.68 ? 88  TRP A CH2 1 
ATOM   709  N N   . ASP A 1 89  ? -7.082  4.884   -12.158 1.00 32.43 ? 89  ASP A N   1 
ATOM   710  C CA  . ASP A 1 89  ? -8.038  5.995   -11.920 1.00 34.70 ? 89  ASP A CA  1 
ATOM   711  C C   . ASP A 1 89  ? -7.305  7.186   -12.522 1.00 36.35 ? 89  ASP A C   1 
ATOM   712  O O   . ASP A 1 89  ? -6.542  7.901   -11.863 1.00 33.76 ? 89  ASP A O   1 
ATOM   713  C CB  . ASP A 1 89  ? -8.247  6.307   -10.464 1.00 36.42 ? 89  ASP A CB  1 
ATOM   714  C CG  . ASP A 1 89  ? -9.071  7.554   -10.286 1.00 38.88 ? 89  ASP A CG  1 
ATOM   715  O OD1 . ASP A 1 89  ? -9.389  8.210   -11.308 1.00 40.11 ? 89  ASP A OD1 1 
ATOM   716  O OD2 . ASP A 1 89  ? -9.402  7.877   -9.136  1.00 42.54 ? 89  ASP A OD2 1 
ATOM   717  N N   . ASN A 1 90  ? -7.500  7.289   -13.816 1.00 39.18 ? 90  ASN A N   1 
ATOM   718  C CA  . ASN A 1 90  ? -6.828  8.207   -14.696 1.00 41.06 ? 90  ASN A CA  1 
ATOM   719  C C   . ASN A 1 90  ? -5.321  7.955   -14.533 1.00 40.38 ? 90  ASN A C   1 
ATOM   720  O O   . ASN A 1 90  ? -4.852  7.019   -15.149 1.00 43.12 ? 90  ASN A O   1 
ATOM   721  C CB  . ASN A 1 90  ? -7.192  9.669   -14.563 1.00 43.34 ? 90  ASN A CB  1 
ATOM   722  C CG  . ASN A 1 90  ? -6.961  10.343  -15.874 1.00 44.83 ? 90  ASN A CG  1 
ATOM   723  O OD1 . ASN A 1 90  ? -7.230  9.737   -16.907 1.00 49.59 ? 90  ASN A OD1 1 
ATOM   724  N ND2 . ASN A 1 90  ? -6.408  11.541  -15.872 1.00 50.12 ? 90  ASN A ND2 1 
ATOM   725  N N   . ASP A 1 91  ? -4.557  8.698   -13.722 1.00 38.19 ? 91  ASP A N   1 
ATOM   726  C CA  . ASP A 1 91  ? -3.076  8.404   -13.599 1.00 38.13 ? 91  ASP A CA  1 
ATOM   727  C C   . ASP A 1 91  ? -2.721  7.850   -12.229 1.00 33.51 ? 91  ASP A C   1 
ATOM   728  O O   . ASP A 1 91  ? -1.550  7.674   -11.865 1.00 32.06 ? 91  ASP A O   1 
ATOM   729  C CB  . ASP A 1 91  ? -2.178  9.656   -13.836 1.00 39.89 ? 91  ASP A CB  1 
ATOM   730  C CG  . ASP A 1 91  ? -2.182  10.137  -15.282 1.00 43.94 ? 91  ASP A CG  1 
ATOM   731  O OD1 . ASP A 1 91  ? -1.699  11.264  -15.526 1.00 48.28 ? 91  ASP A OD1 1 
ATOM   732  O OD2 . ASP A 1 91  ? -2.659  9.402   -16.169 1.00 46.91 ? 91  ASP A OD2 1 
ATOM   733  N N   . ARG A 1 92  ? -3.774  7.585   -11.486 1.00 29.91 ? 92  ARG A N   1 
ATOM   734  C CA  . ARG A 1 92  ? -3.670  7.082   -10.146 1.00 28.89 ? 92  ARG A CA  1 
ATOM   735  C C   . ARG A 1 92  ? -3.965  5.595   -10.136 1.00 26.65 ? 92  ARG A C   1 
ATOM   736  O O   . ARG A 1 92  ? -5.012  5.156   -10.602 1.00 25.35 ? 92  ARG A O   1 
ATOM   737  C CB  . ARG A 1 92  ? -4.651  7.860   -9.268  1.00 31.77 ? 92  ARG A CB  1 
ATOM   738  C CG  . ARG A 1 92  ? -4.314  9.361   -9.249  1.00 36.02 ? 92  ARG A CG  1 
ATOM   739  C CD  . ARG A 1 92  ? -5.509  10.290  -9.096  1.00 40.47 ? 92  ARG A CD  1 
ATOM   740  N NE  . ARG A 1 92  ? -5.137  11.660  -9.464  1.00 44.83 ? 92  ARG A NE  1 
ATOM   741  C CZ  . ARG A 1 92  ? -5.946  12.715  -9.419  1.00 45.92 ? 92  ARG A CZ  1 
ATOM   742  N NH1 . ARG A 1 92  ? -7.201  12.580  -9.017  1.00 48.46 ? 92  ARG A NH1 1 
ATOM   743  N NH2 . ARG A 1 92  ? -5.499  13.913  -9.774  1.00 46.29 ? 92  ARG A NH2 1 
ATOM   744  N N   . LEU A 1 93  ? -3.023  4.830   -9.613  1.00 23.33 ? 93  LEU A N   1 
ATOM   745  C CA  . LEU A 1 93  ? -3.173  3.386   -9.541  1.00 22.93 ? 93  LEU A CA  1 
ATOM   746  C C   . LEU A 1 93  ? -3.962  3.098   -8.266  1.00 22.46 ? 93  LEU A C   1 
ATOM   747  O O   . LEU A 1 93  ? -3.453  3.254   -7.155  1.00 21.46 ? 93  LEU A O   1 
ATOM   748  C CB  . LEU A 1 93  ? -1.790  2.745   -9.510  1.00 20.94 ? 93  LEU A CB  1 
ATOM   749  C CG  . LEU A 1 93  ? -1.724  1.221   -9.598  1.00 19.82 ? 93  LEU A CG  1 
ATOM   750  C CD1 . LEU A 1 93  ? -2.318  0.747   -10.919 1.00 20.16 ? 93  LEU A CD1 1 
ATOM   751  C CD2 . LEU A 1 93  ? -0.281  0.796   -9.491  1.00 18.44 ? 93  LEU A CD2 1 
ATOM   752  N N   . THR A 1 94  ? -5.213  2.689   -8.433  1.00 20.40 ? 94  THR A N   1 
ATOM   753  C CA  . THR A 1 94  ? -6.072  2.448   -7.291  1.00 20.76 ? 94  THR A CA  1 
ATOM   754  C C   . THR A 1 94  ? -6.509  0.995   -7.106  1.00 21.68 ? 94  THR A C   1 
ATOM   755  O O   . THR A 1 94  ? -6.980  0.349   -8.036  1.00 19.58 ? 94  THR A O   1 
ATOM   756  C CB  . THR A 1 94  ? -7.326  3.335   -7.380  1.00 23.65 ? 94  THR A CB  1 
ATOM   757  O OG1 . THR A 1 94  ? -6.936  4.724   -7.369  1.00 23.78 ? 94  THR A OG1 1 
ATOM   758  C CG2 . THR A 1 94  ? -8.262  3.045   -6.213  1.00 24.37 ? 94  THR A CG2 1 
ATOM   759  N N   . CYS A 1 95  ? -6.357  0.500   -5.883  1.00 20.84 ? 95  CYS A N   1 
ATOM   760  C CA  . CYS A 1 95  ? -6.734  -0.875  -5.559  1.00 21.83 ? 95  CYS A CA  1 
ATOM   761  C C   . CYS A 1 95  ? -7.947  -0.927  -4.626  1.00 20.08 ? 95  CYS A C   1 
ATOM   762  O O   . CYS A 1 95  ? -8.024  -0.182  -3.644  1.00 21.20 ? 95  CYS A O   1 
ATOM   763  C CB  . CYS A 1 95  ? -5.562  -1.589  -4.888  1.00 18.24 ? 95  CYS A CB  1 
ATOM   764  S SG  . CYS A 1 95  ? -5.896  -3.307  -4.349  1.00 21.44 ? 95  CYS A SG  1 
ATOM   765  N N   . ILE A 1 96  ? -8.897  -1.793  -4.955  1.00 19.79 ? 96  ILE A N   1 
ATOM   766  C CA  . ILE A 1 96  ? -10.078 -1.986  -4.129  1.00 22.10 ? 96  ILE A CA  1 
ATOM   767  C C   . ILE A 1 96  ? -9.931  -3.385  -3.531  1.00 22.23 ? 96  ILE A C   1 
ATOM   768  O O   . ILE A 1 96  ? -9.747  -4.362  -4.264  1.00 19.20 ? 96  ILE A O   1 
ATOM   769  C CB  . ILE A 1 96  ? -11.383 -1.932  -4.953  1.00 25.95 ? 96  ILE A CB  1 
ATOM   770  C CG1 . ILE A 1 96  ? -11.556 -0.548  -5.595  1.00 27.07 ? 96  ILE A CG1 1 
ATOM   771  C CG2 . ILE A 1 96  ? -12.569 -2.217  -4.050  1.00 26.00 ? 96  ILE A CG2 1 
ATOM   772  C CD1 . ILE A 1 96  ? -10.652 -0.288  -6.783  1.00 31.52 ? 96  ILE A CD1 1 
ATOM   773  N N   . GLN A 1 97  ? -9.987  -3.468  -2.203  1.00 23.61 ? 97  GLN A N   1 
ATOM   774  C CA  . GLN A 1 97  ? -9.844  -4.741  -1.497  1.00 26.58 ? 97  GLN A CA  1 
ATOM   775  C C   . GLN A 1 97  ? -11.145 -5.107  -0.789  1.00 29.26 ? 97  GLN A C   1 
ATOM   776  O O   . GLN A 1 97  ? -11.417 -4.639  0.325   1.00 26.62 ? 97  GLN A O   1 
ATOM   777  C CB  . GLN A 1 97  ? -8.716  -4.646  -0.471  1.00 25.50 ? 97  GLN A CB  1 
ATOM   778  C CG  . GLN A 1 97  ? -7.388  -4.171  -1.053  1.00 27.03 ? 97  GLN A CG  1 
ATOM   779  C CD  . GLN A 1 97  ? -6.372  -3.870  0.018   1.00 28.21 ? 97  GLN A CD  1 
ATOM   780  O OE1 . GLN A 1 97  ? -6.559  -2.960  0.831   1.00 27.64 ? 97  GLN A OE1 1 
ATOM   781  N NE2 . GLN A 1 97  ? -5.289  -4.636  0.038   1.00 31.71 ? 97  GLN A NE2 1 
ATOM   782  N N   . LYS A 1 98  ? -11.942 -5.941  -1.454  1.00 32.13 ? 98  LYS A N   1 
ATOM   783  C CA  . LYS A 1 98  ? -13.223 -6.395  -0.929  1.00 35.11 ? 98  LYS A CA  1 
ATOM   784  C C   . LYS A 1 98  ? -13.006 -7.487  0.106   1.00 35.31 ? 98  LYS A C   1 
ATOM   785  O O   . LYS A 1 98  ? -12.306 -8.465  -0.151  1.00 33.48 ? 98  LYS A O   1 
ATOM   786  C CB  . LYS A 1 98  ? -14.102 -6.968  -2.049  1.00 38.10 ? 98  LYS A CB  1 
ATOM   787  C CG  . LYS A 1 98  ? -14.610 -5.974  -3.083  1.00 44.52 ? 98  LYS A CG  1 
ATOM   788  C CD  . LYS A 1 98  ? -13.528 -5.525  -4.050  1.00 46.76 ? 98  LYS A CD  1 
ATOM   789  C CE  . LYS A 1 98  ? -14.145 -4.864  -5.281  1.00 48.80 ? 98  LYS A CE  1 
ATOM   790  N NZ  . LYS A 1 98  ? -14.978 -5.826  -6.060  1.00 51.04 ? 98  LYS A NZ  1 
ATOM   791  N N   . GLY A 1 99  ? -13.626 -7.326  1.266   1.00 35.24 ? 99  GLY A N   1 
ATOM   792  C CA  . GLY A 1 99  ? -13.487 -8.319  2.307   1.00 37.78 ? 99  GLY A CA  1 
ATOM   793  C C   . GLY A 1 99  ? -14.246 -7.908  3.545   1.00 39.35 ? 99  GLY A C   1 
ATOM   794  O O   . GLY A 1 99  ? -15.158 -7.087  3.477   1.00 40.81 ? 99  GLY A O   1 
ATOM   795  N N   . GLU A 1 100 ? -13.858 -8.480  4.677   1.00 40.36 ? 100 GLU A N   1 
ATOM   796  C CA  . GLU A 1 100 ? -14.489 -8.186  5.954   1.00 42.88 ? 100 GLU A CA  1 
ATOM   797  C C   . GLU A 1 100 ? -14.543 -6.679  6.194   1.00 42.96 ? 100 GLU A C   1 
ATOM   798  O O   . GLU A 1 100 ? -15.617 -6.118  6.409   1.00 43.84 ? 100 GLU A O   1 
ATOM   799  C CB  . GLU A 1 100 ? -13.699 -8.861  7.067   1.00 45.14 ? 100 GLU A CB  1 
ATOM   800  C CG  . GLU A 1 100 ? -14.410 -8.945  8.395   1.00 50.42 ? 100 GLU A CG  1 
ATOM   801  C CD  . GLU A 1 100 ? -13.596 -9.712  9.419   1.00 51.52 ? 100 GLU A CD  1 
ATOM   802  O OE1 . GLU A 1 100 ? -12.607 -9.152  9.934   1.00 53.29 ? 100 GLU A OE1 1 
ATOM   803  O OE2 . GLU A 1 100 ? -13.939 -10.882 9.696   1.00 54.77 ? 100 GLU A OE2 1 
ATOM   804  N N   . LYS A 1 101 ? -13.376 -6.036  6.156   1.00 42.16 ? 101 LYS A N   1 
ATOM   805  C CA  . LYS A 1 101 ? -13.261 -4.594  6.359   1.00 40.84 ? 101 LYS A CA  1 
ATOM   806  C C   . LYS A 1 101 ? -13.858 -3.827  5.187   1.00 40.51 ? 101 LYS A C   1 
ATOM   807  O O   . LYS A 1 101 ? -13.644 -4.186  4.033   1.00 41.32 ? 101 LYS A O   1 
ATOM   808  C CB  . LYS A 1 101 ? -11.792 -4.201  6.528   1.00 41.96 ? 101 LYS A CB  1 
ATOM   809  C CG  . LYS A 1 101 ? -11.331 -4.096  7.970   1.00 43.90 ? 101 LYS A CG  1 
ATOM   810  C CD  . LYS A 1 101 ? -11.532 -5.384  8.731   1.00 44.25 ? 101 LYS A CD  1 
ATOM   811  C CE  . LYS A 1 101 ? -11.165 -5.197  10.193  1.00 46.33 ? 101 LYS A CE  1 
ATOM   812  N NZ  . LYS A 1 101 ? -11.949 -4.099  10.830  1.00 47.05 ? 101 LYS A NZ  1 
ATOM   813  N N   . LYS A 1 102 ? -14.597 -2.764  5.483   1.00 38.43 ? 102 LYS A N   1 
ATOM   814  C CA  . LYS A 1 102 ? -15.216 -1.983  4.427   1.00 36.60 ? 102 LYS A CA  1 
ATOM   815  C C   . LYS A 1 102 ? -14.400 -0.793  3.961   1.00 35.51 ? 102 LYS A C   1 
ATOM   816  O O   . LYS A 1 102 ? -13.653 -0.184  4.732   1.00 32.98 ? 102 LYS A O   1 
ATOM   817  C CB  . LYS A 1 102 ? -16.606 -1.517  4.852   1.00 41.43 ? 102 LYS A CB  1 
ATOM   818  C CG  . LYS A 1 102 ? -17.705 -2.526  4.554   1.00 42.84 ? 102 LYS A CG  1 
ATOM   819  C CD  . LYS A 1 102 ? -18.923 -1.838  3.944   1.00 45.64 ? 102 LYS A CD  1 
ATOM   820  C CE  . LYS A 1 102 ? -18.565 -1.061  2.676   1.00 47.21 ? 102 LYS A CE  1 
ATOM   821  N NZ  . LYS A 1 102 ? -17.951 -1.917  1.620   1.00 48.62 ? 102 LYS A NZ  1 
ATOM   822  N N   . ASN A 1 103 ? -14.557 -0.476  2.682   1.00 33.70 ? 103 ASN A N   1 
ATOM   823  C CA  . ASN A 1 103 ? -13.851 0.632   2.058   1.00 32.80 ? 103 ASN A CA  1 
ATOM   824  C C   . ASN A 1 103 ? -12.359 0.577   2.368   1.00 29.94 ? 103 ASN A C   1 
ATOM   825  O O   . ASN A 1 103 ? -11.768 1.540   2.854   1.00 26.27 ? 103 ASN A O   1 
ATOM   826  C CB  . ASN A 1 103 ? -14.450 1.968   2.512   1.00 34.25 ? 103 ASN A CB  1 
ATOM   827  C CG  . ASN A 1 103 ? -15.861 2.176   1.989   1.00 38.01 ? 103 ASN A CG  1 
ATOM   828  O OD1 . ASN A 1 103 ? -16.115 2.028   0.791   1.00 39.54 ? 103 ASN A OD1 1 
ATOM   829  N ND2 . ASN A 1 103 ? -16.788 2.523   2.884   1.00 36.09 ? 103 ASN A ND2 1 
ATOM   830  N N   . ARG A 1 104 ? -11.770 -0.583  2.100   1.00 26.64 ? 104 ARG A N   1 
ATOM   831  C CA  . ARG A 1 104 ? -10.354 -0.799  2.310   1.00 26.24 ? 104 ARG A CA  1 
ATOM   832  C C   . ARG A 1 104 ? -9.687  -0.791  0.941   1.00 25.81 ? 104 ARG A C   1 
ATOM   833  O O   . ARG A 1 104 ? -10.251 -1.275  -0.047  1.00 27.60 ? 104 ARG A O   1 
ATOM   834  C CB  . ARG A 1 104 ? -10.117 -2.146  2.993   1.00 28.22 ? 104 ARG A CB  1 
ATOM   835  C CG  . ARG A 1 104 ? -8.656  -2.516  3.222   1.00 27.31 ? 104 ARG A CG  1 
ATOM   836  C CD  . ARG A 1 104 ? -8.577  -3.883  3.896   1.00 30.47 ? 104 ARG A CD  1 
ATOM   837  N NE  . ARG A 1 104 ? -7.212  -4.332  4.151   1.00 29.76 ? 104 ARG A NE  1 
ATOM   838  C CZ  . ARG A 1 104 ? -6.912  -5.436  4.830   1.00 32.84 ? 104 ARG A CZ  1 
ATOM   839  N NH1 . ARG A 1 104 ? -7.884  -6.201  5.319   1.00 29.30 ? 104 ARG A NH1 1 
ATOM   840  N NH2 . ARG A 1 104 ? -5.644  -5.778  5.029   1.00 30.44 ? 104 ARG A NH2 1 
ATOM   841  N N   . GLY A 1 105 ? -8.487  -0.235  0.885   1.00 22.92 ? 105 GLY A N   1 
ATOM   842  C CA  . GLY A 1 105 ? -7.766  -0.191  -0.369  1.00 22.58 ? 105 GLY A CA  1 
ATOM   843  C C   . GLY A 1 105 ? -6.597  0.759   -0.297  1.00 19.02 ? 105 GLY A C   1 
ATOM   844  O O   . GLY A 1 105 ? -6.161  1.132   0.796   1.00 18.36 ? 105 GLY A O   1 
ATOM   845  N N   . TRP A 1 106 ? -6.080  1.132   -1.464  1.00 18.10 ? 106 TRP A N   1 
ATOM   846  C CA  . TRP A 1 106 ? -4.954  2.060   -1.542  1.00 21.10 ? 106 TRP A CA  1 
ATOM   847  C C   . TRP A 1 106 ? -4.829  2.693   -2.923  1.00 21.41 ? 106 TRP A C   1 
ATOM   848  O O   . TRP A 1 106 ? -5.357  2.175   -3.914  1.00 20.01 ? 106 TRP A O   1 
ATOM   849  C CB  . TRP A 1 106 ? -3.648  1.361   -1.182  1.00 19.12 ? 106 TRP A CB  1 
ATOM   850  C CG  . TRP A 1 106 ? -3.392  0.090   -1.949  1.00 20.61 ? 106 TRP A CG  1 
ATOM   851  C CD1 . TRP A 1 106 ? -3.605  -1.182  -1.513  1.00 20.35 ? 106 TRP A CD1 1 
ATOM   852  C CD2 . TRP A 1 106 ? -2.832  -0.026  -3.263  1.00 17.46 ? 106 TRP A CD2 1 
ATOM   853  N NE1 . TRP A 1 106 ? -3.208  -2.088  -2.468  1.00 18.81 ? 106 TRP A NE1 1 
ATOM   854  C CE2 . TRP A 1 106 ? -2.730  -1.406  -3.551  1.00 18.73 ? 106 TRP A CE2 1 
ATOM   855  C CE3 . TRP A 1 106 ? -2.412  0.899   -4.226  1.00 16.96 ? 106 TRP A CE3 1 
ATOM   856  C CZ2 . TRP A 1 106 ? -2.216  -1.885  -4.764  1.00 19.90 ? 106 TRP A CZ2 1 
ATOM   857  C CZ3 . TRP A 1 106 ? -1.903  0.415   -5.442  1.00 16.83 ? 106 TRP A CZ3 1 
ATOM   858  C CH2 . TRP A 1 106 ? -1.811  -0.959  -5.692  1.00 18.55 ? 106 TRP A CH2 1 
ATOM   859  N N   . THR A 1 107 ? -4.115  3.810   -2.981  1.00 20.04 ? 107 THR A N   1 
ATOM   860  C CA  . THR A 1 107 ? -3.938  4.527   -4.230  1.00 20.72 ? 107 THR A CA  1 
ATOM   861  C C   . THR A 1 107 ? -2.545  5.112   -4.331  1.00 20.42 ? 107 THR A C   1 
ATOM   862  O O   . THR A 1 107 ? -2.078  5.782   -3.409  1.00 21.41 ? 107 THR A O   1 
ATOM   863  C CB  . THR A 1 107 ? -4.947  5.686   -4.351  1.00 21.43 ? 107 THR A CB  1 
ATOM   864  O OG1 . THR A 1 107 ? -6.268  5.152   -4.455  1.00 28.10 ? 107 THR A OG1 1 
ATOM   865  C CG2 . THR A 1 107 ? -4.647  6.542   -5.577  1.00 24.56 ? 107 THR A CG2 1 
ATOM   866  N N   . HIS A 1 108 ? -1.886  4.833   -5.449  1.00 18.28 ? 108 HIS A N   1 
ATOM   867  C CA  . HIS A 1 108 ? -0.553  5.351   -5.713  1.00 20.55 ? 108 HIS A CA  1 
ATOM   868  C C   . HIS A 1 108 ? -0.648  6.303   -6.884  1.00 20.24 ? 108 HIS A C   1 
ATOM   869  O O   . HIS A 1 108 ? -1.500  6.139   -7.764  1.00 19.58 ? 108 HIS A O   1 
ATOM   870  C CB  . HIS A 1 108 ? 0.423   4.240   -6.113  1.00 19.33 ? 108 HIS A CB  1 
ATOM   871  C CG  . HIS A 1 108 ? 1.185   3.650   -4.971  1.00 20.66 ? 108 HIS A CG  1 
ATOM   872  N ND1 . HIS A 1 108 ? 1.935   4.414   -4.103  1.00 23.06 ? 108 HIS A ND1 1 
ATOM   873  C CD2 . HIS A 1 108 ? 1.353   2.364   -4.583  1.00 20.94 ? 108 HIS A CD2 1 
ATOM   874  C CE1 . HIS A 1 108 ? 2.530   3.623   -3.228  1.00 23.16 ? 108 HIS A CE1 1 
ATOM   875  N NE2 . HIS A 1 108 ? 2.194   2.376   -3.498  1.00 24.08 ? 108 HIS A NE2 1 
ATOM   876  N N   . TRP A 1 109 ? 0.212   7.312   -6.880  1.00 21.31 ? 109 TRP A N   1 
ATOM   877  C CA  . TRP A 1 109 ? 0.280   8.248   -7.991  1.00 23.52 ? 109 TRP A CA  1 
ATOM   878  C C   . TRP A 1 109 ? 1.581   9.013   -7.863  1.00 24.81 ? 109 TRP A C   1 
ATOM   879  O O   . TRP A 1 109 ? 2.190   9.052   -6.793  1.00 23.83 ? 109 TRP A O   1 
ATOM   880  C CB  . TRP A 1 109 ? -0.934  9.184   -8.032  1.00 21.85 ? 109 TRP A CB  1 
ATOM   881  C CG  . TRP A 1 109 ? -0.976  10.285  -7.037  1.00 24.38 ? 109 TRP A CG  1 
ATOM   882  C CD1 . TRP A 1 109 ? -0.472  11.555  -7.181  1.00 26.39 ? 109 TRP A CD1 1 
ATOM   883  C CD2 . TRP A 1 109 ? -1.633  10.256  -5.769  1.00 26.15 ? 109 TRP A CD2 1 
ATOM   884  N NE1 . TRP A 1 109 ? -0.789  12.315  -6.080  1.00 25.84 ? 109 TRP A NE1 1 
ATOM   885  C CE2 . TRP A 1 109 ? -1.499  11.544  -5.199  1.00 27.61 ? 109 TRP A CE2 1 
ATOM   886  C CE3 . TRP A 1 109 ? -2.326  9.270   -5.062  1.00 27.67 ? 109 TRP A CE3 1 
ATOM   887  C CZ2 . TRP A 1 109 ? -2.033  11.865  -3.951  1.00 27.99 ? 109 TRP A CZ2 1 
ATOM   888  C CZ3 . TRP A 1 109 ? -2.856  9.588   -3.822  1.00 29.48 ? 109 TRP A CZ3 1 
ATOM   889  C CH2 . TRP A 1 109 ? -2.707  10.878  -3.280  1.00 31.93 ? 109 TRP A CH2 1 
ATOM   890  N N   . ILE A 1 110 ? 2.029   9.590   -8.961  1.00 25.11 ? 110 ILE A N   1 
ATOM   891  C CA  . ILE A 1 110 ? 3.271   10.315  -8.909  1.00 30.21 ? 110 ILE A CA  1 
ATOM   892  C C   . ILE A 1 110 ? 3.095   11.714  -9.472  1.00 30.77 ? 110 ILE A C   1 
ATOM   893  O O   . ILE A 1 110 ? 2.384   11.920  -10.453 1.00 30.01 ? 110 ILE A O   1 
ATOM   894  C CB  . ILE A 1 110 ? 4.367   9.555   -9.685  1.00 31.46 ? 110 ILE A CB  1 
ATOM   895  C CG1 . ILE A 1 110 ? 5.745   10.123  -9.350  1.00 35.34 ? 110 ILE A CG1 1 
ATOM   896  C CG2 . ILE A 1 110 ? 4.124   9.669   -11.172 1.00 35.23 ? 110 ILE A CG2 1 
ATOM   897  C CD1 . ILE A 1 110 ? 6.881   9.234   -9.822  1.00 37.19 ? 110 ILE A CD1 1 
ATOM   898  N N   . GLU A 1 111 ? 3.709   12.678  -8.810  1.00 33.55 ? 111 GLU A N   1 
ATOM   899  C CA  . GLU A 1 111 ? 3.663   14.059  -9.268  1.00 37.51 ? 111 GLU A CA  1 
ATOM   900  C C   . GLU A 1 111 ? 5.085   14.557  -9.110  1.00 37.51 ? 111 GLU A C   1 
ATOM   901  O O   . GLU A 1 111 ? 5.608   14.633  -8.000  1.00 35.67 ? 111 GLU A O   1 
ATOM   902  C CB  . GLU A 1 111 ? 2.677   14.891  -8.439  1.00 40.17 ? 111 GLU A CB  1 
ATOM   903  C CG  . GLU A 1 111 ? 2.847   14.810  -6.942  1.00 44.32 ? 111 GLU A CG  1 
ATOM   904  C CD  . GLU A 1 111 ? 1.945   15.788  -6.202  1.00 47.87 ? 111 GLU A CD  1 
ATOM   905  O OE1 . GLU A 1 111 ? 2.175   17.014  -6.309  1.00 48.21 ? 111 GLU A OE1 1 
ATOM   906  O OE2 . GLU A 1 111 ? 1.000   15.332  -5.518  1.00 50.34 ? 111 GLU A OE2 1 
ATOM   907  N N   . GLY A 1 112 ? 5.712   14.869  -10.240 1.00 39.81 ? 112 GLY A N   1 
ATOM   908  C CA  . GLY A 1 112 ? 7.092   15.300  -10.221 1.00 41.06 ? 112 GLY A CA  1 
ATOM   909  C C   . GLY A 1 112 ? 7.848   14.000  -10.061 1.00 41.90 ? 112 GLY A C   1 
ATOM   910  O O   . GLY A 1 112 ? 7.633   13.061  -10.830 1.00 43.56 ? 112 GLY A O   1 
ATOM   911  N N   . ASP A 1 113 ? 8.713   13.919  -9.061  1.00 41.79 ? 113 ASP A N   1 
ATOM   912  C CA  . ASP A 1 113 ? 9.449   12.690  -8.841  1.00 40.35 ? 113 ASP A CA  1 
ATOM   913  C C   . ASP A 1 113 ? 9.102   12.121  -7.475  1.00 36.53 ? 113 ASP A C   1 
ATOM   914  O O   . ASP A 1 113 ? 9.818   11.278  -6.943  1.00 36.22 ? 113 ASP A O   1 
ATOM   915  C CB  . ASP A 1 113 ? 10.957  12.933  -8.941  1.00 43.92 ? 113 ASP A CB  1 
ATOM   916  C CG  . ASP A 1 113 ? 11.733  11.647  -9.184  1.00 46.77 ? 113 ASP A CG  1 
ATOM   917  O OD1 . ASP A 1 113 ? 11.406  10.939  -10.160 1.00 47.48 ? 113 ASP A OD1 1 
ATOM   918  O OD2 . ASP A 1 113 ? 12.664  11.340  -8.408  1.00 50.28 ? 113 ASP A OD2 1 
ATOM   919  N N   . LYS A 1 114 ? 7.995   12.586  -6.908  1.00 32.08 ? 114 LYS A N   1 
ATOM   920  C CA  . LYS A 1 114 ? 7.570   12.108  -5.600  1.00 30.21 ? 114 LYS A CA  1 
ATOM   921  C C   . LYS A 1 114 ? 6.418   11.132  -5.708  1.00 25.36 ? 114 LYS A C   1 
ATOM   922  O O   . LYS A 1 114 ? 5.445   11.389  -6.404  1.00 23.02 ? 114 LYS A O   1 
ATOM   923  C CB  . LYS A 1 114 ? 7.147   13.269  -4.711  1.00 33.06 ? 114 LYS A CB  1 
ATOM   924  C CG  . LYS A 1 114 ? 8.276   14.231  -4.405  1.00 41.00 ? 114 LYS A CG  1 
ATOM   925  C CD  . LYS A 1 114 ? 8.565   15.172  -5.558  1.00 44.68 ? 114 LYS A CD  1 
ATOM   926  C CE  . LYS A 1 114 ? 7.304   15.883  -6.052  1.00 46.81 ? 114 LYS A CE  1 
ATOM   927  N NZ  . LYS A 1 114 ? 6.378   16.305  -4.960  1.00 48.81 ? 114 LYS A NZ  1 
ATOM   928  N N   . LEU A 1 115 ? 6.540   10.017  -4.999  1.00 24.43 ? 115 LEU A N   1 
ATOM   929  C CA  . LEU A 1 115 ? 5.513   8.990   -5.001  1.00 20.73 ? 115 LEU A CA  1 
ATOM   930  C C   . LEU A 1 115 ? 4.522   9.199   -3.851  1.00 19.15 ? 115 LEU A C   1 
ATOM   931  O O   . LEU A 1 115 ? 4.905   9.278   -2.687  1.00 19.26 ? 115 LEU A O   1 
ATOM   932  C CB  . LEU A 1 115 ? 6.158   7.601   -4.881  1.00 20.18 ? 115 LEU A CB  1 
ATOM   933  C CG  . LEU A 1 115 ? 5.163   6.437   -4.841  1.00 19.33 ? 115 LEU A CG  1 
ATOM   934  C CD1 . LEU A 1 115 ? 4.383   6.408   -6.143  1.00 20.43 ? 115 LEU A CD1 1 
ATOM   935  C CD2 . LEU A 1 115 ? 5.890   5.106   -4.611  1.00 20.49 ? 115 LEU A CD2 1 
ATOM   936  N N   . HIS A 1 116 ? 3.243   9.301   -4.175  1.00 17.77 ? 116 HIS A N   1 
ATOM   937  C CA  . HIS A 1 116 ? 2.246   9.463   -3.131  1.00 20.19 ? 116 HIS A CA  1 
ATOM   938  C C   . HIS A 1 116 ? 1.521   8.143   -2.911  1.00 20.82 ? 116 HIS A C   1 
ATOM   939  O O   . HIS A 1 116 ? 1.463   7.297   -3.797  1.00 20.31 ? 116 HIS A O   1 
ATOM   940  C CB  . HIS A 1 116 ? 1.232   10.534  -3.502  1.00 21.97 ? 116 HIS A CB  1 
ATOM   941  C CG  . HIS A 1 116 ? 1.777   11.922  -3.447  1.00 24.43 ? 116 HIS A CG  1 
ATOM   942  N ND1 . HIS A 1 116 ? 2.709   12.394  -4.348  1.00 29.55 ? 116 HIS A ND1 1 
ATOM   943  C CD2 . HIS A 1 116 ? 1.526   12.944  -2.596  1.00 26.74 ? 116 HIS A CD2 1 
ATOM   944  C CE1 . HIS A 1 116 ? 3.009   13.646  -4.052  1.00 25.24 ? 116 HIS A CE1 1 
ATOM   945  N NE2 . HIS A 1 116 ? 2.306   14.005  -2.993  1.00 27.54 ? 116 HIS A NE2 1 
ATOM   946  N N   . LEU A 1 117 ? 0.983   7.974   -1.714  1.00 22.71 ? 117 LEU A N   1 
ATOM   947  C CA  . LEU A 1 117 ? 0.253   6.767   -1.373  1.00 23.12 ? 117 LEU A CA  1 
ATOM   948  C C   . LEU A 1 117 ? -0.802  7.024   -0.317  1.00 24.53 ? 117 LEU A C   1 
ATOM   949  O O   . LEU A 1 117 ? -0.519  7.595   0.744   1.00 24.07 ? 117 LEU A O   1 
ATOM   950  C CB  . LEU A 1 117 ? 1.201   5.690   -0.843  1.00 22.23 ? 117 LEU A CB  1 
ATOM   951  C CG  . LEU A 1 117 ? 0.478   4.514   -0.170  1.00 23.87 ? 117 LEU A CG  1 
ATOM   952  C CD1 . LEU A 1 117 ? -0.394  3.791   -1.192  1.00 24.37 ? 117 LEU A CD1 1 
ATOM   953  C CD2 . LEU A 1 117 ? 1.494   3.560   0.433   1.00 26.20 ? 117 LEU A CD2 1 
ATOM   954  N N   . GLU A 1 118 ? -2.025  6.622   -0.612  1.00 24.43 ? 118 GLU A N   1 
ATOM   955  C CA  . GLU A 1 118 ? -3.073  6.725   0.378   1.00 26.71 ? 118 GLU A CA  1 
ATOM   956  C C   . GLU A 1 118 ? -3.463  5.285   0.666   1.00 27.46 ? 118 GLU A C   1 
ATOM   957  O O   . GLU A 1 118 ? -3.574  4.474   -0.257  1.00 27.39 ? 118 GLU A O   1 
ATOM   958  C CB  . GLU A 1 118 ? -4.281  7.499   -0.145  1.00 29.90 ? 118 GLU A CB  1 
ATOM   959  C CG  . GLU A 1 118 ? -4.183  9.002   0.034   1.00 36.29 ? 118 GLU A CG  1 
ATOM   960  C CD  . GLU A 1 118 ? -5.538  9.685   -0.064  1.00 39.24 ? 118 GLU A CD  1 
ATOM   961  O OE1 . GLU A 1 118 ? -5.589  10.932  -0.002  1.00 41.46 ? 118 GLU A OE1 1 
ATOM   962  O OE2 . GLU A 1 118 ? -6.556  8.968   -0.200  1.00 43.56 ? 118 GLU A OE2 1 
ATOM   963  N N   . MET A 1 119 ? -3.610  4.955   1.945   1.00 27.19 ? 119 MET A N   1 
ATOM   964  C CA  . MET A 1 119 ? -4.026  3.617   2.352   1.00 27.11 ? 119 MET A CA  1 
ATOM   965  C C   . MET A 1 119 ? -5.212  3.865   3.256   1.00 27.18 ? 119 MET A C   1 
ATOM   966  O O   . MET A 1 119 ? -5.104  4.562   4.272   1.00 26.80 ? 119 MET A O   1 
ATOM   967  C CB  . MET A 1 119 ? -2.929  2.885   3.131   1.00 28.24 ? 119 MET A CB  1 
ATOM   968  C CG  . MET A 1 119 ? -1.659  2.613   2.340   1.00 31.56 ? 119 MET A CG  1 
ATOM   969  S SD  . MET A 1 119 ? -0.499  1.620   3.310   1.00 37.85 ? 119 MET A SD  1 
ATOM   970  C CE  . MET A 1 119 ? 0.074   2.818   4.535   1.00 33.95 ? 119 MET A CE  1 
ATOM   971  N N   . PHE A 1 120 ? -6.348  3.301   2.885   1.00 25.07 ? 120 PHE A N   1 
ATOM   972  C CA  . PHE A 1 120 ? -7.552  3.515   3.651   1.00 23.90 ? 120 PHE A CA  1 
ATOM   973  C C   . PHE A 1 120 ? -8.264  2.245   4.057   1.00 21.79 ? 120 PHE A C   1 
ATOM   974  O O   . PHE A 1 120 ? -8.093  1.178   3.456   1.00 17.93 ? 120 PHE A O   1 
ATOM   975  C CB  . PHE A 1 120 ? -8.490  4.422   2.851   1.00 25.49 ? 120 PHE A CB  1 
ATOM   976  C CG  . PHE A 1 120 ? -8.530  4.100   1.385   1.00 25.97 ? 120 PHE A CG  1 
ATOM   977  C CD1 . PHE A 1 120 ? -9.350  3.090   0.901   1.00 25.82 ? 120 PHE A CD1 1 
ATOM   978  C CD2 . PHE A 1 120 ? -7.736  4.806   0.489   1.00 28.64 ? 120 PHE A CD2 1 
ATOM   979  C CE1 . PHE A 1 120 ? -9.376  2.779   -0.451  1.00 28.56 ? 120 PHE A CE1 1 
ATOM   980  C CE2 . PHE A 1 120 ? -7.748  4.508   -0.865  1.00 27.50 ? 120 PHE A CE2 1 
ATOM   981  C CZ  . PHE A 1 120 ? -8.575  3.492   -1.341  1.00 30.69 ? 120 PHE A CZ  1 
ATOM   982  N N   . CYS A 1 121 ? -9.048  2.382   5.112   1.00 21.92 ? 121 CYS A N   1 
ATOM   983  C CA  . CYS A 1 121 ? -9.832  1.286   5.638   1.00 23.85 ? 121 CYS A CA  1 
ATOM   984  C C   . CYS A 1 121 ? -10.937 1.903   6.483   1.00 26.02 ? 121 CYS A C   1 
ATOM   985  O O   . CYS A 1 121 ? -10.674 2.608   7.459   1.00 22.97 ? 121 CYS A O   1 
ATOM   986  C CB  . CYS A 1 121 ? -8.967  0.358   6.478   1.00 24.47 ? 121 CYS A CB  1 
ATOM   987  S SG  . CYS A 1 121 ? -9.820  -1.170  6.893   1.00 24.74 ? 121 CYS A SG  1 
ATOM   988  N N   . GLU A 1 122 ? -12.170 1.633   6.069   1.00 30.58 ? 122 GLU A N   1 
ATOM   989  C CA  . GLU A 1 122 ? -13.390 2.146   6.696   1.00 33.80 ? 122 GLU A CA  1 
ATOM   990  C C   . GLU A 1 122 ? -13.295 3.449   7.488   1.00 33.96 ? 122 GLU A C   1 
ATOM   991  O O   . GLU A 1 122 ? -13.504 3.478   8.701   1.00 34.97 ? 122 GLU A O   1 
ATOM   992  C CB  . GLU A 1 122 ? -14.057 1.057   7.545   1.00 37.17 ? 122 GLU A CB  1 
ATOM   993  C CG  . GLU A 1 122 ? -13.237 0.452   8.657   1.00 41.36 ? 122 GLU A CG  1 
ATOM   994  C CD  . GLU A 1 122 ? -13.940 -0.762  9.254   1.00 43.74 ? 122 GLU A CD  1 
ATOM   995  O OE1 . GLU A 1 122 ? -14.038 -1.795  8.557   1.00 46.59 ? 122 GLU A OE1 1 
ATOM   996  O OE2 . GLU A 1 122 ? -14.413 -0.687  10.408  1.00 45.50 ? 122 GLU A OE2 1 
ATOM   997  N N   . GLY A 1 123 ? -12.990 4.528   6.774   1.00 34.28 ? 123 GLY A N   1 
ATOM   998  C CA  . GLY A 1 123 ? -12.910 5.835   7.393   1.00 33.05 ? 123 GLY A CA  1 
ATOM   999  C C   . GLY A 1 123 ? -11.515 6.381   7.611   1.00 31.14 ? 123 GLY A C   1 
ATOM   1000 O O   . GLY A 1 123 ? -11.299 7.581   7.503   1.00 32.62 ? 123 GLY A O   1 
ATOM   1001 N N   . GLN A 1 124 ? -10.568 5.513   7.934   1.00 29.32 ? 124 GLN A N   1 
ATOM   1002 C CA  . GLN A 1 124 ? -9.208  5.961   8.183   1.00 27.59 ? 124 GLN A CA  1 
ATOM   1003 C C   . GLN A 1 124 ? -8.384  5.998   6.900   1.00 27.86 ? 124 GLN A C   1 
ATOM   1004 O O   . GLN A 1 124 ? -8.367  5.039   6.122   1.00 25.76 ? 124 GLN A O   1 
ATOM   1005 C CB  . GLN A 1 124 ? -8.528  5.053   9.220   1.00 26.83 ? 124 GLN A CB  1 
ATOM   1006 C CG  . GLN A 1 124 ? -9.179  5.074   10.609  1.00 26.22 ? 124 GLN A CG  1 
ATOM   1007 C CD  . GLN A 1 124 ? -9.164  6.452   11.255  1.00 26.54 ? 124 GLN A CD  1 
ATOM   1008 O OE1 . GLN A 1 124 ? -8.106  7.044   11.466  1.00 23.85 ? 124 GLN A OE1 1 
ATOM   1009 N NE2 . GLN A 1 124 ? -10.344 6.968   11.577  1.00 27.22 ? 124 GLN A NE2 1 
ATOM   1010 N N   . VAL A 1 125 ? -7.718  7.122   6.674   1.00 26.02 ? 125 VAL A N   1 
ATOM   1011 C CA  . VAL A 1 125 ? -6.881  7.270   5.495   1.00 27.91 ? 125 VAL A CA  1 
ATOM   1012 C C   . VAL A 1 125 ? -5.477  7.674   5.925   1.00 27.67 ? 125 VAL A C   1 
ATOM   1013 O O   . VAL A 1 125 ? -5.291  8.694   6.595   1.00 26.99 ? 125 VAL A O   1 
ATOM   1014 C CB  . VAL A 1 125 ? -7.440  8.335   4.525   1.00 29.55 ? 125 VAL A CB  1 
ATOM   1015 C CG1 . VAL A 1 125 ? -6.496  8.510   3.340   1.00 28.66 ? 125 VAL A CG1 1 
ATOM   1016 C CG2 . VAL A 1 125 ? -8.812  7.923   4.035   1.00 28.51 ? 125 VAL A CG2 1 
ATOM   1017 N N   . CYS A 1 126 ? -4.498  6.856   5.557   1.00 25.03 ? 126 CYS A N   1 
ATOM   1018 C CA  . CYS A 1 126 ? -3.101  7.123   5.868   1.00 25.71 ? 126 CYS A CA  1 
ATOM   1019 C C   . CYS A 1 126 ? -2.399  7.638   4.612   1.00 25.74 ? 126 CYS A C   1 
ATOM   1020 O O   . CYS A 1 126 ? -2.238  6.912   3.633   1.00 23.26 ? 126 CYS A O   1 
ATOM   1021 C CB  . CYS A 1 126 ? -2.407  5.846   6.364   1.00 26.67 ? 126 CYS A CB  1 
ATOM   1022 S SG  . CYS A 1 126 ? -0.604  5.984   6.561   1.00 30.46 ? 126 CYS A SG  1 
ATOM   1023 N N   . LYS A 1 127 ? -1.985  8.896   4.643   1.00 25.36 ? 127 LYS A N   1 
ATOM   1024 C CA  . LYS A 1 127 ? -1.302  9.490   3.507   1.00 25.98 ? 127 LYS A CA  1 
ATOM   1025 C C   . LYS A 1 127 ? 0.207   9.363   3.670   1.00 24.51 ? 127 LYS A C   1 
ATOM   1026 O O   . LYS A 1 127 ? 0.748   9.608   4.756   1.00 24.91 ? 127 LYS A O   1 
ATOM   1027 C CB  . LYS A 1 127 ? -1.662  10.971  3.388   1.00 28.92 ? 127 LYS A CB  1 
ATOM   1028 C CG  . LYS A 1 127 ? -2.759  11.435  4.333   1.00 35.68 ? 127 LYS A CG  1 
ATOM   1029 C CD  . LYS A 1 127 ? -4.133  10.982  3.862   1.00 39.08 ? 127 LYS A CD  1 
ATOM   1030 C CE  . LYS A 1 127 ? -4.497  11.623  2.531   1.00 38.29 ? 127 LYS A CE  1 
ATOM   1031 N NZ  . LYS A 1 127 ? -4.600  13.098  2.632   1.00 39.60 ? 127 LYS A NZ  1 
ATOM   1032 N N   . GLN A 1 128 ? 0.889   8.980   2.596   1.00 22.20 ? 128 GLN A N   1 
ATOM   1033 C CA  . GLN A 1 128 ? 2.342   8.853   2.627   1.00 21.32 ? 128 GLN A CA  1 
ATOM   1034 C C   . GLN A 1 128 ? 2.965   9.337   1.327   1.00 20.28 ? 128 GLN A C   1 
ATOM   1035 O O   . GLN A 1 128 ? 2.363   9.248   0.265   1.00 21.70 ? 128 GLN A O   1 
ATOM   1036 C CB  . GLN A 1 128 ? 2.773   7.402   2.876   1.00 23.11 ? 128 GLN A CB  1 
ATOM   1037 C CG  . GLN A 1 128 ? 2.271   6.793   4.178   1.00 24.93 ? 128 GLN A CG  1 
ATOM   1038 C CD  . GLN A 1 128 ? 2.798   5.375   4.401   1.00 25.96 ? 128 GLN A CD  1 
ATOM   1039 O OE1 . GLN A 1 128 ? 3.009   4.629   3.449   1.00 25.86 ? 128 GLN A OE1 1 
ATOM   1040 N NE2 . GLN A 1 128 ? 3.001   5.001   5.661   1.00 25.18 ? 128 GLN A NE2 1 
ATOM   1041 N N   . THR A 1 129 ? 4.171   9.875   1.426   1.00 20.20 ? 129 THR A N   1 
ATOM   1042 C CA  . THR A 1 129 ? 4.891   10.347  0.263   1.00 20.62 ? 129 THR A CA  1 
ATOM   1043 C C   . THR A 1 129 ? 6.272   9.742   0.362   1.00 19.72 ? 129 THR A C   1 
ATOM   1044 O O   . THR A 1 129 ? 6.803   9.564   1.465   1.00 19.62 ? 129 THR A O   1 
ATOM   1045 C CB  . THR A 1 129 ? 4.989   11.886  0.227   1.00 22.03 ? 129 THR A CB  1 
ATOM   1046 O OG1 . THR A 1 129 ? 5.713   12.350  1.364   1.00 24.63 ? 129 THR A OG1 1 
ATOM   1047 C CG2 . THR A 1 129 ? 3.607   12.492  0.250   1.00 22.09 ? 129 THR A CG2 1 
ATOM   1048 N N   . PHE A 1 130 ? 6.837   9.420   -0.793  1.00 18.40 ? 130 PHE A N   1 
ATOM   1049 C CA  . PHE A 1 130 ? 8.145   8.796   -0.876  1.00 20.38 ? 130 PHE A CA  1 
ATOM   1050 C C   . PHE A 1 130 ? 9.009   9.569   -1.844  1.00 21.89 ? 130 PHE A C   1 
ATOM   1051 O O   . PHE A 1 130 ? 8.500   10.218  -2.758  1.00 21.91 ? 130 PHE A O   1 
ATOM   1052 C CB  . PHE A 1 130 ? 8.036   7.353   -1.403  1.00 21.87 ? 130 PHE A CB  1 
ATOM   1053 C CG  . PHE A 1 130 ? 7.143   6.463   -0.598  1.00 22.41 ? 130 PHE A CG  1 
ATOM   1054 C CD1 . PHE A 1 130 ? 5.762   6.658   -0.582  1.00 26.02 ? 130 PHE A CD1 1 
ATOM   1055 C CD2 . PHE A 1 130 ? 7.680   5.414   0.138   1.00 23.08 ? 130 PHE A CD2 1 
ATOM   1056 C CE1 . PHE A 1 130 ? 4.931   5.810   0.162   1.00 24.71 ? 130 PHE A CE1 1 
ATOM   1057 C CE2 . PHE A 1 130 ? 6.861   4.569   0.878   1.00 24.18 ? 130 PHE A CE2 1 
ATOM   1058 C CZ  . PHE A 1 130 ? 5.485   4.770   0.890   1.00 23.28 ? 130 PHE A CZ  1 
ATOM   1059 N N   . GLN A 1 131 ? 10.319  9.480   -1.644  1.00 24.83 ? 131 GLN A N   1 
ATOM   1060 C CA  . GLN A 1 131 ? 11.279  10.151  -2.509  1.00 29.61 ? 131 GLN A CA  1 
ATOM   1061 C C   . GLN A 1 131 ? 12.116  9.103   -3.215  1.00 30.18 ? 131 GLN A C   1 
ATOM   1062 O O   . GLN A 1 131 ? 12.510  8.105   -2.617  1.00 27.71 ? 131 GLN A O   1 
ATOM   1063 C CB  . GLN A 1 131 ? 12.208  11.060  -1.700  1.00 31.33 ? 131 GLN A CB  1 
ATOM   1064 C CG  . GLN A 1 131 ? 13.019  10.343  -0.632  1.00 35.31 ? 131 GLN A CG  1 
ATOM   1065 C CD  . GLN A 1 131 ? 14.038  11.249  0.028   1.00 39.16 ? 131 GLN A CD  1 
ATOM   1066 O OE1 . GLN A 1 131 ? 14.655  10.886  1.036   1.00 41.99 ? 131 GLN A OE1 1 
ATOM   1067 N NE2 . GLN A 1 131 ? 14.226  12.435  -0.543  1.00 39.56 ? 131 GLN A NE2 1 
ATOM   1068 N N   . ARG A 1 132 ? 12.385  9.331   -4.490  1.00 34.60 ? 132 ARG A N   1 
ATOM   1069 C CA  . ARG A 1 132 ? 13.194  8.402   -5.257  1.00 40.26 ? 132 ARG A CA  1 
ATOM   1070 C C   . ARG A 1 132 ? 14.559  8.292   -4.581  1.00 42.37 ? 132 ARG A C   1 
ATOM   1071 O O   . ARG A 1 132 ? 15.214  9.306   -4.329  1.00 41.18 ? 132 ARG A O   1 
ATOM   1072 C CB  . ARG A 1 132 ? 13.369  8.911   -6.685  1.00 42.63 ? 132 ARG A CB  1 
ATOM   1073 C CG  . ARG A 1 132 ? 13.124  7.856   -7.735  1.00 47.41 ? 132 ARG A CG  1 
ATOM   1074 C CD  . ARG A 1 132 ? 14.078  8.002   -8.907  1.00 51.47 ? 132 ARG A CD  1 
ATOM   1075 N NE  . ARG A 1 132 ? 13.839  6.960   -9.895  1.00 55.90 ? 132 ARG A NE  1 
ATOM   1076 C CZ  . ARG A 1 132 ? 13.783  5.665   -9.602  1.00 58.05 ? 132 ARG A CZ  1 
ATOM   1077 N NH1 . ARG A 1 132 ? 13.954  5.256   -8.349  1.00 58.24 ? 132 ARG A NH1 1 
ATOM   1078 N NH2 . ARG A 1 132 ? 13.540  4.780   -10.555 1.00 59.10 ? 132 ARG A NH2 1 
ATOM   1079 N N   . ALA A 1 133 ? 14.978  7.065   -4.282  1.00 45.13 ? 133 ALA A N   1 
ATOM   1080 C CA  . ALA A 1 133 ? 16.263  6.838   -3.635  1.00 48.14 ? 133 ALA A CA  1 
ATOM   1081 C C   . ALA A 1 133 ? 17.412  7.063   -4.620  1.00 50.03 ? 133 ALA A C   1 
ATOM   1082 O O   . ALA A 1 133 ? 18.070  8.124   -4.528  1.00 50.93 ? 133 ALA A O   1 
ATOM   1083 C CB  . ALA A 1 133 ? 16.319  5.418   -3.075  1.00 49.05 ? 133 ALA A CB  1 
ATOM   1084 O OXT . ALA A 1 133 ? 17.634  6.186   -5.482  1.00 52.59 ? 133 ALA A OXT 1 
HETATM 1085 O O   . HOH B 2 .   ? -5.607  -6.320  -9.990  1.00 21.65 ? 134 HOH A O   1 
HETATM 1086 O O   . HOH B 2 .   ? -1.332  -11.232 -2.536  1.00 52.85 ? 136 HOH A O   1 
HETATM 1087 O O   . HOH B 2 .   ? 8.759   6.302   -11.621 1.00 26.26 ? 137 HOH A O   1 
HETATM 1088 O O   . HOH B 2 .   ? -3.757  -9.555  -10.766 1.00 24.55 ? 138 HOH A O   1 
HETATM 1089 O O   . HOH B 2 .   ? -11.685 4.014   4.057   1.00 29.02 ? 140 HOH A O   1 
HETATM 1090 O O   . HOH B 2 .   ? 3.211   -15.189 -13.041 1.00 56.56 ? 141 HOH A O   1 
HETATM 1091 O O   . HOH B 2 .   ? 2.007   12.454  4.248   1.00 26.93 ? 142 HOH A O   1 
HETATM 1092 O O   . HOH B 2 .   ? -13.606 -10.729 -0.578  1.00 28.92 ? 143 HOH A O   1 
HETATM 1093 O O   . HOH B 2 .   ? -2.061  -11.245 -8.732  1.00 24.77 ? 144 HOH A O   1 
HETATM 1094 O O   . HOH B 2 .   ? 0.521   -15.749 12.033  1.00 63.99 ? 145 HOH A O   1 
HETATM 1095 O O   . HOH B 2 .   ? -3.525  9.088   16.982  1.00 47.71 ? 146 HOH A O   1 
HETATM 1096 O O   . HOH B 2 .   ? 11.620  -10.659 -3.771  1.00 48.70 ? 147 HOH A O   1 
HETATM 1097 O O   . HOH B 2 .   ? 11.622  4.591   -12.469 0.50 62.57 ? 148 HOH A O   1 
HETATM 1098 O O   . HOH B 2 .   ? -5.436  -0.964  2.457   1.00 28.02 ? 150 HOH A O   1 
HETATM 1099 O O   . HOH B 2 .   ? -11.824 10.120  5.562   1.00 71.39 ? 151 HOH A O   1 
HETATM 1100 O O   . HOH B 2 .   ? -6.525  7.657   14.734  1.00 45.22 ? 152 HOH A O   1 
HETATM 1101 O O   . HOH B 2 .   ? 0.293   10.097  12.653  1.00 48.16 ? 154 HOH A O   1 
HETATM 1102 O O   . HOH B 2 .   ? -0.347  9.430   -18.996 1.00 59.72 ? 156 HOH A O   1 
HETATM 1103 O O   . HOH B 2 .   ? -1.211  -12.692 -6.254  1.00 34.25 ? 157 HOH A O   1 
HETATM 1104 O O   . HOH B 2 .   ? 11.758  -0.125  8.071   1.00 31.37 ? 159 HOH A O   1 
HETATM 1105 O O   . HOH B 2 .   ? -5.245  13.283  9.295   1.00 68.51 ? 160 HOH A O   1 
HETATM 1106 O O   . HOH B 2 .   ? 2.680   -8.989  -12.245 1.00 26.40 ? 161 HOH A O   1 
HETATM 1107 O O   . HOH B 2 .   ? -13.183 -2.230  0.569   1.00 18.82 ? 162 HOH A O   1 
HETATM 1108 O O   . HOH B 2 .   ? -0.311  -12.589 -10.936 1.00 36.12 ? 163 HOH A O   1 
HETATM 1109 O O   . HOH B 2 .   ? 3.664   16.336  -11.869 1.00 60.15 ? 164 HOH A O   1 
HETATM 1110 O O   . HOH B 2 .   ? -8.829  4.159   -16.395 1.00 24.95 ? 167 HOH A O   1 
HETATM 1111 O O   . HOH B 2 .   ? 0.359   9.478   -11.176 1.00 24.10 ? 168 HOH A O   1 
HETATM 1112 O O   . HOH B 2 .   ? -14.232 -11.925 -11.126 1.00 51.67 ? 169 HOH A O   1 
HETATM 1113 O O   . HOH B 2 .   ? 14.095  0.597   -8.512  1.00 27.23 ? 171 HOH A O   1 
HETATM 1114 O O   . HOH B 2 .   ? 9.821   -0.803  -13.824 1.00 25.71 ? 174 HOH A O   1 
HETATM 1115 O O   . HOH B 2 .   ? 13.643  -7.260  -10.937 1.00 27.08 ? 175 HOH A O   1 
HETATM 1116 O O   . HOH B 2 .   ? -3.635  8.913   -18.920 1.00 51.50 ? 176 HOH A O   1 
HETATM 1117 O O   . HOH B 2 .   ? 11.390  12.843  6.464   1.00 32.44 ? 177 HOH A O   1 
HETATM 1118 O O   . HOH B 2 .   ? 2.762   -4.403  10.621  1.00 29.32 ? 179 HOH A O   1 
HETATM 1119 O O   . HOH B 2 .   ? 9.746   -7.448  -0.211  1.00 33.11 ? 180 HOH A O   1 
HETATM 1120 O O   . HOH B 2 .   ? -8.562  10.667  -12.076 1.00 48.56 ? 182 HOH A O   1 
HETATM 1121 O O   . HOH B 2 .   ? -17.813 -8.156  8.178   1.00 66.01 ? 184 HOH A O   1 
HETATM 1122 O O   . HOH B 2 .   ? -12.766 5.914   10.551  1.00 43.94 ? 186 HOH A O   1 
HETATM 1123 O O   . HOH B 2 .   ? 6.513   14.622  -0.011  1.00 32.81 ? 187 HOH A O   1 
HETATM 1124 O O   . HOH B 2 .   ? 16.999  10.206  -6.970  1.00 57.20 ? 189 HOH A O   1 
HETATM 1125 O O   . HOH B 2 .   ? 15.609  10.298  -10.084 1.00 65.95 ? 190 HOH A O   1 
HETATM 1126 O O   . HOH B 2 .   ? 1.692   -11.831 -1.854  1.00 53.13 ? 191 HOH A O   1 
HETATM 1127 O O   . HOH B 2 .   ? -0.576  16.113  -14.120 1.00 45.52 ? 193 HOH A O   1 
HETATM 1128 O O   . HOH B 2 .   ? 16.269  11.754  -4.152  1.00 63.02 ? 195 HOH A O   1 
HETATM 1129 O O   . HOH B 2 .   ? 3.235   -11.563 -15.878 1.00 51.56 ? 196 HOH A O   1 
HETATM 1130 O O   . HOH B 2 .   ? 13.411  15.773  -7.252  1.00 56.82 ? 197 HOH A O   1 
HETATM 1131 O O   . HOH B 2 .   ? 0.543   14.045  9.940   1.00 39.33 ? 199 HOH A O   1 
HETATM 1132 O O   . HOH B 2 .   ? 2.401   -15.014 9.623   1.00 55.30 ? 200 HOH A O   1 
HETATM 1133 O O   . HOH B 2 .   ? 6.243   -8.950  -16.747 1.00 64.52 ? 201 HOH A O   1 
HETATM 1134 O O   . HOH B 2 .   ? 11.189  7.525   -10.218 1.00 64.61 ? 203 HOH A O   1 
HETATM 1135 O O   . HOH B 2 .   ? -8.433  12.084  2.890   1.00 66.77 ? 204 HOH A O   1 
HETATM 1136 O O   . HOH B 2 .   ? -10.573 8.768   0.737   1.00 53.16 ? 205 HOH A O   1 
HETATM 1137 O O   . HOH B 2 .   ? -10.381 -18.687 10.227  1.00 47.71 ? 206 HOH A O   1 
HETATM 1138 O O   . HOH B 2 .   ? 2.737   7.448   18.526  1.00 71.34 ? 207 HOH A O   1 
HETATM 1139 O O   . HOH B 2 .   ? -0.747  13.886  13.709  1.00 38.82 ? 208 HOH A O   1 
HETATM 1140 O O   . HOH B 2 .   ? 1.759   12.705  12.266  1.00 64.98 ? 209 HOH A O   1 
HETATM 1141 O O   . HOH B 2 .   ? -1.219  11.236  16.183  1.00 71.80 ? 210 HOH A O   1 
HETATM 1142 O O   . HOH B 2 .   ? 1.200   -11.662 -13.522 1.00 41.15 ? 211 HOH A O   1 
HETATM 1143 O O   . HOH B 2 .   ? 3.082   9.746   -17.604 1.00 58.73 ? 212 HOH A O   1 
HETATM 1144 O O   . HOH B 2 .   ? 1.694   11.056  -14.229 1.00 45.05 ? 213 HOH A O   1 
HETATM 1145 O O   . HOH B 2 .   ? -7.418  17.511  8.516   1.00 44.48 ? 214 HOH A O   1 
HETATM 1146 O O   . HOH B 2 .   ? -6.771  14.820  6.854   1.00 48.65 ? 215 HOH A O   1 
HETATM 1147 O O   . HOH B 2 .   ? -15.265 -0.763  -1.331  1.00 33.25 ? 217 HOH A O   1 
HETATM 1148 O O   . HOH B 2 .   ? 1.343   -13.884 -8.469  1.00 49.16 ? 218 HOH A O   1 
HETATM 1149 O O   . HOH B 2 .   ? 3.519   -14.276 -6.163  1.00 64.44 ? 219 HOH A O   1 
HETATM 1150 O O   . HOH B 2 .   ? 3.309   -14.403 -3.000  1.00 53.66 ? 220 HOH A O   1 
HETATM 1151 O O   . HOH B 2 .   ? -0.464  -11.945 15.739  1.00 35.50 ? 221 HOH A O   1 
HETATM 1152 O O   . HOH B 2 .   ? -14.249 -8.318  -12.418 1.00 59.96 ? 222 HOH A O   1 
HETATM 1153 O O   . HOH B 2 .   ? 5.004   -1.831  7.627   1.00 56.89 ? 224 HOH A O   1 
HETATM 1154 O O   . HOH B 2 .   ? 11.303  -10.114 -0.325  1.00 61.51 ? 225 HOH A O   1 
HETATM 1155 O O   . HOH B 2 .   ? 13.670  -7.513  1.115   1.00 37.66 ? 226 HOH A O   1 
HETATM 1156 O O   . HOH B 2 .   ? -11.143 9.519   -13.694 1.00 64.33 ? 227 HOH A O   1 
HETATM 1157 O O   . HOH B 2 .   ? 7.801   9.800   9.715   1.00 62.33 ? 229 HOH A O   1 
HETATM 1158 O O   . HOH B 2 .   ? 10.228  -13.240 -5.789  1.00 58.25 ? 230 HOH A O   1 
HETATM 1159 O O   . HOH B 2 .   ? 15.886  -5.123  1.640   1.00 52.73 ? 231 HOH A O   1 
HETATM 1160 O O   . HOH B 2 .   ? 14.137  -1.262  4.064   1.00 46.68 ? 232 HOH A O   1 
HETATM 1161 O O   . HOH B 2 .   ? 16.177  -1.758  1.829   1.00 66.01 ? 233 HOH A O   1 
HETATM 1162 O O   . HOH B 2 .   ? 18.794  -3.841  -0.123  1.00 37.13 ? 235 HOH A O   1 
HETATM 1163 O O   . HOH B 2 .   ? 16.487  -5.642  -1.870  1.00 76.23 ? 236 HOH A O   1 
HETATM 1164 O O   . HOH B 2 .   ? 14.001  -2.029  -0.462  1.00 44.37 ? 237 HOH A O   1 
HETATM 1165 O O   . HOH B 2 .   ? 0.907   1.109   -18.652 1.00 44.31 ? 238 HOH A O   1 
HETATM 1166 O O   . HOH B 2 .   ? 0.282   6.702   -21.572 1.00 60.80 ? 239 HOH A O   1 
HETATM 1167 O O   . HOH B 2 .   ? 2.754   8.848   -25.324 1.00 48.77 ? 240 HOH A O   1 
HETATM 1168 O O   . HOH B 2 .   ? 4.039   9.141   -28.353 1.00 38.13 ? 241 HOH A O   1 
HETATM 1169 O O   . HOH B 2 .   ? 0.053   2.958   -28.451 1.00 56.77 ? 242 HOH A O   1 
HETATM 1170 O O   . HOH B 2 .   ? 7.736   5.282   -18.903 1.00 54.42 ? 243 HOH A O   1 
HETATM 1171 O O   . HOH B 2 .   ? 5.472   7.091   -24.238 1.00 58.92 ? 244 HOH A O   1 
HETATM 1172 O O   . HOH B 2 .   ? 4.175   6.106   -18.333 1.00 60.36 ? 245 HOH A O   1 
HETATM 1173 O O   . HOH B 2 .   ? 12.428  4.516   3.656   1.00 41.95 ? 246 HOH A O   1 
HETATM 1174 O O   . HOH B 2 .   ? 13.035  9.083   3.354   1.00 39.18 ? 247 HOH A O   1 
HETATM 1175 O O   . HOH B 2 .   ? -2.231  13.439  -13.710 1.00 79.81 ? 249 HOH A O   1 
HETATM 1176 O O   . HOH B 2 .   ? 12.079  -13.657 -3.314  1.00 60.27 ? 250 HOH A O   1 
HETATM 1177 O O   . HOH B 2 .   ? 13.320  16.047  -12.894 0.50 57.09 ? 251 HOH A O   1 
HETATM 1178 O O   . HOH B 2 .   ? 16.564  15.224  -13.351 1.00 54.00 ? 252 HOH A O   1 
HETATM 1179 O O   . HOH B 2 .   ? 11.832  16.498  -10.033 1.00 56.60 ? 253 HOH A O   1 
HETATM 1180 O O   . HOH B 2 .   ? 12.145  11.831  -4.971  1.00 41.33 ? 256 HOH A O   1 
HETATM 1181 O O   . HOH B 2 .   ? -14.752 9.241   7.109   1.00 57.88 ? 257 HOH A O   1 
HETATM 1182 O O   . HOH B 2 .   ? -16.990 14.638  4.627   1.00 45.59 ? 258 HOH A O   1 
HETATM 1183 O O   . HOH B 2 .   ? -15.286 14.807  9.307   1.00 76.21 ? 259 HOH A O   1 
HETATM 1184 O O   . HOH B 2 .   ? -12.350 19.833  2.807   1.00 59.18 ? 261 HOH A O   1 
HETATM 1185 O O   . HOH B 2 .   ? -13.675 21.618  5.159   1.00 67.85 ? 262 HOH A O   1 
HETATM 1186 O O   . HOH B 2 .   ? 5.091   0.240   -18.712 1.00 52.32 ? 263 HOH A O   1 
HETATM 1187 O O   . HOH B 2 .   ? 13.913  13.942  -3.335  1.00 68.94 ? 264 HOH A O   1 
HETATM 1188 O O   . HOH B 2 .   ? 2.403   -10.602 23.427  1.00 61.74 ? 265 HOH A O   1 
HETATM 1189 O O   . HOH B 2 .   ? -2.266  3.054   18.259  1.00 43.91 ? 266 HOH A O   1 
HETATM 1190 O O   . HOH B 2 .   ? 3.571   6.431   -21.634 1.00 63.29 ? 267 HOH A O   1 
HETATM 1191 O O   . HOH B 2 .   ? 7.087   8.912   -13.494 1.00 33.69 ? 268 HOH A O   1 
HETATM 1192 O O   . HOH B 2 .   ? 3.532   3.521   -20.366 1.00 49.77 ? 269 HOH A O   1 
HETATM 1193 O O   . HOH B 2 .   ? 15.853  8.244   4.662   1.00 38.33 ? 270 HOH A O   1 
HETATM 1194 O O   . HOH B 2 .   ? -0.094  4.842   19.878  1.00 61.57 ? 273 HOH A O   1 
HETATM 1195 O O   . HOH B 2 .   ? -0.396  7.188   17.837  1.00 80.63 ? 274 HOH A O   1 
HETATM 1196 O O   . HOH B 2 .   ? 2.128   7.573   12.157  1.00 80.33 ? 275 HOH A O   1 
HETATM 1197 O O   . HOH B 2 .   ? -3.520  13.729  15.326  1.00 44.74 ? 276 HOH A O   1 
HETATM 1198 O O   . HOH B 2 .   ? -5.077  12.797  19.524  1.00 50.78 ? 277 HOH A O   1 
HETATM 1199 O O   . HOH B 2 .   ? -18.217 -5.850  2.855   1.00 48.42 ? 279 HOH A O   1 
HETATM 1200 O O   . HOH B 2 .   ? 6.272   3.296   23.686  1.00 47.41 ? 280 HOH A O   1 
HETATM 1201 O O   . HOH B 2 .   ? 5.935   -7.826  14.181  1.00 45.31 ? 281 HOH A O   1 
HETATM 1202 O O   . HOH B 2 .   ? 2.610   -7.692  22.527  1.00 76.64 ? 282 HOH A O   1 
HETATM 1203 O O   . HOH B 2 .   ? 0.535   8.670   15.348  1.00 43.79 ? 283 HOH A O   1 
HETATM 1204 O O   . HOH B 2 .   ? 6.344   7.693   14.745  1.00 59.78 ? 284 HOH A O   1 
HETATM 1205 O O   . HOH B 2 .   ? -3.176  -4.324  -21.933 1.00 72.53 ? 287 HOH A O   1 
HETATM 1206 O O   . HOH B 2 .   ? 13.800  19.221  -12.994 0.50 47.56 ? 288 HOH A O   1 
HETATM 1207 O O   . HOH B 2 .   ? -3.137  0.359   -19.275 1.00 67.95 ? 289 HOH A O   1 
HETATM 1208 O O   . HOH B 2 .   ? 5.608   15.901  -14.291 1.00 68.68 ? 290 HOH A O   1 
HETATM 1209 O O   . HOH B 2 .   ? 10.403  -8.576  12.934  1.00 46.65 ? 291 HOH A O   1 
HETATM 1210 O O   . HOH B 2 .   ? 2.003   -18.105 7.877   1.00 45.74 ? 292 HOH A O   1 
HETATM 1211 O O   . HOH B 2 .   ? -2.638  12.784  -9.552  1.00 44.40 ? 293 HOH A O   1 
HETATM 1212 O O   . HOH B 2 .   ? 0.188   -9.015  3.428   1.00 57.26 ? 294 HOH A O   1 
HETATM 1213 O O   . HOH B 2 .   ? 1.520   -11.587 -5.079  1.00 46.90 ? 295 HOH A O   1 
HETATM 1214 O O   . HOH B 2 .   ? -2.950  -4.748  -2.755  1.00 32.21 ? 296 HOH A O   1 
HETATM 1215 O O   . HOH B 2 .   ? -4.894  -17.358 12.649  1.00 58.46 ? 300 HOH A O   1 
HETATM 1216 O O   . HOH B 2 .   ? -6.867  -14.081 15.366  1.00 57.87 ? 301 HOH A O   1 
HETATM 1217 O O   . HOH B 2 .   ? 4.955   10.322  16.457  1.00 59.29 ? 302 HOH A O   1 
HETATM 1218 O O   . HOH B 2 .   ? -11.069 -6.989  4.806   1.00 29.49 ? 303 HOH A O   1 
HETATM 1219 O O   . HOH B 2 .   ? 0.927   -0.569  -1.987  1.00 48.85 ? 304 HOH A O   1 
HETATM 1220 O O   . HOH B 2 .   ? -16.980 -4.052  7.863   1.00 65.74 ? 305 HOH A O   1 
HETATM 1221 O O   . HOH B 2 .   ? -19.077 1.522   -0.308  1.00 68.02 ? 308 HOH A O   1 
HETATM 1222 O O   . HOH B 2 .   ? -7.125  7.397   -7.269  1.00 63.65 ? 309 HOH A O   1 
HETATM 1223 O O   . HOH B 2 .   ? 0.490   13.353  -11.846 1.00 65.22 ? 310 HOH A O   1 
HETATM 1224 O O   . HOH B 2 .   ? 1.312   17.536  -10.133 1.00 73.42 ? 311 HOH A O   1 
HETATM 1225 O O   . HOH B 2 .   ? 9.811   21.218  -7.640  1.00 51.66 ? 312 HOH A O   1 
HETATM 1226 O O   . HOH B 2 .   ? 8.461   12.927  -1.669  1.00 28.75 ? 313 HOH A O   1 
HETATM 1227 O O   . HOH B 2 .   ? -12.617 6.455   2.470   1.00 60.36 ? 314 HOH A O   1 
HETATM 1228 O O   . HOH B 2 .   ? 6.617   6.928   10.219  1.00 45.25 ? 315 HOH A O   1 
HETATM 1229 O O   . HOH B 2 .   ? 5.593   4.020   9.216   1.00 41.61 ? 316 HOH A O   1 
HETATM 1230 O O   . HOH B 2 .   ? 4.137   2.568   6.756   1.00 24.08 ? 317 HOH A O   1 
HETATM 1231 O O   . HOH B 2 .   ? 3.427   0.785   2.616   1.00 36.34 ? 318 HOH A O   1 
HETATM 1232 O O   . HOH B 2 .   ? 2.304   -2.313  4.859   1.00 42.45 ? 319 HOH A O   1 
HETATM 1233 O O   . HOH B 2 .   ? 2.220   -4.945  0.016   1.00 38.73 ? 320 HOH A O   1 
HETATM 1234 O O   . HOH B 2 .   ? -2.783  -3.370  0.937   1.00 40.45 ? 321 HOH A O   1 
# 
loop_
_pdbx_poly_seq_scheme.asym_id 
_pdbx_poly_seq_scheme.entity_id 
_pdbx_poly_seq_scheme.seq_id 
_pdbx_poly_seq_scheme.mon_id 
_pdbx_poly_seq_scheme.ndb_seq_num 
_pdbx_poly_seq_scheme.pdb_seq_num 
_pdbx_poly_seq_scheme.auth_seq_num 
_pdbx_poly_seq_scheme.pdb_mon_id 
_pdbx_poly_seq_scheme.auth_mon_id 
_pdbx_poly_seq_scheme.pdb_strand_id 
_pdbx_poly_seq_scheme.pdb_ins_code 
_pdbx_poly_seq_scheme.hetero 
A 1 1   PRO 1   1   1   PRO PRO A . n 
A 1 2   ALA 2   2   2   ALA ALA A . n 
A 1 3   ASP 3   3   3   ASP ASP A . n 
A 1 4   LEU 4   4   4   LEU LEU A . n 
A 1 5   SER 5   5   5   SER SER A . n 
A 1 6   GLY 6   6   6   GLY GLY A . n 
A 1 7   THR 7   7   7   THR THR A . n 
A 1 8   TRP 8   8   8   TRP TRP A . n 
A 1 9   THR 9   9   9   THR THR A . n 
A 1 10  LEU 10  10  10  LEU LEU A . n 
A 1 11  LEU 11  11  11  LEU LEU A . n 
A 1 12  SER 12  12  12  SER SER A . n 
A 1 13  SER 13  13  13  SER SER A . n 
A 1 14  ASP 14  14  14  ASP ASP A . n 
A 1 15  ASN 15  15  15  ASN ASN A . n 
A 1 16  PHE 16  16  16  PHE PHE A . n 
A 1 17  GLU 17  17  17  GLU GLU A . n 
A 1 18  GLY 18  18  18  GLY GLY A . n 
A 1 19  TYR 19  19  19  TYR TYR A . n 
A 1 20  MET 20  20  20  MET MET A . n 
A 1 21  LEU 21  21  21  LEU LEU A . n 
A 1 22  ALA 22  22  22  ALA ALA A . n 
A 1 23  LEU 23  23  23  LEU LEU A . n 
A 1 24  GLY 24  24  24  GLY GLY A . n 
A 1 25  ILE 25  25  25  ILE ILE A . n 
A 1 26  ASP 26  26  26  ASP ASP A . n 
A 1 27  PHE 27  27  27  PHE PHE A . n 
A 1 28  ALA 28  28  28  ALA ALA A . n 
A 1 29  THR 29  29  29  THR THR A . n 
A 1 30  ARG 30  30  30  ARG ARG A . n 
A 1 31  LYS 31  31  31  LYS LYS A . n 
A 1 32  ILE 32  32  32  ILE ILE A . n 
A 1 33  ALA 33  33  33  ALA ALA A . n 
A 1 34  LYS 34  34  34  LYS LYS A . n 
A 1 35  LEU 35  35  35  LEU LEU A . n 
A 1 36  LEU 36  36  36  LEU LEU A . n 
A 1 37  LYS 37  37  37  LYS LYS A . n 
A 1 38  PRO 38  38  38  PRO PRO A . n 
A 1 39  GLN 39  39  39  GLN GLN A . n 
A 1 40  LYS 40  40  40  LYS LYS A . n 
A 1 41  VAL 41  41  41  VAL VAL A . n 
A 1 42  ILE 42  42  42  ILE ILE A . n 
A 1 43  GLU 43  43  43  GLU GLU A . n 
A 1 44  GLN 44  44  44  GLN GLN A . n 
A 1 45  ASN 45  45  45  ASN ASN A . n 
A 1 46  GLY 46  46  46  GLY GLY A . n 
A 1 47  ASP 47  47  47  ASP ASP A . n 
A 1 48  SER 48  48  48  SER SER A . n 
A 1 49  PHE 49  49  49  PHE PHE A . n 
A 1 50  THR 50  50  50  THR THR A . n 
A 1 51  ILE 51  51  51  ILE ILE A . n 
A 1 52  HIS 52  52  52  HIS HIS A . n 
A 1 53  THR 53  53  53  THR THR A . n 
A 1 54  ASN 54  54  54  ASN ASN A . n 
A 1 55  SER 55  55  55  SER SER A . n 
A 1 56  SER 56  56  56  SER SER A . n 
A 1 57  LEU 57  57  57  LEU LEU A . n 
A 1 58  ARG 58  58  58  ARG ARG A . n 
A 1 59  ASN 59  59  59  ASN ASN A . n 
A 1 60  TYR 60  60  60  TYR TYR A . n 
A 1 61  PHE 61  61  61  PHE PHE A . n 
A 1 62  VAL 62  62  62  VAL VAL A . n 
A 1 63  LYS 63  63  63  LYS LYS A . n 
A 1 64  PHE 64  64  64  PHE PHE A . n 
A 1 65  LYS 65  65  65  LYS LYS A . n 
A 1 66  VAL 66  66  66  VAL VAL A . n 
A 1 67  GLY 67  67  67  GLY GLY A . n 
A 1 68  GLU 68  68  68  GLU GLU A . n 
A 1 69  GLU 69  69  69  GLU GLU A . n 
A 1 70  PHE 70  70  70  PHE PHE A . n 
A 1 71  ASP 71  71  71  ASP ASP A . n 
A 1 72  GLU 72  72  72  GLU GLU A . n 
A 1 73  ASP 73  73  73  ASP ASP A . n 
A 1 74  ASN 74  74  74  ASN ASN A . n 
A 1 75  ARG 75  75  75  ARG ARG A . n 
A 1 76  GLY 76  76  76  GLY GLY A . n 
A 1 77  LEU 77  77  77  LEU LEU A . n 
A 1 78  ASP 78  78  78  ASP ASP A . n 
A 1 79  ASN 79  79  79  ASN ASN A . n 
A 1 80  ARG 80  80  80  ARG ARG A . n 
A 1 81  LYS 81  81  81  LYS LYS A . n 
A 1 82  CYS 82  82  82  CYS CYS A . n 
A 1 83  LYS 83  83  83  LYS LYS A . n 
A 1 84  SER 84  84  84  SER SER A . n 
A 1 85  LEU 85  85  85  LEU LEU A . n 
A 1 86  VAL 86  86  86  VAL VAL A . n 
A 1 87  ILE 87  87  87  ILE ILE A . n 
A 1 88  TRP 88  88  88  TRP TRP A . n 
A 1 89  ASP 89  89  89  ASP ASP A . n 
A 1 90  ASN 90  90  90  ASN ASN A . n 
A 1 91  ASP 91  91  91  ASP ASP A . n 
A 1 92  ARG 92  92  92  ARG ARG A . n 
A 1 93  LEU 93  93  93  LEU LEU A . n 
A 1 94  THR 94  94  94  THR THR A . n 
A 1 95  CYS 95  95  95  CYS CYS A . n 
A 1 96  ILE 96  96  96  ILE ILE A . n 
A 1 97  GLN 97  97  97  GLN GLN A . n 
A 1 98  LYS 98  98  98  LYS LYS A . n 
A 1 99  GLY 99  99  99  GLY GLY A . n 
A 1 100 GLU 100 100 100 GLU GLU A . n 
A 1 101 LYS 101 101 101 LYS LYS A . n 
A 1 102 LYS 102 102 102 LYS LYS A . n 
A 1 103 ASN 103 103 103 ASN ASN A . n 
A 1 104 ARG 104 104 104 ARG ARG A . n 
A 1 105 GLY 105 105 105 GLY GLY A . n 
A 1 106 TRP 106 106 106 TRP TRP A . n 
A 1 107 THR 107 107 107 THR THR A . n 
A 1 108 HIS 108 108 108 HIS HIS A . n 
A 1 109 TRP 109 109 109 TRP TRP A . n 
A 1 110 ILE 110 110 110 ILE ILE A . n 
A 1 111 GLU 111 111 111 GLU GLU A . n 
A 1 112 GLY 112 112 112 GLY GLY A . n 
A 1 113 ASP 113 113 113 ASP ASP A . n 
A 1 114 LYS 114 114 114 LYS LYS A . n 
A 1 115 LEU 115 115 115 LEU LEU A . n 
A 1 116 HIS 116 116 116 HIS HIS A . n 
A 1 117 LEU 117 117 117 LEU LEU A . n 
A 1 118 GLU 118 118 118 GLU GLU A . n 
A 1 119 MET 119 119 119 MET MET A . n 
A 1 120 PHE 120 120 120 PHE PHE A . n 
A 1 121 CYS 121 121 121 CYS CYS A . n 
A 1 122 GLU 122 122 122 GLU GLU A . n 
A 1 123 GLY 123 123 123 GLY GLY A . n 
A 1 124 GLN 124 124 124 GLN GLN A . n 
A 1 125 VAL 125 125 125 VAL VAL A . n 
A 1 126 CYS 126 126 126 CYS CYS A . n 
A 1 127 LYS 127 127 127 LYS LYS A . n 
A 1 128 GLN 128 128 128 GLN GLN A . n 
A 1 129 THR 129 129 129 THR THR A . n 
A 1 130 PHE 130 130 130 PHE PHE A . n 
A 1 131 GLN 131 131 131 GLN GLN A . n 
A 1 132 ARG 132 132 132 ARG ARG A . n 
A 1 133 ALA 133 133 133 ALA ALA A . n 
# 
loop_
_pdbx_nonpoly_scheme.asym_id 
_pdbx_nonpoly_scheme.entity_id 
_pdbx_nonpoly_scheme.mon_id 
_pdbx_nonpoly_scheme.ndb_seq_num 
_pdbx_nonpoly_scheme.pdb_seq_num 
_pdbx_nonpoly_scheme.auth_seq_num 
_pdbx_nonpoly_scheme.pdb_mon_id 
_pdbx_nonpoly_scheme.auth_mon_id 
_pdbx_nonpoly_scheme.pdb_strand_id 
_pdbx_nonpoly_scheme.pdb_ins_code 
B 2 HOH 1   134 134 HOH HOH A . 
B 2 HOH 2   136 136 HOH HOH A . 
B 2 HOH 3   137 137 HOH HOH A . 
B 2 HOH 4   138 138 HOH HOH A . 
B 2 HOH 5   140 140 HOH HOH A . 
B 2 HOH 6   141 141 HOH HOH A . 
B 2 HOH 7   142 142 HOH HOH A . 
B 2 HOH 8   143 143 HOH HOH A . 
B 2 HOH 9   144 144 HOH HOH A . 
B 2 HOH 10  145 145 HOH HOH A . 
B 2 HOH 11  146 146 HOH HOH A . 
B 2 HOH 12  147 147 HOH HOH A . 
B 2 HOH 13  148 148 HOH HOH A . 
B 2 HOH 14  150 150 HOH HOH A . 
B 2 HOH 15  151 151 HOH HOH A . 
B 2 HOH 16  152 152 HOH HOH A . 
B 2 HOH 17  154 154 HOH HOH A . 
B 2 HOH 18  156 156 HOH HOH A . 
B 2 HOH 19  157 157 HOH HOH A . 
B 2 HOH 20  159 159 HOH HOH A . 
B 2 HOH 21  160 160 HOH HOH A . 
B 2 HOH 22  161 161 HOH HOH A . 
B 2 HOH 23  162 162 HOH HOH A . 
B 2 HOH 24  163 163 HOH HOH A . 
B 2 HOH 25  164 164 HOH HOH A . 
B 2 HOH 26  167 167 HOH HOH A . 
B 2 HOH 27  168 168 HOH HOH A . 
B 2 HOH 28  169 169 HOH HOH A . 
B 2 HOH 29  171 171 HOH HOH A . 
B 2 HOH 30  174 174 HOH HOH A . 
B 2 HOH 31  175 175 HOH HOH A . 
B 2 HOH 32  176 176 HOH HOH A . 
B 2 HOH 33  177 177 HOH HOH A . 
B 2 HOH 34  179 179 HOH HOH A . 
B 2 HOH 35  180 180 HOH HOH A . 
B 2 HOH 36  182 182 HOH HOH A . 
B 2 HOH 37  184 184 HOH HOH A . 
B 2 HOH 38  186 186 HOH HOH A . 
B 2 HOH 39  187 187 HOH HOH A . 
B 2 HOH 40  189 189 HOH HOH A . 
B 2 HOH 41  190 190 HOH HOH A . 
B 2 HOH 42  191 191 HOH HOH A . 
B 2 HOH 43  193 193 HOH HOH A . 
B 2 HOH 44  195 195 HOH HOH A . 
B 2 HOH 45  196 196 HOH HOH A . 
B 2 HOH 46  197 197 HOH HOH A . 
B 2 HOH 47  199 199 HOH HOH A . 
B 2 HOH 48  200 200 HOH HOH A . 
B 2 HOH 49  201 201 HOH HOH A . 
B 2 HOH 50  203 203 HOH HOH A . 
B 2 HOH 51  204 204 HOH HOH A . 
B 2 HOH 52  205 205 HOH HOH A . 
B 2 HOH 53  206 206 HOH HOH A . 
B 2 HOH 54  207 207 HOH HOH A . 
B 2 HOH 55  208 208 HOH HOH A . 
B 2 HOH 56  209 209 HOH HOH A . 
B 2 HOH 57  210 210 HOH HOH A . 
B 2 HOH 58  211 211 HOH HOH A . 
B 2 HOH 59  212 212 HOH HOH A . 
B 2 HOH 60  213 213 HOH HOH A . 
B 2 HOH 61  214 214 HOH HOH A . 
B 2 HOH 62  215 215 HOH HOH A . 
B 2 HOH 63  217 217 HOH HOH A . 
B 2 HOH 64  218 218 HOH HOH A . 
B 2 HOH 65  219 219 HOH HOH A . 
B 2 HOH 66  220 220 HOH HOH A . 
B 2 HOH 67  221 221 HOH HOH A . 
B 2 HOH 68  222 222 HOH HOH A . 
B 2 HOH 69  224 224 HOH HOH A . 
B 2 HOH 70  225 225 HOH HOH A . 
B 2 HOH 71  226 226 HOH HOH A . 
B 2 HOH 72  227 227 HOH HOH A . 
B 2 HOH 73  229 229 HOH HOH A . 
B 2 HOH 74  230 230 HOH HOH A . 
B 2 HOH 75  231 231 HOH HOH A . 
B 2 HOH 76  232 232 HOH HOH A . 
B 2 HOH 77  233 233 HOH HOH A . 
B 2 HOH 78  235 235 HOH HOH A . 
B 2 HOH 79  236 236 HOH HOH A . 
B 2 HOH 80  237 237 HOH HOH A . 
B 2 HOH 81  238 238 HOH HOH A . 
B 2 HOH 82  239 239 HOH HOH A . 
B 2 HOH 83  240 240 HOH HOH A . 
B 2 HOH 84  241 241 HOH HOH A . 
B 2 HOH 85  242 242 HOH HOH A . 
B 2 HOH 86  243 243 HOH HOH A . 
B 2 HOH 87  244 244 HOH HOH A . 
B 2 HOH 88  245 245 HOH HOH A . 
B 2 HOH 89  246 246 HOH HOH A . 
B 2 HOH 90  247 247 HOH HOH A . 
B 2 HOH 91  249 249 HOH HOH A . 
B 2 HOH 92  250 250 HOH HOH A . 
B 2 HOH 93  251 251 HOH HOH A . 
B 2 HOH 94  252 252 HOH HOH A . 
B 2 HOH 95  253 253 HOH HOH A . 
B 2 HOH 96  256 256 HOH HOH A . 
B 2 HOH 97  257 257 HOH HOH A . 
B 2 HOH 98  258 258 HOH HOH A . 
B 2 HOH 99  259 259 HOH HOH A . 
B 2 HOH 100 261 261 HOH HOH A . 
B 2 HOH 101 262 262 HOH HOH A . 
B 2 HOH 102 263 263 HOH HOH A . 
B 2 HOH 103 264 264 HOH HOH A . 
B 2 HOH 104 265 265 HOH HOH A . 
B 2 HOH 105 266 266 HOH HOH A . 
B 2 HOH 106 267 267 HOH HOH A . 
B 2 HOH 107 268 268 HOH HOH A . 
B 2 HOH 108 269 269 HOH HOH A . 
B 2 HOH 109 270 270 HOH HOH A . 
B 2 HOH 110 273 273 HOH HOH A . 
B 2 HOH 111 274 274 HOH HOH A . 
B 2 HOH 112 275 275 HOH HOH A . 
B 2 HOH 113 276 276 HOH HOH A . 
B 2 HOH 114 277 277 HOH HOH A . 
B 2 HOH 115 279 279 HOH HOH A . 
B 2 HOH 116 280 280 HOH HOH A . 
B 2 HOH 117 281 281 HOH HOH A . 
B 2 HOH 118 282 282 HOH HOH A . 
B 2 HOH 119 283 283 HOH HOH A . 
B 2 HOH 120 284 284 HOH HOH A . 
B 2 HOH 121 287 287 HOH HOH A . 
B 2 HOH 122 288 288 HOH HOH A . 
B 2 HOH 123 289 289 HOH HOH A . 
B 2 HOH 124 290 290 HOH HOH A . 
B 2 HOH 125 291 291 HOH HOH A . 
B 2 HOH 126 292 292 HOH HOH A . 
B 2 HOH 127 293 293 HOH HOH A . 
B 2 HOH 128 294 294 HOH HOH A . 
B 2 HOH 129 295 295 HOH HOH A . 
B 2 HOH 130 296 296 HOH HOH A . 
B 2 HOH 131 300 300 HOH HOH A . 
B 2 HOH 132 301 301 HOH HOH A . 
B 2 HOH 133 302 302 HOH HOH A . 
B 2 HOH 134 303 303 HOH HOH A . 
B 2 HOH 135 304 304 HOH HOH A . 
B 2 HOH 136 305 305 HOH HOH A . 
B 2 HOH 137 308 308 HOH HOH A . 
B 2 HOH 138 309 309 HOH HOH A . 
B 2 HOH 139 310 310 HOH HOH A . 
B 2 HOH 140 311 311 HOH HOH A . 
B 2 HOH 141 312 312 HOH HOH A . 
B 2 HOH 142 313 313 HOH HOH A . 
B 2 HOH 143 314 314 HOH HOH A . 
B 2 HOH 144 315 315 HOH HOH A . 
B 2 HOH 145 316 316 HOH HOH A . 
B 2 HOH 146 317 317 HOH HOH A . 
B 2 HOH 147 318 318 HOH HOH A . 
B 2 HOH 148 319 319 HOH HOH A . 
B 2 HOH 149 320 320 HOH HOH A . 
B 2 HOH 150 321 321 HOH HOH A . 
# 
_pdbx_struct_assembly.id                   1 
_pdbx_struct_assembly.details              author_defined_assembly 
_pdbx_struct_assembly.method_details       ? 
_pdbx_struct_assembly.oligomeric_details   monomeric 
_pdbx_struct_assembly.oligomeric_count     1 
# 
_pdbx_struct_assembly_gen.assembly_id       1 
_pdbx_struct_assembly_gen.oper_expression   1 
_pdbx_struct_assembly_gen.asym_id_list      A,B 
# 
_pdbx_struct_oper_list.id                   1 
_pdbx_struct_oper_list.type                 'identity operation' 
_pdbx_struct_oper_list.name                 1_555 
_pdbx_struct_oper_list.symmetry_operation   x,y,z 
_pdbx_struct_oper_list.matrix[1][1]         1.0000000000 
_pdbx_struct_oper_list.matrix[1][2]         0.0000000000 
_pdbx_struct_oper_list.matrix[1][3]         0.0000000000 
_pdbx_struct_oper_list.vector[1]            0.0000000000 
_pdbx_struct_oper_list.matrix[2][1]         0.0000000000 
_pdbx_struct_oper_list.matrix[2][2]         1.0000000000 
_pdbx_struct_oper_list.matrix[2][3]         0.0000000000 
_pdbx_struct_oper_list.vector[2]            0.0000000000 
_pdbx_struct_oper_list.matrix[3][1]         0.0000000000 
_pdbx_struct_oper_list.matrix[3][2]         0.0000000000 
_pdbx_struct_oper_list.matrix[3][3]         1.0000000000 
_pdbx_struct_oper_list.vector[3]            0.0000000000 
# 
loop_
_pdbx_struct_special_symmetry.id 
_pdbx_struct_special_symmetry.PDB_model_num 
_pdbx_struct_special_symmetry.auth_asym_id 
_pdbx_struct_special_symmetry.auth_comp_id 
_pdbx_struct_special_symmetry.auth_seq_id 
_pdbx_struct_special_symmetry.PDB_ins_code 
_pdbx_struct_special_symmetry.label_asym_id 
_pdbx_struct_special_symmetry.label_comp_id 
_pdbx_struct_special_symmetry.label_seq_id 
1 1 A HOH 148 ? B HOH . 
2 1 A HOH 251 ? B HOH . 
3 1 A HOH 288 ? B HOH . 
# 
loop_
_pdbx_audit_revision_history.ordinal 
_pdbx_audit_revision_history.data_content_type 
_pdbx_audit_revision_history.major_revision 
_pdbx_audit_revision_history.minor_revision 
_pdbx_audit_revision_history.revision_date 
1 'Structure model' 1 0 2003-01-14 
2 'Structure model' 1 1 2008-04-28 
3 'Structure model' 1 2 2011-07-13 
4 'Structure model' 1 3 2023-08-16 
# 
_pdbx_audit_revision_details.ordinal             1 
_pdbx_audit_revision_details.revision_ordinal    1 
_pdbx_audit_revision_details.data_content_type   'Structure model' 
_pdbx_audit_revision_details.provider            repository 
_pdbx_audit_revision_details.type                'Initial release' 
_pdbx_audit_revision_details.description         ? 
_pdbx_audit_revision_details.details             ? 
# 
loop_
_pdbx_audit_revision_group.ordinal 
_pdbx_audit_revision_group.revision_ordinal 
_pdbx_audit_revision_group.data_content_type 
_pdbx_audit_revision_group.group 
1 2 'Structure model' 'Version format compliance' 
2 3 'Structure model' 'Version format compliance' 
3 4 'Structure model' 'Data collection'           
4 4 'Structure model' 'Database references'       
5 4 'Structure model' 'Refinement description'    
# 
loop_
_pdbx_audit_revision_category.ordinal 
_pdbx_audit_revision_category.revision_ordinal 
_pdbx_audit_revision_category.data_content_type 
_pdbx_audit_revision_category.category 
1 4 'Structure model' chem_comp_atom                
2 4 'Structure model' chem_comp_bond                
3 4 'Structure model' database_2                    
4 4 'Structure model' pdbx_initial_refinement_model 
# 
loop_
_pdbx_audit_revision_item.ordinal 
_pdbx_audit_revision_item.revision_ordinal 
_pdbx_audit_revision_item.data_content_type 
_pdbx_audit_revision_item.item 
1 4 'Structure model' '_database_2.pdbx_DOI'                
2 4 'Structure model' '_database_2.pdbx_database_accession' 
# 
loop_
_software.name 
_software.classification 
_software.version 
_software.citation_id 
_software.pdbx_ordinal 
MOSFLM 'data reduction' .         ? 1 
SCALA  'data scaling'   .         ? 2 
AMoRE  phasing          .         ? 3 
CNS    refinement       1.0       ? 4 
CCP4   'data scaling'   '(SCALA)' ? 5 
# 
loop_
_pdbx_validate_torsion.id 
_pdbx_validate_torsion.PDB_model_num 
_pdbx_validate_torsion.auth_comp_id 
_pdbx_validate_torsion.auth_asym_id 
_pdbx_validate_torsion.auth_seq_id 
_pdbx_validate_torsion.PDB_ins_code 
_pdbx_validate_torsion.label_alt_id 
_pdbx_validate_torsion.phi 
_pdbx_validate_torsion.psi 
1 1 ARG A 58  ? ? -176.10 146.82  
2 1 ASN A 74  ? ? -94.42  39.65   
3 1 ARG A 75  ? ? -68.30  6.36    
4 1 LEU A 77  ? ? -126.81 -101.76 
5 1 ASN A 90  ? ? 56.30   -96.84  
6 1 CYS A 121 ? ? -160.25 119.12  
7 1 GLU A 122 ? ? 24.89   64.95   
# 
loop_
_chem_comp_atom.comp_id 
_chem_comp_atom.atom_id 
_chem_comp_atom.type_symbol 
_chem_comp_atom.pdbx_aromatic_flag 
_chem_comp_atom.pdbx_stereo_config 
_chem_comp_atom.pdbx_ordinal 
ALA N    N N N 1   
ALA CA   C N S 2   
ALA C    C N N 3   
ALA O    O N N 4   
ALA CB   C N N 5   
ALA OXT  O N N 6   
ALA H    H N N 7   
ALA H2   H N N 8   
ALA HA   H N N 9   
ALA HB1  H N N 10  
ALA HB2  H N N 11  
ALA HB3  H N N 12  
ALA HXT  H N N 13  
ARG N    N N N 14  
ARG CA   C N S 15  
ARG C    C N N 16  
ARG O    O N N 17  
ARG CB   C N N 18  
ARG CG   C N N 19  
ARG CD   C N N 20  
ARG NE   N N N 21  
ARG CZ   C N N 22  
ARG NH1  N N N 23  
ARG NH2  N N N 24  
ARG OXT  O N N 25  
ARG H    H N N 26  
ARG H2   H N N 27  
ARG HA   H N N 28  
ARG HB2  H N N 29  
ARG HB3  H N N 30  
ARG HG2  H N N 31  
ARG HG3  H N N 32  
ARG HD2  H N N 33  
ARG HD3  H N N 34  
ARG HE   H N N 35  
ARG HH11 H N N 36  
ARG HH12 H N N 37  
ARG HH21 H N N 38  
ARG HH22 H N N 39  
ARG HXT  H N N 40  
ASN N    N N N 41  
ASN CA   C N S 42  
ASN C    C N N 43  
ASN O    O N N 44  
ASN CB   C N N 45  
ASN CG   C N N 46  
ASN OD1  O N N 47  
ASN ND2  N N N 48  
ASN OXT  O N N 49  
ASN H    H N N 50  
ASN H2   H N N 51  
ASN HA   H N N 52  
ASN HB2  H N N 53  
ASN HB3  H N N 54  
ASN HD21 H N N 55  
ASN HD22 H N N 56  
ASN HXT  H N N 57  
ASP N    N N N 58  
ASP CA   C N S 59  
ASP C    C N N 60  
ASP O    O N N 61  
ASP CB   C N N 62  
ASP CG   C N N 63  
ASP OD1  O N N 64  
ASP OD2  O N N 65  
ASP OXT  O N N 66  
ASP H    H N N 67  
ASP H2   H N N 68  
ASP HA   H N N 69  
ASP HB2  H N N 70  
ASP HB3  H N N 71  
ASP HD2  H N N 72  
ASP HXT  H N N 73  
CYS N    N N N 74  
CYS CA   C N R 75  
CYS C    C N N 76  
CYS O    O N N 77  
CYS CB   C N N 78  
CYS SG   S N N 79  
CYS OXT  O N N 80  
CYS H    H N N 81  
CYS H2   H N N 82  
CYS HA   H N N 83  
CYS HB2  H N N 84  
CYS HB3  H N N 85  
CYS HG   H N N 86  
CYS HXT  H N N 87  
GLN N    N N N 88  
GLN CA   C N S 89  
GLN C    C N N 90  
GLN O    O N N 91  
GLN CB   C N N 92  
GLN CG   C N N 93  
GLN CD   C N N 94  
GLN OE1  O N N 95  
GLN NE2  N N N 96  
GLN OXT  O N N 97  
GLN H    H N N 98  
GLN H2   H N N 99  
GLN HA   H N N 100 
GLN HB2  H N N 101 
GLN HB3  H N N 102 
GLN HG2  H N N 103 
GLN HG3  H N N 104 
GLN HE21 H N N 105 
GLN HE22 H N N 106 
GLN HXT  H N N 107 
GLU N    N N N 108 
GLU CA   C N S 109 
GLU C    C N N 110 
GLU O    O N N 111 
GLU CB   C N N 112 
GLU CG   C N N 113 
GLU CD   C N N 114 
GLU OE1  O N N 115 
GLU OE2  O N N 116 
GLU OXT  O N N 117 
GLU H    H N N 118 
GLU H2   H N N 119 
GLU HA   H N N 120 
GLU HB2  H N N 121 
GLU HB3  H N N 122 
GLU HG2  H N N 123 
GLU HG3  H N N 124 
GLU HE2  H N N 125 
GLU HXT  H N N 126 
GLY N    N N N 127 
GLY CA   C N N 128 
GLY C    C N N 129 
GLY O    O N N 130 
GLY OXT  O N N 131 
GLY H    H N N 132 
GLY H2   H N N 133 
GLY HA2  H N N 134 
GLY HA3  H N N 135 
GLY HXT  H N N 136 
HIS N    N N N 137 
HIS CA   C N S 138 
HIS C    C N N 139 
HIS O    O N N 140 
HIS CB   C N N 141 
HIS CG   C Y N 142 
HIS ND1  N Y N 143 
HIS CD2  C Y N 144 
HIS CE1  C Y N 145 
HIS NE2  N Y N 146 
HIS OXT  O N N 147 
HIS H    H N N 148 
HIS H2   H N N 149 
HIS HA   H N N 150 
HIS HB2  H N N 151 
HIS HB3  H N N 152 
HIS HD1  H N N 153 
HIS HD2  H N N 154 
HIS HE1  H N N 155 
HIS HE2  H N N 156 
HIS HXT  H N N 157 
HOH O    O N N 158 
HOH H1   H N N 159 
HOH H2   H N N 160 
ILE N    N N N 161 
ILE CA   C N S 162 
ILE C    C N N 163 
ILE O    O N N 164 
ILE CB   C N S 165 
ILE CG1  C N N 166 
ILE CG2  C N N 167 
ILE CD1  C N N 168 
ILE OXT  O N N 169 
ILE H    H N N 170 
ILE H2   H N N 171 
ILE HA   H N N 172 
ILE HB   H N N 173 
ILE HG12 H N N 174 
ILE HG13 H N N 175 
ILE HG21 H N N 176 
ILE HG22 H N N 177 
ILE HG23 H N N 178 
ILE HD11 H N N 179 
ILE HD12 H N N 180 
ILE HD13 H N N 181 
ILE HXT  H N N 182 
LEU N    N N N 183 
LEU CA   C N S 184 
LEU C    C N N 185 
LEU O    O N N 186 
LEU CB   C N N 187 
LEU CG   C N N 188 
LEU CD1  C N N 189 
LEU CD2  C N N 190 
LEU OXT  O N N 191 
LEU H    H N N 192 
LEU H2   H N N 193 
LEU HA   H N N 194 
LEU HB2  H N N 195 
LEU HB3  H N N 196 
LEU HG   H N N 197 
LEU HD11 H N N 198 
LEU HD12 H N N 199 
LEU HD13 H N N 200 
LEU HD21 H N N 201 
LEU HD22 H N N 202 
LEU HD23 H N N 203 
LEU HXT  H N N 204 
LYS N    N N N 205 
LYS CA   C N S 206 
LYS C    C N N 207 
LYS O    O N N 208 
LYS CB   C N N 209 
LYS CG   C N N 210 
LYS CD   C N N 211 
LYS CE   C N N 212 
LYS NZ   N N N 213 
LYS OXT  O N N 214 
LYS H    H N N 215 
LYS H2   H N N 216 
LYS HA   H N N 217 
LYS HB2  H N N 218 
LYS HB3  H N N 219 
LYS HG2  H N N 220 
LYS HG3  H N N 221 
LYS HD2  H N N 222 
LYS HD3  H N N 223 
LYS HE2  H N N 224 
LYS HE3  H N N 225 
LYS HZ1  H N N 226 
LYS HZ2  H N N 227 
LYS HZ3  H N N 228 
LYS HXT  H N N 229 
MET N    N N N 230 
MET CA   C N S 231 
MET C    C N N 232 
MET O    O N N 233 
MET CB   C N N 234 
MET CG   C N N 235 
MET SD   S N N 236 
MET CE   C N N 237 
MET OXT  O N N 238 
MET H    H N N 239 
MET H2   H N N 240 
MET HA   H N N 241 
MET HB2  H N N 242 
MET HB3  H N N 243 
MET HG2  H N N 244 
MET HG3  H N N 245 
MET HE1  H N N 246 
MET HE2  H N N 247 
MET HE3  H N N 248 
MET HXT  H N N 249 
PHE N    N N N 250 
PHE CA   C N S 251 
PHE C    C N N 252 
PHE O    O N N 253 
PHE CB   C N N 254 
PHE CG   C Y N 255 
PHE CD1  C Y N 256 
PHE CD2  C Y N 257 
PHE CE1  C Y N 258 
PHE CE2  C Y N 259 
PHE CZ   C Y N 260 
PHE OXT  O N N 261 
PHE H    H N N 262 
PHE H2   H N N 263 
PHE HA   H N N 264 
PHE HB2  H N N 265 
PHE HB3  H N N 266 
PHE HD1  H N N 267 
PHE HD2  H N N 268 
PHE HE1  H N N 269 
PHE HE2  H N N 270 
PHE HZ   H N N 271 
PHE HXT  H N N 272 
PRO N    N N N 273 
PRO CA   C N S 274 
PRO C    C N N 275 
PRO O    O N N 276 
PRO CB   C N N 277 
PRO CG   C N N 278 
PRO CD   C N N 279 
PRO OXT  O N N 280 
PRO H    H N N 281 
PRO HA   H N N 282 
PRO HB2  H N N 283 
PRO HB3  H N N 284 
PRO HG2  H N N 285 
PRO HG3  H N N 286 
PRO HD2  H N N 287 
PRO HD3  H N N 288 
PRO HXT  H N N 289 
SER N    N N N 290 
SER CA   C N S 291 
SER C    C N N 292 
SER O    O N N 293 
SER CB   C N N 294 
SER OG   O N N 295 
SER OXT  O N N 296 
SER H    H N N 297 
SER H2   H N N 298 
SER HA   H N N 299 
SER HB2  H N N 300 
SER HB3  H N N 301 
SER HG   H N N 302 
SER HXT  H N N 303 
THR N    N N N 304 
THR CA   C N S 305 
THR C    C N N 306 
THR O    O N N 307 
THR CB   C N R 308 
THR OG1  O N N 309 
THR CG2  C N N 310 
THR OXT  O N N 311 
THR H    H N N 312 
THR H2   H N N 313 
THR HA   H N N 314 
THR HB   H N N 315 
THR HG1  H N N 316 
THR HG21 H N N 317 
THR HG22 H N N 318 
THR HG23 H N N 319 
THR HXT  H N N 320 
TRP N    N N N 321 
TRP CA   C N S 322 
TRP C    C N N 323 
TRP O    O N N 324 
TRP CB   C N N 325 
TRP CG   C Y N 326 
TRP CD1  C Y N 327 
TRP CD2  C Y N 328 
TRP NE1  N Y N 329 
TRP CE2  C Y N 330 
TRP CE3  C Y N 331 
TRP CZ2  C Y N 332 
TRP CZ3  C Y N 333 
TRP CH2  C Y N 334 
TRP OXT  O N N 335 
TRP H    H N N 336 
TRP H2   H N N 337 
TRP HA   H N N 338 
TRP HB2  H N N 339 
TRP HB3  H N N 340 
TRP HD1  H N N 341 
TRP HE1  H N N 342 
TRP HE3  H N N 343 
TRP HZ2  H N N 344 
TRP HZ3  H N N 345 
TRP HH2  H N N 346 
TRP HXT  H N N 347 
TYR N    N N N 348 
TYR CA   C N S 349 
TYR C    C N N 350 
TYR O    O N N 351 
TYR CB   C N N 352 
TYR CG   C Y N 353 
TYR CD1  C Y N 354 
TYR CD2  C Y N 355 
TYR CE1  C Y N 356 
TYR CE2  C Y N 357 
TYR CZ   C Y N 358 
TYR OH   O N N 359 
TYR OXT  O N N 360 
TYR H    H N N 361 
TYR H2   H N N 362 
TYR HA   H N N 363 
TYR HB2  H N N 364 
TYR HB3  H N N 365 
TYR HD1  H N N 366 
TYR HD2  H N N 367 
TYR HE1  H N N 368 
TYR HE2  H N N 369 
TYR HH   H N N 370 
TYR HXT  H N N 371 
VAL N    N N N 372 
VAL CA   C N S 373 
VAL C    C N N 374 
VAL O    O N N 375 
VAL CB   C N N 376 
VAL CG1  C N N 377 
VAL CG2  C N N 378 
VAL OXT  O N N 379 
VAL H    H N N 380 
VAL H2   H N N 381 
VAL HA   H N N 382 
VAL HB   H N N 383 
VAL HG11 H N N 384 
VAL HG12 H N N 385 
VAL HG13 H N N 386 
VAL HG21 H N N 387 
VAL HG22 H N N 388 
VAL HG23 H N N 389 
VAL HXT  H N N 390 
# 
loop_
_chem_comp_bond.comp_id 
_chem_comp_bond.atom_id_1 
_chem_comp_bond.atom_id_2 
_chem_comp_bond.value_order 
_chem_comp_bond.pdbx_aromatic_flag 
_chem_comp_bond.pdbx_stereo_config 
_chem_comp_bond.pdbx_ordinal 
ALA N   CA   sing N N 1   
ALA N   H    sing N N 2   
ALA N   H2   sing N N 3   
ALA CA  C    sing N N 4   
ALA CA  CB   sing N N 5   
ALA CA  HA   sing N N 6   
ALA C   O    doub N N 7   
ALA C   OXT  sing N N 8   
ALA CB  HB1  sing N N 9   
ALA CB  HB2  sing N N 10  
ALA CB  HB3  sing N N 11  
ALA OXT HXT  sing N N 12  
ARG N   CA   sing N N 13  
ARG N   H    sing N N 14  
ARG N   H2   sing N N 15  
ARG CA  C    sing N N 16  
ARG CA  CB   sing N N 17  
ARG CA  HA   sing N N 18  
ARG C   O    doub N N 19  
ARG C   OXT  sing N N 20  
ARG CB  CG   sing N N 21  
ARG CB  HB2  sing N N 22  
ARG CB  HB3  sing N N 23  
ARG CG  CD   sing N N 24  
ARG CG  HG2  sing N N 25  
ARG CG  HG3  sing N N 26  
ARG CD  NE   sing N N 27  
ARG CD  HD2  sing N N 28  
ARG CD  HD3  sing N N 29  
ARG NE  CZ   sing N N 30  
ARG NE  HE   sing N N 31  
ARG CZ  NH1  sing N N 32  
ARG CZ  NH2  doub N N 33  
ARG NH1 HH11 sing N N 34  
ARG NH1 HH12 sing N N 35  
ARG NH2 HH21 sing N N 36  
ARG NH2 HH22 sing N N 37  
ARG OXT HXT  sing N N 38  
ASN N   CA   sing N N 39  
ASN N   H    sing N N 40  
ASN N   H2   sing N N 41  
ASN CA  C    sing N N 42  
ASN CA  CB   sing N N 43  
ASN CA  HA   sing N N 44  
ASN C   O    doub N N 45  
ASN C   OXT  sing N N 46  
ASN CB  CG   sing N N 47  
ASN CB  HB2  sing N N 48  
ASN CB  HB3  sing N N 49  
ASN CG  OD1  doub N N 50  
ASN CG  ND2  sing N N 51  
ASN ND2 HD21 sing N N 52  
ASN ND2 HD22 sing N N 53  
ASN OXT HXT  sing N N 54  
ASP N   CA   sing N N 55  
ASP N   H    sing N N 56  
ASP N   H2   sing N N 57  
ASP CA  C    sing N N 58  
ASP CA  CB   sing N N 59  
ASP CA  HA   sing N N 60  
ASP C   O    doub N N 61  
ASP C   OXT  sing N N 62  
ASP CB  CG   sing N N 63  
ASP CB  HB2  sing N N 64  
ASP CB  HB3  sing N N 65  
ASP CG  OD1  doub N N 66  
ASP CG  OD2  sing N N 67  
ASP OD2 HD2  sing N N 68  
ASP OXT HXT  sing N N 69  
CYS N   CA   sing N N 70  
CYS N   H    sing N N 71  
CYS N   H2   sing N N 72  
CYS CA  C    sing N N 73  
CYS CA  CB   sing N N 74  
CYS CA  HA   sing N N 75  
CYS C   O    doub N N 76  
CYS C   OXT  sing N N 77  
CYS CB  SG   sing N N 78  
CYS CB  HB2  sing N N 79  
CYS CB  HB3  sing N N 80  
CYS SG  HG   sing N N 81  
CYS OXT HXT  sing N N 82  
GLN N   CA   sing N N 83  
GLN N   H    sing N N 84  
GLN N   H2   sing N N 85  
GLN CA  C    sing N N 86  
GLN CA  CB   sing N N 87  
GLN CA  HA   sing N N 88  
GLN C   O    doub N N 89  
GLN C   OXT  sing N N 90  
GLN CB  CG   sing N N 91  
GLN CB  HB2  sing N N 92  
GLN CB  HB3  sing N N 93  
GLN CG  CD   sing N N 94  
GLN CG  HG2  sing N N 95  
GLN CG  HG3  sing N N 96  
GLN CD  OE1  doub N N 97  
GLN CD  NE2  sing N N 98  
GLN NE2 HE21 sing N N 99  
GLN NE2 HE22 sing N N 100 
GLN OXT HXT  sing N N 101 
GLU N   CA   sing N N 102 
GLU N   H    sing N N 103 
GLU N   H2   sing N N 104 
GLU CA  C    sing N N 105 
GLU CA  CB   sing N N 106 
GLU CA  HA   sing N N 107 
GLU C   O    doub N N 108 
GLU C   OXT  sing N N 109 
GLU CB  CG   sing N N 110 
GLU CB  HB2  sing N N 111 
GLU CB  HB3  sing N N 112 
GLU CG  CD   sing N N 113 
GLU CG  HG2  sing N N 114 
GLU CG  HG3  sing N N 115 
GLU CD  OE1  doub N N 116 
GLU CD  OE2  sing N N 117 
GLU OE2 HE2  sing N N 118 
GLU OXT HXT  sing N N 119 
GLY N   CA   sing N N 120 
GLY N   H    sing N N 121 
GLY N   H2   sing N N 122 
GLY CA  C    sing N N 123 
GLY CA  HA2  sing N N 124 
GLY CA  HA3  sing N N 125 
GLY C   O    doub N N 126 
GLY C   OXT  sing N N 127 
GLY OXT HXT  sing N N 128 
HIS N   CA   sing N N 129 
HIS N   H    sing N N 130 
HIS N   H2   sing N N 131 
HIS CA  C    sing N N 132 
HIS CA  CB   sing N N 133 
HIS CA  HA   sing N N 134 
HIS C   O    doub N N 135 
HIS C   OXT  sing N N 136 
HIS CB  CG   sing N N 137 
HIS CB  HB2  sing N N 138 
HIS CB  HB3  sing N N 139 
HIS CG  ND1  sing Y N 140 
HIS CG  CD2  doub Y N 141 
HIS ND1 CE1  doub Y N 142 
HIS ND1 HD1  sing N N 143 
HIS CD2 NE2  sing Y N 144 
HIS CD2 HD2  sing N N 145 
HIS CE1 NE2  sing Y N 146 
HIS CE1 HE1  sing N N 147 
HIS NE2 HE2  sing N N 148 
HIS OXT HXT  sing N N 149 
HOH O   H1   sing N N 150 
HOH O   H2   sing N N 151 
ILE N   CA   sing N N 152 
ILE N   H    sing N N 153 
ILE N   H2   sing N N 154 
ILE CA  C    sing N N 155 
ILE CA  CB   sing N N 156 
ILE CA  HA   sing N N 157 
ILE C   O    doub N N 158 
ILE C   OXT  sing N N 159 
ILE CB  CG1  sing N N 160 
ILE CB  CG2  sing N N 161 
ILE CB  HB   sing N N 162 
ILE CG1 CD1  sing N N 163 
ILE CG1 HG12 sing N N 164 
ILE CG1 HG13 sing N N 165 
ILE CG2 HG21 sing N N 166 
ILE CG2 HG22 sing N N 167 
ILE CG2 HG23 sing N N 168 
ILE CD1 HD11 sing N N 169 
ILE CD1 HD12 sing N N 170 
ILE CD1 HD13 sing N N 171 
ILE OXT HXT  sing N N 172 
LEU N   CA   sing N N 173 
LEU N   H    sing N N 174 
LEU N   H2   sing N N 175 
LEU CA  C    sing N N 176 
LEU CA  CB   sing N N 177 
LEU CA  HA   sing N N 178 
LEU C   O    doub N N 179 
LEU C   OXT  sing N N 180 
LEU CB  CG   sing N N 181 
LEU CB  HB2  sing N N 182 
LEU CB  HB3  sing N N 183 
LEU CG  CD1  sing N N 184 
LEU CG  CD2  sing N N 185 
LEU CG  HG   sing N N 186 
LEU CD1 HD11 sing N N 187 
LEU CD1 HD12 sing N N 188 
LEU CD1 HD13 sing N N 189 
LEU CD2 HD21 sing N N 190 
LEU CD2 HD22 sing N N 191 
LEU CD2 HD23 sing N N 192 
LEU OXT HXT  sing N N 193 
LYS N   CA   sing N N 194 
LYS N   H    sing N N 195 
LYS N   H2   sing N N 196 
LYS CA  C    sing N N 197 
LYS CA  CB   sing N N 198 
LYS CA  HA   sing N N 199 
LYS C   O    doub N N 200 
LYS C   OXT  sing N N 201 
LYS CB  CG   sing N N 202 
LYS CB  HB2  sing N N 203 
LYS CB  HB3  sing N N 204 
LYS CG  CD   sing N N 205 
LYS CG  HG2  sing N N 206 
LYS CG  HG3  sing N N 207 
LYS CD  CE   sing N N 208 
LYS CD  HD2  sing N N 209 
LYS CD  HD3  sing N N 210 
LYS CE  NZ   sing N N 211 
LYS CE  HE2  sing N N 212 
LYS CE  HE3  sing N N 213 
LYS NZ  HZ1  sing N N 214 
LYS NZ  HZ2  sing N N 215 
LYS NZ  HZ3  sing N N 216 
LYS OXT HXT  sing N N 217 
MET N   CA   sing N N 218 
MET N   H    sing N N 219 
MET N   H2   sing N N 220 
MET CA  C    sing N N 221 
MET CA  CB   sing N N 222 
MET CA  HA   sing N N 223 
MET C   O    doub N N 224 
MET C   OXT  sing N N 225 
MET CB  CG   sing N N 226 
MET CB  HB2  sing N N 227 
MET CB  HB3  sing N N 228 
MET CG  SD   sing N N 229 
MET CG  HG2  sing N N 230 
MET CG  HG3  sing N N 231 
MET SD  CE   sing N N 232 
MET CE  HE1  sing N N 233 
MET CE  HE2  sing N N 234 
MET CE  HE3  sing N N 235 
MET OXT HXT  sing N N 236 
PHE N   CA   sing N N 237 
PHE N   H    sing N N 238 
PHE N   H2   sing N N 239 
PHE CA  C    sing N N 240 
PHE CA  CB   sing N N 241 
PHE CA  HA   sing N N 242 
PHE C   O    doub N N 243 
PHE C   OXT  sing N N 244 
PHE CB  CG   sing N N 245 
PHE CB  HB2  sing N N 246 
PHE CB  HB3  sing N N 247 
PHE CG  CD1  doub Y N 248 
PHE CG  CD2  sing Y N 249 
PHE CD1 CE1  sing Y N 250 
PHE CD1 HD1  sing N N 251 
PHE CD2 CE2  doub Y N 252 
PHE CD2 HD2  sing N N 253 
PHE CE1 CZ   doub Y N 254 
PHE CE1 HE1  sing N N 255 
PHE CE2 CZ   sing Y N 256 
PHE CE2 HE2  sing N N 257 
PHE CZ  HZ   sing N N 258 
PHE OXT HXT  sing N N 259 
PRO N   CA   sing N N 260 
PRO N   CD   sing N N 261 
PRO N   H    sing N N 262 
PRO CA  C    sing N N 263 
PRO CA  CB   sing N N 264 
PRO CA  HA   sing N N 265 
PRO C   O    doub N N 266 
PRO C   OXT  sing N N 267 
PRO CB  CG   sing N N 268 
PRO CB  HB2  sing N N 269 
PRO CB  HB3  sing N N 270 
PRO CG  CD   sing N N 271 
PRO CG  HG2  sing N N 272 
PRO CG  HG3  sing N N 273 
PRO CD  HD2  sing N N 274 
PRO CD  HD3  sing N N 275 
PRO OXT HXT  sing N N 276 
SER N   CA   sing N N 277 
SER N   H    sing N N 278 
SER N   H2   sing N N 279 
SER CA  C    sing N N 280 
SER CA  CB   sing N N 281 
SER CA  HA   sing N N 282 
SER C   O    doub N N 283 
SER C   OXT  sing N N 284 
SER CB  OG   sing N N 285 
SER CB  HB2  sing N N 286 
SER CB  HB3  sing N N 287 
SER OG  HG   sing N N 288 
SER OXT HXT  sing N N 289 
THR N   CA   sing N N 290 
THR N   H    sing N N 291 
THR N   H2   sing N N 292 
THR CA  C    sing N N 293 
THR CA  CB   sing N N 294 
THR CA  HA   sing N N 295 
THR C   O    doub N N 296 
THR C   OXT  sing N N 297 
THR CB  OG1  sing N N 298 
THR CB  CG2  sing N N 299 
THR CB  HB   sing N N 300 
THR OG1 HG1  sing N N 301 
THR CG2 HG21 sing N N 302 
THR CG2 HG22 sing N N 303 
THR CG2 HG23 sing N N 304 
THR OXT HXT  sing N N 305 
TRP N   CA   sing N N 306 
TRP N   H    sing N N 307 
TRP N   H2   sing N N 308 
TRP CA  C    sing N N 309 
TRP CA  CB   sing N N 310 
TRP CA  HA   sing N N 311 
TRP C   O    doub N N 312 
TRP C   OXT  sing N N 313 
TRP CB  CG   sing N N 314 
TRP CB  HB2  sing N N 315 
TRP CB  HB3  sing N N 316 
TRP CG  CD1  doub Y N 317 
TRP CG  CD2  sing Y N 318 
TRP CD1 NE1  sing Y N 319 
TRP CD1 HD1  sing N N 320 
TRP CD2 CE2  doub Y N 321 
TRP CD2 CE3  sing Y N 322 
TRP NE1 CE2  sing Y N 323 
TRP NE1 HE1  sing N N 324 
TRP CE2 CZ2  sing Y N 325 
TRP CE3 CZ3  doub Y N 326 
TRP CE3 HE3  sing N N 327 
TRP CZ2 CH2  doub Y N 328 
TRP CZ2 HZ2  sing N N 329 
TRP CZ3 CH2  sing Y N 330 
TRP CZ3 HZ3  sing N N 331 
TRP CH2 HH2  sing N N 332 
TRP OXT HXT  sing N N 333 
TYR N   CA   sing N N 334 
TYR N   H    sing N N 335 
TYR N   H2   sing N N 336 
TYR CA  C    sing N N 337 
TYR CA  CB   sing N N 338 
TYR CA  HA   sing N N 339 
TYR C   O    doub N N 340 
TYR C   OXT  sing N N 341 
TYR CB  CG   sing N N 342 
TYR CB  HB2  sing N N 343 
TYR CB  HB3  sing N N 344 
TYR CG  CD1  doub Y N 345 
TYR CG  CD2  sing Y N 346 
TYR CD1 CE1  sing Y N 347 
TYR CD1 HD1  sing N N 348 
TYR CD2 CE2  doub Y N 349 
TYR CD2 HD2  sing N N 350 
TYR CE1 CZ   doub Y N 351 
TYR CE1 HE1  sing N N 352 
TYR CE2 CZ   sing Y N 353 
TYR CE2 HE2  sing N N 354 
TYR CZ  OH   sing N N 355 
TYR OH  HH   sing N N 356 
TYR OXT HXT  sing N N 357 
VAL N   CA   sing N N 358 
VAL N   H    sing N N 359 
VAL N   H2   sing N N 360 
VAL CA  C    sing N N 361 
VAL CA  CB   sing N N 362 
VAL CA  HA   sing N N 363 
VAL C   O    doub N N 364 
VAL C   OXT  sing N N 365 
VAL CB  CG1  sing N N 366 
VAL CB  CG2  sing N N 367 
VAL CB  HB   sing N N 368 
VAL CG1 HG11 sing N N 369 
VAL CG1 HG12 sing N N 370 
VAL CG1 HG13 sing N N 371 
VAL CG2 HG21 sing N N 372 
VAL CG2 HG22 sing N N 373 
VAL CG2 HG23 sing N N 374 
VAL OXT HXT  sing N N 375 
# 
_pdbx_entity_nonpoly.entity_id   2 
_pdbx_entity_nonpoly.name        water 
_pdbx_entity_nonpoly.comp_id     HOH 
# 
_pdbx_initial_refinement_model.id               1 
_pdbx_initial_refinement_model.entity_id_list   ? 
_pdbx_initial_refinement_model.type             'experimental model' 
_pdbx_initial_refinement_model.source_name      PDB 
_pdbx_initial_refinement_model.accession_code   1CRB 
_pdbx_initial_refinement_model.details          ? 
# 
